data_6LK9
# 
_entry.id   6LK9 
# 
_audit_conform.dict_name       mmcif_pdbx.dic 
_audit_conform.dict_version    5.380 
_audit_conform.dict_location   http://mmcif.pdb.org/dictionaries/ascii/mmcif_pdbx.dic 
# 
loop_
_database_2.database_id 
_database_2.database_code 
_database_2.pdbx_database_accession 
_database_2.pdbx_DOI 
PDB   6LK9         pdb_00006lk9 10.2210/pdb6lk9/pdb 
WWPDB D_1300014893 ?            ?                   
# 
_pdbx_database_status.status_code                     REL 
_pdbx_database_status.status_code_sf                  REL 
_pdbx_database_status.status_code_mr                  ? 
_pdbx_database_status.entry_id                        6LK9 
_pdbx_database_status.recvd_initial_deposition_date   2019-12-18 
_pdbx_database_status.SG_entry                        N 
_pdbx_database_status.deposit_site                    PDBJ 
_pdbx_database_status.process_site                    PDBJ 
_pdbx_database_status.status_code_cs                  ? 
_pdbx_database_status.status_code_nmr_data            ? 
_pdbx_database_status.methods_development_category    ? 
_pdbx_database_status.pdb_format_compatible           Y 
# 
loop_
_audit_author.name 
_audit_author.pdbx_ordinal 
_audit_author.identifier_ORCID 
'Wang, Z.' 1 ? 
'Zang, J.' 2 ? 
'Li, H.'   3 ? 
'Tan, X.'  4 ? 
'Du, M.'   5 ? 
# 
_citation.abstract                  ? 
_citation.abstract_id_CAS           ? 
_citation.book_id_ISBN              ? 
_citation.book_publisher            ? 
_citation.book_publisher_city       ? 
_citation.book_title                ? 
_citation.coordinate_linkage        ? 
_citation.country                   ? 
_citation.database_id_Medline       ? 
_citation.details                   ? 
_citation.id                        primary 
_citation.journal_abbrev            'To Be Published' 
_citation.journal_id_ASTM           ? 
_citation.journal_id_CSD            0353 
_citation.journal_id_ISSN           ? 
_citation.journal_full              ? 
_citation.journal_issue             ? 
_citation.journal_volume            ? 
_citation.language                  ? 
_citation.page_first                ? 
_citation.page_last                 ? 
_citation.title                     'Coho salmon ferritin' 
_citation.year                      ? 
_citation.database_id_CSD           ? 
_citation.pdbx_database_id_DOI      ? 
_citation.pdbx_database_id_PubMed   ? 
_citation.unpublished_flag          ? 
# 
loop_
_citation_author.citation_id 
_citation_author.name 
_citation_author.ordinal 
_citation_author.identifier_ORCID 
primary 'Wang, Z.' 1 ? 
primary 'Zang, J.' 2 ? 
primary 'Li, H.'   3 ? 
primary 'Tan, X.'  4 ? 
primary 'Du, M.'   5 ? 
# 
_cell.angle_alpha                  90.000 
_cell.angle_alpha_esd              ? 
_cell.angle_beta                   90.000 
_cell.angle_beta_esd               ? 
_cell.angle_gamma                  90.000 
_cell.angle_gamma_esd              ? 
_cell.entry_id                     6LK9 
_cell.details                      ? 
_cell.formula_units_Z              ? 
_cell.length_a                     182.092 
_cell.length_a_esd                 ? 
_cell.length_b                     182.092 
_cell.length_b_esd                 ? 
_cell.length_c                     182.092 
_cell.length_c_esd                 ? 
_cell.volume                       ? 
_cell.volume_esd                   ? 
_cell.Z_PDB                        96 
_cell.reciprocal_angle_alpha       ? 
_cell.reciprocal_angle_beta        ? 
_cell.reciprocal_angle_gamma       ? 
_cell.reciprocal_angle_alpha_esd   ? 
_cell.reciprocal_angle_beta_esd    ? 
_cell.reciprocal_angle_gamma_esd   ? 
_cell.reciprocal_length_a          ? 
_cell.reciprocal_length_b          ? 
_cell.reciprocal_length_c          ? 
_cell.reciprocal_length_a_esd      ? 
_cell.reciprocal_length_b_esd      ? 
_cell.reciprocal_length_c_esd      ? 
_cell.pdbx_unique_axis             ? 
# 
_symmetry.entry_id                         6LK9 
_symmetry.cell_setting                     ? 
_symmetry.Int_Tables_number                209 
_symmetry.space_group_name_Hall            ? 
_symmetry.space_group_name_H-M             'F 4 3 2' 
_symmetry.pdbx_full_space_group_name_H-M   ? 
# 
loop_
_entity.id 
_entity.type 
_entity.src_method 
_entity.pdbx_description 
_entity.formula_weight 
_entity.pdbx_number_of_molecules 
_entity.pdbx_ec 
_entity.pdbx_mutation 
_entity.pdbx_fragment 
_entity.details 
1 polymer     man 'Coho salmon ferritin' 20074.445 1  ? ? ? ? 
2 non-polymer syn 'FE (III) ION'         55.845    1  ? ? ? ? 
3 water       nat water                  18.015    76 ? ? ? ? 
# 
_entity_poly.entity_id                      1 
_entity_poly.type                           'polypeptide(L)' 
_entity_poly.nstd_linkage                   no 
_entity_poly.nstd_monomer                   no 
_entity_poly.pdbx_seq_one_letter_code       
;PSVRQNFHQDSEAAINRQINLELYASYVYLSMAYYFDRDDQALHNFAKFFKNQSHEEREHAEKLMKVQNQRGGRIFLQDI
KKPEKDEWVSGVEALESALQLEKSVNQSLLDLHKVCSEHNDPHMCDFIETHYLDEQVKSIKELGDWVTNLRRMGAPQNGM
AEYLFDKHTLG
;
_entity_poly.pdbx_seq_one_letter_code_can   
;PSVRQNFHQDSEAAINRQINLELYASYVYLSMAYYFDRDDQALHNFAKFFKNQSHEEREHAEKLMKVQNQRGGRIFLQDI
KKPEKDEWVSGVEALESALQLEKSVNQSLLDLHKVCSEHNDPHMCDFIETHYLDEQVKSIKELGDWVTNLRRMGAPQNGM
AEYLFDKHTLG
;
_entity_poly.pdbx_strand_id                 A 
_entity_poly.pdbx_target_identifier         ? 
# 
loop_
_entity_poly_seq.entity_id 
_entity_poly_seq.num 
_entity_poly_seq.mon_id 
_entity_poly_seq.hetero 
1 1   PRO n 
1 2   SER n 
1 3   VAL n 
1 4   ARG n 
1 5   GLN n 
1 6   ASN n 
1 7   PHE n 
1 8   HIS n 
1 9   GLN n 
1 10  ASP n 
1 11  SER n 
1 12  GLU n 
1 13  ALA n 
1 14  ALA n 
1 15  ILE n 
1 16  ASN n 
1 17  ARG n 
1 18  GLN n 
1 19  ILE n 
1 20  ASN n 
1 21  LEU n 
1 22  GLU n 
1 23  LEU n 
1 24  TYR n 
1 25  ALA n 
1 26  SER n 
1 27  TYR n 
1 28  VAL n 
1 29  TYR n 
1 30  LEU n 
1 31  SER n 
1 32  MET n 
1 33  ALA n 
1 34  TYR n 
1 35  TYR n 
1 36  PHE n 
1 37  ASP n 
1 38  ARG n 
1 39  ASP n 
1 40  ASP n 
1 41  GLN n 
1 42  ALA n 
1 43  LEU n 
1 44  HIS n 
1 45  ASN n 
1 46  PHE n 
1 47  ALA n 
1 48  LYS n 
1 49  PHE n 
1 50  PHE n 
1 51  LYS n 
1 52  ASN n 
1 53  GLN n 
1 54  SER n 
1 55  HIS n 
1 56  GLU n 
1 57  GLU n 
1 58  ARG n 
1 59  GLU n 
1 60  HIS n 
1 61  ALA n 
1 62  GLU n 
1 63  LYS n 
1 64  LEU n 
1 65  MET n 
1 66  LYS n 
1 67  VAL n 
1 68  GLN n 
1 69  ASN n 
1 70  GLN n 
1 71  ARG n 
1 72  GLY n 
1 73  GLY n 
1 74  ARG n 
1 75  ILE n 
1 76  PHE n 
1 77  LEU n 
1 78  GLN n 
1 79  ASP n 
1 80  ILE n 
1 81  LYS n 
1 82  LYS n 
1 83  PRO n 
1 84  GLU n 
1 85  LYS n 
1 86  ASP n 
1 87  GLU n 
1 88  TRP n 
1 89  VAL n 
1 90  SER n 
1 91  GLY n 
1 92  VAL n 
1 93  GLU n 
1 94  ALA n 
1 95  LEU n 
1 96  GLU n 
1 97  SER n 
1 98  ALA n 
1 99  LEU n 
1 100 GLN n 
1 101 LEU n 
1 102 GLU n 
1 103 LYS n 
1 104 SER n 
1 105 VAL n 
1 106 ASN n 
1 107 GLN n 
1 108 SER n 
1 109 LEU n 
1 110 LEU n 
1 111 ASP n 
1 112 LEU n 
1 113 HIS n 
1 114 LYS n 
1 115 VAL n 
1 116 CYS n 
1 117 SER n 
1 118 GLU n 
1 119 HIS n 
1 120 ASN n 
1 121 ASP n 
1 122 PRO n 
1 123 HIS n 
1 124 MET n 
1 125 CYS n 
1 126 ASP n 
1 127 PHE n 
1 128 ILE n 
1 129 GLU n 
1 130 THR n 
1 131 HIS n 
1 132 TYR n 
1 133 LEU n 
1 134 ASP n 
1 135 GLU n 
1 136 GLN n 
1 137 VAL n 
1 138 LYS n 
1 139 SER n 
1 140 ILE n 
1 141 LYS n 
1 142 GLU n 
1 143 LEU n 
1 144 GLY n 
1 145 ASP n 
1 146 TRP n 
1 147 VAL n 
1 148 THR n 
1 149 ASN n 
1 150 LEU n 
1 151 ARG n 
1 152 ARG n 
1 153 MET n 
1 154 GLY n 
1 155 ALA n 
1 156 PRO n 
1 157 GLN n 
1 158 ASN n 
1 159 GLY n 
1 160 MET n 
1 161 ALA n 
1 162 GLU n 
1 163 TYR n 
1 164 LEU n 
1 165 PHE n 
1 166 ASP n 
1 167 LYS n 
1 168 HIS n 
1 169 THR n 
1 170 LEU n 
1 171 GLY n 
# 
_entity_src_gen.entity_id                          1 
_entity_src_gen.pdbx_src_id                        1 
_entity_src_gen.pdbx_alt_source_flag               sample 
_entity_src_gen.pdbx_seq_type                      'Biological sequence' 
_entity_src_gen.pdbx_beg_seq_num                   1 
_entity_src_gen.pdbx_end_seq_num                   171 
_entity_src_gen.gene_src_common_name               ? 
_entity_src_gen.gene_src_genus                     ? 
_entity_src_gen.pdbx_gene_src_gene                 ? 
_entity_src_gen.gene_src_species                   ? 
_entity_src_gen.gene_src_strain                    ? 
_entity_src_gen.gene_src_tissue                    ? 
_entity_src_gen.gene_src_tissue_fraction           ? 
_entity_src_gen.gene_src_details                   ? 
_entity_src_gen.pdbx_gene_src_fragment             ? 
_entity_src_gen.pdbx_gene_src_scientific_name      'Oncorhynchus kisutch' 
_entity_src_gen.pdbx_gene_src_ncbi_taxonomy_id     8019 
_entity_src_gen.pdbx_gene_src_variant              ? 
_entity_src_gen.pdbx_gene_src_cell_line            ? 
_entity_src_gen.pdbx_gene_src_atcc                 ? 
_entity_src_gen.pdbx_gene_src_organ                ? 
_entity_src_gen.pdbx_gene_src_organelle            ? 
_entity_src_gen.pdbx_gene_src_cell                 ? 
_entity_src_gen.pdbx_gene_src_cellular_location    ? 
_entity_src_gen.host_org_common_name               ? 
_entity_src_gen.pdbx_host_org_scientific_name      'Escherichia coli' 
_entity_src_gen.pdbx_host_org_ncbi_taxonomy_id     562 
_entity_src_gen.host_org_genus                     ? 
_entity_src_gen.pdbx_host_org_gene                 ? 
_entity_src_gen.pdbx_host_org_organ                ? 
_entity_src_gen.host_org_species                   ? 
_entity_src_gen.pdbx_host_org_tissue               ? 
_entity_src_gen.pdbx_host_org_tissue_fraction      ? 
_entity_src_gen.pdbx_host_org_strain               ? 
_entity_src_gen.pdbx_host_org_variant              ? 
_entity_src_gen.pdbx_host_org_cell_line            ? 
_entity_src_gen.pdbx_host_org_atcc                 ? 
_entity_src_gen.pdbx_host_org_culture_collection   ? 
_entity_src_gen.pdbx_host_org_cell                 ? 
_entity_src_gen.pdbx_host_org_organelle            ? 
_entity_src_gen.pdbx_host_org_cellular_location    ? 
_entity_src_gen.pdbx_host_org_vector_type          ? 
_entity_src_gen.pdbx_host_org_vector               ? 
_entity_src_gen.host_org_details                   ? 
_entity_src_gen.expression_system_id               ? 
_entity_src_gen.plasmid_name                       ? 
_entity_src_gen.plasmid_details                    ? 
_entity_src_gen.pdbx_description                   ? 
# 
_struct_ref.id                         1 
_struct_ref.db_name                    PDB 
_struct_ref.db_code                    6LK9 
_struct_ref.pdbx_db_accession          6LK9 
_struct_ref.pdbx_db_isoform            ? 
_struct_ref.entity_id                  1 
_struct_ref.pdbx_seq_one_letter_code   ? 
_struct_ref.pdbx_align_begin           1 
# 
_struct_ref_seq.align_id                      1 
_struct_ref_seq.ref_id                        1 
_struct_ref_seq.pdbx_PDB_id_code              6LK9 
_struct_ref_seq.pdbx_strand_id                A 
_struct_ref_seq.seq_align_beg                 1 
_struct_ref_seq.pdbx_seq_align_beg_ins_code   ? 
_struct_ref_seq.seq_align_end                 171 
_struct_ref_seq.pdbx_seq_align_end_ins_code   ? 
_struct_ref_seq.pdbx_db_accession             6LK9 
_struct_ref_seq.db_align_beg                  2 
_struct_ref_seq.pdbx_db_align_beg_ins_code    ? 
_struct_ref_seq.db_align_end                  172 
_struct_ref_seq.pdbx_db_align_end_ins_code    ? 
_struct_ref_seq.pdbx_auth_seq_align_beg       2 
_struct_ref_seq.pdbx_auth_seq_align_end       172 
# 
loop_
_chem_comp.id 
_chem_comp.type 
_chem_comp.mon_nstd_flag 
_chem_comp.name 
_chem_comp.pdbx_synonyms 
_chem_comp.formula 
_chem_comp.formula_weight 
ALA 'L-peptide linking' y ALANINE         ? 'C3 H7 N O2'     89.093  
ARG 'L-peptide linking' y ARGININE        ? 'C6 H15 N4 O2 1' 175.209 
ASN 'L-peptide linking' y ASPARAGINE      ? 'C4 H8 N2 O3'    132.118 
ASP 'L-peptide linking' y 'ASPARTIC ACID' ? 'C4 H7 N O4'     133.103 
CYS 'L-peptide linking' y CYSTEINE        ? 'C3 H7 N O2 S'   121.158 
FE  non-polymer         . 'FE (III) ION'  ? 'Fe 3'           55.845  
GLN 'L-peptide linking' y GLUTAMINE       ? 'C5 H10 N2 O3'   146.144 
GLU 'L-peptide linking' y 'GLUTAMIC ACID' ? 'C5 H9 N O4'     147.129 
GLY 'peptide linking'   y GLYCINE         ? 'C2 H5 N O2'     75.067  
HIS 'L-peptide linking' y HISTIDINE       ? 'C6 H10 N3 O2 1' 156.162 
HOH non-polymer         . WATER           ? 'H2 O'           18.015  
ILE 'L-peptide linking' y ISOLEUCINE      ? 'C6 H13 N O2'    131.173 
LEU 'L-peptide linking' y LEUCINE         ? 'C6 H13 N O2'    131.173 
LYS 'L-peptide linking' y LYSINE          ? 'C6 H15 N2 O2 1' 147.195 
MET 'L-peptide linking' y METHIONINE      ? 'C5 H11 N O2 S'  149.211 
PHE 'L-peptide linking' y PHENYLALANINE   ? 'C9 H11 N O2'    165.189 
PRO 'L-peptide linking' y PROLINE         ? 'C5 H9 N O2'     115.130 
SER 'L-peptide linking' y SERINE          ? 'C3 H7 N O3'     105.093 
THR 'L-peptide linking' y THREONINE       ? 'C4 H9 N O3'     119.119 
TRP 'L-peptide linking' y TRYPTOPHAN      ? 'C11 H12 N2 O2'  204.225 
TYR 'L-peptide linking' y TYROSINE        ? 'C9 H11 N O3'    181.189 
VAL 'L-peptide linking' y VALINE          ? 'C5 H11 N O2'    117.146 
# 
_exptl.absorpt_coefficient_mu     ? 
_exptl.absorpt_correction_T_max   ? 
_exptl.absorpt_correction_T_min   ? 
_exptl.absorpt_correction_type    ? 
_exptl.absorpt_process_details    ? 
_exptl.entry_id                   6LK9 
_exptl.crystals_number            1 
_exptl.details                    ? 
_exptl.method                     'X-RAY DIFFRACTION' 
_exptl.method_details             ? 
# 
_exptl_crystal.colour                      ? 
_exptl_crystal.density_diffrn              ? 
_exptl_crystal.density_Matthews            3.13 
_exptl_crystal.density_method              ? 
_exptl_crystal.density_percent_sol         60.74 
_exptl_crystal.description                 ? 
_exptl_crystal.F_000                       ? 
_exptl_crystal.id                          1 
_exptl_crystal.preparation                 ? 
_exptl_crystal.size_max                    ? 
_exptl_crystal.size_mid                    ? 
_exptl_crystal.size_min                    ? 
_exptl_crystal.size_rad                    ? 
_exptl_crystal.colour_lustre               ? 
_exptl_crystal.colour_modifier             ? 
_exptl_crystal.colour_primary              ? 
_exptl_crystal.density_meas                ? 
_exptl_crystal.density_meas_esd            ? 
_exptl_crystal.density_meas_gt             ? 
_exptl_crystal.density_meas_lt             ? 
_exptl_crystal.density_meas_temp           ? 
_exptl_crystal.density_meas_temp_esd       ? 
_exptl_crystal.density_meas_temp_gt        ? 
_exptl_crystal.density_meas_temp_lt        ? 
_exptl_crystal.pdbx_crystal_image_url      ? 
_exptl_crystal.pdbx_crystal_image_format   ? 
_exptl_crystal.pdbx_mosaicity              ? 
_exptl_crystal.pdbx_mosaicity_esd          ? 
# 
_exptl_crystal_grow.apparatus       ? 
_exptl_crystal_grow.atmosphere      ? 
_exptl_crystal_grow.crystal_id      1 
_exptl_crystal_grow.details         ? 
_exptl_crystal_grow.method          'VAPOR DIFFUSION' 
_exptl_crystal_grow.method_ref      ? 
_exptl_crystal_grow.pH              ? 
_exptl_crystal_grow.pressure        ? 
_exptl_crystal_grow.pressure_esd    ? 
_exptl_crystal_grow.seeding         ? 
_exptl_crystal_grow.seeding_ref     ? 
_exptl_crystal_grow.temp            293 
_exptl_crystal_grow.temp_details    ? 
_exptl_crystal_grow.temp_esd        ? 
_exptl_crystal_grow.time            ? 
_exptl_crystal_grow.pdbx_details    'PEG 2000 MME,Tris base' 
_exptl_crystal_grow.pdbx_pH_range   ? 
# 
_diffrn.ambient_environment              ? 
_diffrn.ambient_temp                     93 
_diffrn.ambient_temp_details             ? 
_diffrn.ambient_temp_esd                 ? 
_diffrn.crystal_id                       1 
_diffrn.crystal_support                  ? 
_diffrn.crystal_treatment                ? 
_diffrn.details                          ? 
_diffrn.id                               1 
_diffrn.ambient_pressure                 ? 
_diffrn.ambient_pressure_esd             ? 
_diffrn.ambient_pressure_gt              ? 
_diffrn.ambient_pressure_lt              ? 
_diffrn.ambient_temp_gt                  ? 
_diffrn.ambient_temp_lt                  ? 
_diffrn.pdbx_serial_crystal_experiment   N 
# 
_diffrn_detector.details                      ? 
_diffrn_detector.detector                     PIXEL 
_diffrn_detector.diffrn_id                    1 
_diffrn_detector.type                         'DECTRIS EIGER X 16M' 
_diffrn_detector.area_resol_mean              ? 
_diffrn_detector.dtime                        ? 
_diffrn_detector.pdbx_frames_total            ? 
_diffrn_detector.pdbx_collection_time_total   ? 
_diffrn_detector.pdbx_collection_date         2019-01-13 
_diffrn_detector.pdbx_frequency               ? 
# 
_diffrn_radiation.collimation                      ? 
_diffrn_radiation.diffrn_id                        1 
_diffrn_radiation.filter_edge                      ? 
_diffrn_radiation.inhomogeneity                    ? 
_diffrn_radiation.monochromator                    ? 
_diffrn_radiation.polarisn_norm                    ? 
_diffrn_radiation.polarisn_ratio                   ? 
_diffrn_radiation.probe                            ? 
_diffrn_radiation.type                             ? 
_diffrn_radiation.xray_symbol                      ? 
_diffrn_radiation.wavelength_id                    1 
_diffrn_radiation.pdbx_monochromatic_or_laue_m_l   M 
_diffrn_radiation.pdbx_wavelength_list             ? 
_diffrn_radiation.pdbx_wavelength                  ? 
_diffrn_radiation.pdbx_diffrn_protocol             'SINGLE WAVELENGTH' 
_diffrn_radiation.pdbx_analyzer                    ? 
_diffrn_radiation.pdbx_scattering_type             x-ray 
# 
_diffrn_radiation_wavelength.id           1 
_diffrn_radiation_wavelength.wavelength   0.9785 
_diffrn_radiation_wavelength.wt           1.0 
# 
_diffrn_source.current                     ? 
_diffrn_source.details                     ? 
_diffrn_source.diffrn_id                   1 
_diffrn_source.power                       ? 
_diffrn_source.size                        ? 
_diffrn_source.source                      SYNCHROTRON 
_diffrn_source.target                      ? 
_diffrn_source.type                        'SSRF BEAMLINE BL18U1' 
_diffrn_source.voltage                     ? 
_diffrn_source.take-off_angle              ? 
_diffrn_source.pdbx_wavelength_list        0.9785 
_diffrn_source.pdbx_wavelength             ? 
_diffrn_source.pdbx_synchrotron_beamline   BL18U1 
_diffrn_source.pdbx_synchrotron_site       SSRF 
# 
_reflns.B_iso_Wilson_estimate            ? 
_reflns.entry_id                         6LK9 
_reflns.data_reduction_details           ? 
_reflns.data_reduction_method            ? 
_reflns.d_resolution_high                2.099 
_reflns.d_resolution_low                 41.7750 
_reflns.details                          ? 
_reflns.limit_h_max                      ? 
_reflns.limit_h_min                      ? 
_reflns.limit_k_max                      ? 
_reflns.limit_k_min                      ? 
_reflns.limit_l_max                      ? 
_reflns.limit_l_min                      ? 
_reflns.number_all                       ? 
_reflns.number_obs                       15705 
_reflns.observed_criterion               ? 
_reflns.observed_criterion_F_max         ? 
_reflns.observed_criterion_F_min         ? 
_reflns.observed_criterion_I_max         ? 
_reflns.observed_criterion_I_min         ? 
_reflns.observed_criterion_sigma_F       ? 
_reflns.observed_criterion_sigma_I       ? 
_reflns.percent_possible_obs             100 
_reflns.R_free_details                   ? 
_reflns.Rmerge_F_all                     ? 
_reflns.Rmerge_F_obs                     ? 
_reflns.Friedel_coverage                 ? 
_reflns.number_gt                        ? 
_reflns.threshold_expression             ? 
_reflns.pdbx_redundancy                  1 
_reflns.pdbx_Rmerge_I_obs                ? 
_reflns.pdbx_Rmerge_I_all                ? 
_reflns.pdbx_Rsym_value                  ? 
_reflns.pdbx_netI_over_av_sigmaI         ? 
_reflns.pdbx_netI_over_sigmaI            1.35 
_reflns.pdbx_res_netI_over_av_sigmaI_2   ? 
_reflns.pdbx_res_netI_over_sigmaI_2      ? 
_reflns.pdbx_chi_squared                 ? 
_reflns.pdbx_scaling_rejects             ? 
_reflns.pdbx_d_res_high_opt              ? 
_reflns.pdbx_d_res_low_opt               ? 
_reflns.pdbx_d_res_opt_method            ? 
_reflns.phase_calculation_details        ? 
_reflns.pdbx_Rrim_I_all                  ? 
_reflns.pdbx_Rpim_I_all                  ? 
_reflns.pdbx_d_opt                       ? 
_reflns.pdbx_number_measured_all         ? 
_reflns.pdbx_diffrn_id                   1 
_reflns.pdbx_ordinal                     1 
_reflns.pdbx_CC_half                     1 
_reflns.pdbx_CC_star                     ? 
_reflns.pdbx_R_split                     ? 
# 
_reflns_shell.d_res_high                  2.099 
_reflns_shell.d_res_low                   2.174 
_reflns_shell.meanI_over_sigI_all         ? 
_reflns_shell.meanI_over_sigI_obs         ? 
_reflns_shell.number_measured_all         ? 
_reflns_shell.number_measured_obs         ? 
_reflns_shell.number_possible             ? 
_reflns_shell.number_unique_all           ? 
_reflns_shell.number_unique_obs           1535 
_reflns_shell.percent_possible_all        ? 
_reflns_shell.percent_possible_obs        ? 
_reflns_shell.Rmerge_F_all                ? 
_reflns_shell.Rmerge_F_obs                ? 
_reflns_shell.Rmerge_I_all                ? 
_reflns_shell.Rmerge_I_obs                ? 
_reflns_shell.meanI_over_sigI_gt          ? 
_reflns_shell.meanI_over_uI_all           ? 
_reflns_shell.meanI_over_uI_gt            ? 
_reflns_shell.number_measured_gt          ? 
_reflns_shell.number_unique_gt            ? 
_reflns_shell.percent_possible_gt         ? 
_reflns_shell.Rmerge_F_gt                 ? 
_reflns_shell.Rmerge_I_gt                 ? 
_reflns_shell.pdbx_redundancy             ? 
_reflns_shell.pdbx_Rsym_value             ? 
_reflns_shell.pdbx_chi_squared            ? 
_reflns_shell.pdbx_netI_over_sigmaI_all   ? 
_reflns_shell.pdbx_netI_over_sigmaI_obs   ? 
_reflns_shell.pdbx_Rrim_I_all             ? 
_reflns_shell.pdbx_Rpim_I_all             ? 
_reflns_shell.pdbx_rejects                ? 
_reflns_shell.pdbx_ordinal                1 
_reflns_shell.pdbx_diffrn_id              1 
_reflns_shell.pdbx_CC_half                1 
_reflns_shell.pdbx_CC_star                ? 
_reflns_shell.pdbx_R_split                ? 
# 
_refine.aniso_B[1][1]                            ? 
_refine.aniso_B[1][2]                            ? 
_refine.aniso_B[1][3]                            ? 
_refine.aniso_B[2][2]                            ? 
_refine.aniso_B[2][3]                            ? 
_refine.aniso_B[3][3]                            ? 
_refine.B_iso_max                                70.750 
_refine.B_iso_mean                               23.6158 
_refine.B_iso_min                                13.240 
_refine.correlation_coeff_Fo_to_Fc               ? 
_refine.correlation_coeff_Fo_to_Fc_free          ? 
_refine.details                                  ? 
_refine.diff_density_max                         ? 
_refine.diff_density_max_esd                     ? 
_refine.diff_density_min                         ? 
_refine.diff_density_min_esd                     ? 
_refine.diff_density_rms                         ? 
_refine.diff_density_rms_esd                     ? 
_refine.entry_id                                 6LK9 
_refine.pdbx_refine_id                           'X-RAY DIFFRACTION' 
_refine.ls_abs_structure_details                 ? 
_refine.ls_abs_structure_Flack                   ? 
_refine.ls_abs_structure_Flack_esd               ? 
_refine.ls_abs_structure_Rogers                  ? 
_refine.ls_abs_structure_Rogers_esd              ? 
_refine.ls_d_res_high                            2.0990 
_refine.ls_d_res_low                             41.7750 
_refine.ls_extinction_coef                       ? 
_refine.ls_extinction_coef_esd                   ? 
_refine.ls_extinction_expression                 ? 
_refine.ls_extinction_method                     ? 
_refine.ls_goodness_of_fit_all                   ? 
_refine.ls_goodness_of_fit_all_esd               ? 
_refine.ls_goodness_of_fit_obs                   ? 
_refine.ls_goodness_of_fit_obs_esd               ? 
_refine.ls_hydrogen_treatment                    ? 
_refine.ls_matrix_type                           ? 
_refine.ls_number_constraints                    ? 
_refine.ls_number_parameters                     ? 
_refine.ls_number_reflns_all                     ? 
_refine.ls_number_reflns_obs                     15705 
_refine.ls_number_reflns_R_free                  772 
_refine.ls_number_reflns_R_work                  ? 
_refine.ls_number_restraints                     ? 
_refine.ls_percent_reflns_obs                    99.9700 
_refine.ls_percent_reflns_R_free                 4.9200 
_refine.ls_R_factor_all                          ? 
_refine.ls_R_factor_obs                          0.1978 
_refine.ls_R_factor_R_free                       0.2328 
_refine.ls_R_factor_R_free_error                 ? 
_refine.ls_R_factor_R_free_error_details         ? 
_refine.ls_R_factor_R_work                       0.1959 
_refine.ls_R_Fsqd_factor_obs                     ? 
_refine.ls_R_I_factor_obs                        ? 
_refine.ls_redundancy_reflns_all                 ? 
_refine.ls_redundancy_reflns_obs                 ? 
_refine.ls_restrained_S_all                      ? 
_refine.ls_restrained_S_obs                      ? 
_refine.ls_shift_over_esd_max                    ? 
_refine.ls_shift_over_esd_mean                   ? 
_refine.ls_structure_factor_coef                 ? 
_refine.ls_weighting_details                     ? 
_refine.ls_weighting_scheme                      ? 
_refine.ls_wR_factor_all                         ? 
_refine.ls_wR_factor_obs                         ? 
_refine.ls_wR_factor_R_free                      ? 
_refine.ls_wR_factor_R_work                      ? 
_refine.occupancy_max                            ? 
_refine.occupancy_min                            ? 
_refine.solvent_model_details                    ? 
_refine.solvent_model_param_bsol                 ? 
_refine.solvent_model_param_ksol                 ? 
_refine.pdbx_R_complete                          ? 
_refine.ls_R_factor_gt                           ? 
_refine.ls_goodness_of_fit_gt                    ? 
_refine.ls_goodness_of_fit_ref                   ? 
_refine.ls_shift_over_su_max                     ? 
_refine.ls_shift_over_su_max_lt                  ? 
_refine.ls_shift_over_su_mean                    ? 
_refine.ls_shift_over_su_mean_lt                 ? 
_refine.pdbx_ls_sigma_I                          ? 
_refine.pdbx_ls_sigma_F                          1.350 
_refine.pdbx_ls_sigma_Fsqd                       ? 
_refine.pdbx_data_cutoff_high_absF               ? 
_refine.pdbx_data_cutoff_high_rms_absF           ? 
_refine.pdbx_data_cutoff_low_absF                ? 
_refine.pdbx_isotropic_thermal_model             ? 
_refine.pdbx_ls_cross_valid_method               THROUGHOUT 
_refine.pdbx_method_to_determine_struct          'MOLECULAR REPLACEMENT' 
_refine.pdbx_starting_model                      1FHA 
_refine.pdbx_stereochemistry_target_values       ? 
_refine.pdbx_R_Free_selection_details            ? 
_refine.pdbx_stereochem_target_val_spec_case     ? 
_refine.pdbx_overall_ESU_R                       ? 
_refine.pdbx_overall_ESU_R_Free                  ? 
_refine.pdbx_solvent_vdw_probe_radii             1.1100 
_refine.pdbx_solvent_ion_probe_radii             ? 
_refine.pdbx_solvent_shrinkage_radii             0.9000 
_refine.pdbx_real_space_R                        ? 
_refine.pdbx_density_correlation                 ? 
_refine.pdbx_pd_number_of_powder_patterns        ? 
_refine.pdbx_pd_number_of_points                 ? 
_refine.pdbx_pd_meas_number_of_points            ? 
_refine.pdbx_pd_proc_ls_prof_R_factor            ? 
_refine.pdbx_pd_proc_ls_prof_wR_factor           ? 
_refine.pdbx_pd_Marquardt_correlation_coeff      ? 
_refine.pdbx_pd_Fsqrd_R_factor                   ? 
_refine.pdbx_pd_ls_matrix_band_width             ? 
_refine.pdbx_overall_phase_error                 22.1800 
_refine.pdbx_overall_SU_R_free_Cruickshank_DPI   ? 
_refine.pdbx_overall_SU_R_free_Blow_DPI          ? 
_refine.pdbx_overall_SU_R_Blow_DPI               ? 
_refine.pdbx_TLS_residual_ADP_flag               ? 
_refine.pdbx_diffrn_id                           1 
_refine.overall_SU_B                             ? 
_refine.overall_SU_ML                            0.1800 
_refine.overall_SU_R_Cruickshank_DPI             ? 
_refine.overall_SU_R_free                        ? 
_refine.overall_FOM_free_R_set                   ? 
_refine.overall_FOM_work_R_set                   ? 
_refine.pdbx_average_fsc_overall                 ? 
_refine.pdbx_average_fsc_work                    ? 
_refine.pdbx_average_fsc_free                    ? 
# 
_refine_hist.pdbx_refine_id                   'X-RAY DIFFRACTION' 
_refine_hist.cycle_id                         final 
_refine_hist.details                          ? 
_refine_hist.d_res_high                       2.0990 
_refine_hist.d_res_low                        41.7750 
_refine_hist.number_atoms_solvent             76 
_refine_hist.number_atoms_total               1488 
_refine_hist.number_reflns_all                ? 
_refine_hist.number_reflns_obs                ? 
_refine_hist.number_reflns_R_free             ? 
_refine_hist.number_reflns_R_work             ? 
_refine_hist.R_factor_all                     ? 
_refine_hist.R_factor_obs                     ? 
_refine_hist.R_factor_R_free                  ? 
_refine_hist.R_factor_R_work                  ? 
_refine_hist.pdbx_number_residues_total       171 
_refine_hist.pdbx_B_iso_mean_ligand           41.37 
_refine_hist.pdbx_B_iso_mean_solvent          26.73 
_refine_hist.pdbx_number_atoms_protein        1411 
_refine_hist.pdbx_number_atoms_nucleic_acid   0 
_refine_hist.pdbx_number_atoms_ligand         1 
_refine_hist.pdbx_number_atoms_lipid          ? 
_refine_hist.pdbx_number_atoms_carb           ? 
_refine_hist.pdbx_pseudo_atom_details         ? 
# 
loop_
_refine_ls_restr.pdbx_refine_id 
_refine_ls_restr.criterion 
_refine_ls_restr.dev_ideal 
_refine_ls_restr.dev_ideal_target 
_refine_ls_restr.number 
_refine_ls_restr.rejects 
_refine_ls_restr.type 
_refine_ls_restr.weight 
_refine_ls_restr.pdbx_restraint_function 
'X-RAY DIFFRACTION' ? 0.006  ? 1443 ? f_bond_d           ? ? 
'X-RAY DIFFRACTION' ? 0.781  ? 1942 ? f_angle_d          ? ? 
'X-RAY DIFFRACTION' ? 0.046  ? 200  ? f_chiral_restr     ? ? 
'X-RAY DIFFRACTION' ? 0.004  ? 257  ? f_plane_restr      ? ? 
'X-RAY DIFFRACTION' ? 16.473 ? 873  ? f_dihedral_angle_d ? ? 
# 
loop_
_refine_ls_shell.pdbx_refine_id 
_refine_ls_shell.d_res_high 
_refine_ls_shell.d_res_low 
_refine_ls_shell.number_reflns_all 
_refine_ls_shell.number_reflns_obs 
_refine_ls_shell.number_reflns_R_free 
_refine_ls_shell.number_reflns_R_work 
_refine_ls_shell.percent_reflns_obs 
_refine_ls_shell.percent_reflns_R_free 
_refine_ls_shell.R_factor_all 
_refine_ls_shell.R_factor_obs 
_refine_ls_shell.R_factor_R_free 
_refine_ls_shell.R_factor_R_free_error 
_refine_ls_shell.R_factor_R_work 
_refine_ls_shell.redundancy_reflns_all 
_refine_ls_shell.redundancy_reflns_obs 
_refine_ls_shell.wR_factor_all 
_refine_ls_shell.wR_factor_obs 
_refine_ls_shell.wR_factor_R_free 
_refine_ls_shell.wR_factor_R_work 
_refine_ls_shell.pdbx_R_complete 
_refine_ls_shell.pdbx_total_number_of_bins_used 
_refine_ls_shell.pdbx_phase_error 
_refine_ls_shell.pdbx_fsc_work 
_refine_ls_shell.pdbx_fsc_free 
'X-RAY DIFFRACTION' 2.0990 2.2302  . . 139 2414 100.0000 . . . 0.2255 0.0000 0.1886 . . . . . . . . . . . 
'X-RAY DIFFRACTION' 2.2302 2.4024  . . 98  2450 100.0000 . . . 0.2469 0.0000 0.1996 . . . . . . . . . . . 
'X-RAY DIFFRACTION' 2.4024 2.6441  . . 103 2460 100.0000 . . . 0.2466 0.0000 0.2079 . . . . . . . . . . . 
'X-RAY DIFFRACTION' 2.6441 3.0266  . . 123 2465 100.0000 . . . 0.2432 0.0000 0.2143 . . . . . . . . . . . 
'X-RAY DIFFRACTION' 3.0266 3.8128  . . 150 2482 100.0000 . . . 0.2461 0.0000 0.2013 . . . . . . . . . . . 
'X-RAY DIFFRACTION' 3.8128 41.7750 . . 159 2662 100.0000 . . . 0.2165 0.0000 0.1822 . . . . . . . . . . . 
# 
_struct.entry_id                     6LK9 
_struct.title                        'Coho salmon ferritin' 
_struct.pdbx_model_details           ? 
_struct.pdbx_formula_weight          ? 
_struct.pdbx_formula_weight_method   ? 
_struct.pdbx_model_type_details      ? 
_struct.pdbx_CASP_flag               N 
# 
_struct_keywords.entry_id        6LK9 
_struct_keywords.text            'coho salmon, ferritin, METAL BINDING PROTEIN' 
_struct_keywords.pdbx_keywords   'METAL BINDING PROTEIN' 
# 
loop_
_struct_asym.id 
_struct_asym.pdbx_blank_PDB_chainid_flag 
_struct_asym.pdbx_modified 
_struct_asym.entity_id 
_struct_asym.details 
A N N 1 ? 
B N N 2 ? 
C N N 3 ? 
# 
loop_
_struct_conf.conf_type_id 
_struct_conf.id 
_struct_conf.pdbx_PDB_helix_id 
_struct_conf.beg_label_comp_id 
_struct_conf.beg_label_asym_id 
_struct_conf.beg_label_seq_id 
_struct_conf.pdbx_beg_PDB_ins_code 
_struct_conf.end_label_comp_id 
_struct_conf.end_label_asym_id 
_struct_conf.end_label_seq_id 
_struct_conf.pdbx_end_PDB_ins_code 
_struct_conf.beg_auth_comp_id 
_struct_conf.beg_auth_asym_id 
_struct_conf.beg_auth_seq_id 
_struct_conf.end_auth_comp_id 
_struct_conf.end_auth_asym_id 
_struct_conf.end_auth_seq_id 
_struct_conf.pdbx_PDB_helix_class 
_struct_conf.details 
_struct_conf.pdbx_PDB_helix_length 
HELX_P HELX_P1 AA1 HIS A 8   ? ASP A 37  ? HIS A 9   ASP A 38  1 ? 30 
HELX_P HELX_P2 AA2 LEU A 43  ? ARG A 71  ? LEU A 44  ARG A 72  1 ? 29 
HELX_P HELX_P3 AA3 SER A 90  ? HIS A 119 ? SER A 91  HIS A 120 1 ? 30 
HELX_P HELX_P4 AA4 ASP A 121 ? TYR A 132 ? ASP A 122 TYR A 133 1 ? 12 
HELX_P HELX_P5 AA5 TYR A 132 ? MET A 153 ? TYR A 133 MET A 154 1 ? 22 
HELX_P HELX_P6 AA6 ASN A 158 ? THR A 169 ? ASN A 159 THR A 170 1 ? 12 
# 
_struct_conf_type.id          HELX_P 
_struct_conf_type.criteria    ? 
_struct_conf_type.reference   ? 
# 
loop_
_struct_conn.id 
_struct_conn.conn_type_id 
_struct_conn.pdbx_leaving_atom_flag 
_struct_conn.pdbx_PDB_id 
_struct_conn.ptnr1_label_asym_id 
_struct_conn.ptnr1_label_comp_id 
_struct_conn.ptnr1_label_seq_id 
_struct_conn.ptnr1_label_atom_id 
_struct_conn.pdbx_ptnr1_label_alt_id 
_struct_conn.pdbx_ptnr1_PDB_ins_code 
_struct_conn.pdbx_ptnr1_standard_comp_id 
_struct_conn.ptnr1_symmetry 
_struct_conn.ptnr2_label_asym_id 
_struct_conn.ptnr2_label_comp_id 
_struct_conn.ptnr2_label_seq_id 
_struct_conn.ptnr2_label_atom_id 
_struct_conn.pdbx_ptnr2_label_alt_id 
_struct_conn.pdbx_ptnr2_PDB_ins_code 
_struct_conn.ptnr1_auth_asym_id 
_struct_conn.ptnr1_auth_comp_id 
_struct_conn.ptnr1_auth_seq_id 
_struct_conn.ptnr2_auth_asym_id 
_struct_conn.ptnr2_auth_comp_id 
_struct_conn.ptnr2_auth_seq_id 
_struct_conn.ptnr2_symmetry 
_struct_conn.pdbx_ptnr3_label_atom_id 
_struct_conn.pdbx_ptnr3_label_seq_id 
_struct_conn.pdbx_ptnr3_label_comp_id 
_struct_conn.pdbx_ptnr3_label_asym_id 
_struct_conn.pdbx_ptnr3_label_alt_id 
_struct_conn.pdbx_ptnr3_PDB_ins_code 
_struct_conn.details 
_struct_conn.pdbx_dist_value 
_struct_conn.pdbx_value_order 
_struct_conn.pdbx_role 
metalc1 metalc ? ? A GLU 22 OE1 ? ? ? 1_555 B FE . FE ? ? A GLU 23 A FE 201 1_555 ? ? ? ? ? ? ? 2.093 ? ? 
metalc2 metalc ? ? A GLU 57 OE1 ? ? ? 1_555 B FE . FE ? ? A GLU 58 A FE 201 1_555 ? ? ? ? ? ? ? 2.118 ? ? 
metalc3 metalc ? ? A HIS 60 ND1 ? ? ? 1_555 B FE . FE ? ? A HIS 61 A FE 201 1_555 ? ? ? ? ? ? ? 2.238 ? ? 
# 
_struct_conn_type.id          metalc 
_struct_conn_type.criteria    ? 
_struct_conn_type.reference   ? 
# 
_struct_mon_prot_cis.pdbx_id                1 
_struct_mon_prot_cis.label_comp_id          ALA 
_struct_mon_prot_cis.label_seq_id           155 
_struct_mon_prot_cis.label_asym_id          A 
_struct_mon_prot_cis.label_alt_id           . 
_struct_mon_prot_cis.pdbx_PDB_ins_code      ? 
_struct_mon_prot_cis.auth_comp_id           ALA 
_struct_mon_prot_cis.auth_seq_id            156 
_struct_mon_prot_cis.auth_asym_id           A 
_struct_mon_prot_cis.pdbx_label_comp_id_2   PRO 
_struct_mon_prot_cis.pdbx_label_seq_id_2    156 
_struct_mon_prot_cis.pdbx_label_asym_id_2   A 
_struct_mon_prot_cis.pdbx_PDB_ins_code_2    ? 
_struct_mon_prot_cis.pdbx_auth_comp_id_2    PRO 
_struct_mon_prot_cis.pdbx_auth_seq_id_2     157 
_struct_mon_prot_cis.pdbx_auth_asym_id_2    A 
_struct_mon_prot_cis.pdbx_PDB_model_num     1 
_struct_mon_prot_cis.pdbx_omega_angle       0.08 
# 
_struct_site.id                   AC1 
_struct_site.pdbx_evidence_code   Software 
_struct_site.pdbx_auth_asym_id    A 
_struct_site.pdbx_auth_comp_id    FE 
_struct_site.pdbx_auth_seq_id     201 
_struct_site.pdbx_auth_ins_code   ? 
_struct_site.pdbx_num_residues    3 
_struct_site.details              'binding site for residue FE A 201' 
# 
loop_
_struct_site_gen.id 
_struct_site_gen.site_id 
_struct_site_gen.pdbx_num_res 
_struct_site_gen.label_comp_id 
_struct_site_gen.label_asym_id 
_struct_site_gen.label_seq_id 
_struct_site_gen.pdbx_auth_ins_code 
_struct_site_gen.auth_comp_id 
_struct_site_gen.auth_asym_id 
_struct_site_gen.auth_seq_id 
_struct_site_gen.label_atom_id 
_struct_site_gen.label_alt_id 
_struct_site_gen.symmetry 
_struct_site_gen.details 
1 AC1 3 GLU A 22 ? GLU A 23 . ? 1_555 ? 
2 AC1 3 GLU A 57 ? GLU A 58 . ? 1_555 ? 
3 AC1 3 HIS A 60 ? HIS A 61 . ? 1_555 ? 
# 
_atom_sites.entry_id                    6LK9 
_atom_sites.Cartn_transf_matrix[1][1]   ? 
_atom_sites.Cartn_transf_matrix[1][2]   ? 
_atom_sites.Cartn_transf_matrix[1][3]   ? 
_atom_sites.Cartn_transf_matrix[2][1]   ? 
_atom_sites.Cartn_transf_matrix[2][2]   ? 
_atom_sites.Cartn_transf_matrix[2][3]   ? 
_atom_sites.Cartn_transf_matrix[3][1]   ? 
_atom_sites.Cartn_transf_matrix[3][2]   ? 
_atom_sites.Cartn_transf_matrix[3][3]   ? 
_atom_sites.Cartn_transf_vector[1]      ? 
_atom_sites.Cartn_transf_vector[2]      ? 
_atom_sites.Cartn_transf_vector[3]      ? 
_atom_sites.fract_transf_matrix[1][1]   -0.00495543 
_atom_sites.fract_transf_matrix[1][2]   -0.00088501 
_atom_sites.fract_transf_matrix[1][3]   0.00219603 
_atom_sites.fract_transf_matrix[2][1]   -0.00206648 
_atom_sites.fract_transf_matrix[2][2]   0.00410293 
_atom_sites.fract_transf_matrix[2][3]   -0.00300960 
_atom_sites.fract_transf_matrix[3][1]   -0.00115561 
_atom_sites.fract_transf_matrix[3][2]   -0.00354186 
_atom_sites.fract_transf_matrix[3][3]   -0.00403507 
_atom_sites.fract_transf_vector[1]      0.155758 
_atom_sites.fract_transf_vector[2]      0.053897 
_atom_sites.fract_transf_vector[3]      0.216910 
_atom_sites.solution_primary            ? 
_atom_sites.solution_secondary          ? 
_atom_sites.solution_hydrogens          ? 
_atom_sites.special_details             ? 
# 
loop_
_atom_type.symbol 
C  
FE 
N  
O  
S  
# 
loop_
_atom_site.group_PDB 
_atom_site.id 
_atom_site.type_symbol 
_atom_site.label_atom_id 
_atom_site.label_alt_id 
_atom_site.label_comp_id 
_atom_site.label_asym_id 
_atom_site.label_entity_id 
_atom_site.label_seq_id 
_atom_site.pdbx_PDB_ins_code 
_atom_site.Cartn_x 
_atom_site.Cartn_y 
_atom_site.Cartn_z 
_atom_site.occupancy 
_atom_site.B_iso_or_equiv 
_atom_site.pdbx_formal_charge 
_atom_site.auth_seq_id 
_atom_site.auth_comp_id 
_atom_site.auth_asym_id 
_atom_site.auth_atom_id 
_atom_site.pdbx_PDB_model_num 
ATOM   1    N  N   . PRO A 1 1   ? -21.406 13.495  17.755  1.00 45.72 ? 2   PRO A N   1 
ATOM   2    C  CA  . PRO A 1 1   ? -20.216 14.098  18.370  1.00 42.53 ? 2   PRO A CA  1 
ATOM   3    C  C   . PRO A 1 1   ? -20.224 15.619  18.241  1.00 38.83 ? 2   PRO A C   1 
ATOM   4    O  O   . PRO A 1 1   ? -20.552 16.134  17.178  1.00 37.85 ? 2   PRO A O   1 
ATOM   5    C  CB  . PRO A 1 1   ? -19.054 13.487  17.573  1.00 38.46 ? 2   PRO A CB  1 
ATOM   6    C  CG  . PRO A 1 1   ? -19.648 12.297  16.867  1.00 39.97 ? 2   PRO A CG  1 
ATOM   7    C  CD  . PRO A 1 1   ? -21.065 12.656  16.595  1.00 41.31 ? 2   PRO A CD  1 
ATOM   8    N  N   . SER A 1 2   ? -19.873 16.341  19.304  1.00 39.00 ? 3   SER A N   1 
ATOM   9    C  CA  . SER A 1 2   ? -19.937 17.793  19.209  1.00 36.67 ? 3   SER A CA  1 
ATOM   10   C  C   . SER A 1 2   ? -18.853 18.368  18.304  1.00 30.20 ? 3   SER A C   1 
ATOM   11   O  O   . SER A 1 2   ? -18.914 19.554  17.974  1.00 33.49 ? 3   SER A O   1 
ATOM   12   C  CB  . SER A 1 2   ? -19.863 18.408  20.604  1.00 40.80 ? 3   SER A CB  1 
ATOM   13   O  OG  . SER A 1 2   ? -18.959 17.687  21.418  1.00 47.53 ? 3   SER A OG  1 
ATOM   14   N  N   . VAL A 1 3   ? -17.884 17.560  17.872  1.00 28.25 ? 4   VAL A N   1 
ATOM   15   C  CA  . VAL A 1 3   ? -16.879 18.043  16.932  1.00 25.15 ? 4   VAL A CA  1 
ATOM   16   C  C   . VAL A 1 3   ? -17.309 17.865  15.477  1.00 25.38 ? 4   VAL A C   1 
ATOM   17   O  O   . VAL A 1 3   ? -16.742 18.518  14.587  1.00 25.49 ? 4   VAL A O   1 
ATOM   18   C  CB  . VAL A 1 3   ? -15.530 17.343  17.187  1.00 26.05 ? 4   VAL A CB  1 
ATOM   19   C  CG1 . VAL A 1 3   ? -15.153 17.439  18.666  1.00 24.82 ? 4   VAL A CG1 1 
ATOM   20   C  CG2 . VAL A 1 3   ? -15.580 15.893  16.759  1.00 26.91 ? 4   VAL A CG2 1 
ATOM   21   N  N   . ARG A 1 4   ? -18.303 17.026  15.210  1.00 24.24 ? 5   ARG A N   1 
ATOM   22   C  CA  . ARG A 1 4   ? -18.636 16.670  13.837  1.00 22.15 ? 5   ARG A CA  1 
ATOM   23   C  C   . ARG A 1 4   ? -19.232 17.865  13.103  1.00 24.37 ? 5   ARG A C   1 
ATOM   24   O  O   . ARG A 1 4   ? -20.165 18.510  13.590  1.00 23.39 ? 5   ARG A O   1 
ATOM   25   C  CB  . ARG A 1 4   ? -19.608 15.489  13.819  1.00 25.50 ? 5   ARG A CB  1 
ATOM   26   C  CG  . ARG A 1 4   ? -19.718 14.831  12.451  1.00 25.46 ? 5   ARG A CG  1 
ATOM   27   C  CD  . ARG A 1 4   ? -20.700 13.662  12.429  1.00 25.99 ? 5   ARG A CD  1 
ATOM   28   N  NE  . ARG A 1 4   ? -20.763 13.078  11.089  1.00 26.02 ? 5   ARG A NE  1 
ATOM   29   C  CZ  . ARG A 1 4   ? -20.642 11.784  10.828  1.00 25.81 ? 5   ARG A CZ  1 
ATOM   30   N  NH1 . ARG A 1 4   ? -20.693 11.356  9.573   1.00 26.11 ? 5   ARG A NH1 1 
ATOM   31   N  NH2 . ARG A 1 4   ? -20.480 10.919  11.817  1.00 24.46 ? 5   ARG A NH2 1 
ATOM   32   N  N   . GLN A 1 5   ? -18.690 18.166  11.928  1.00 24.38 ? 6   GLN A N   1 
ATOM   33   C  CA  . GLN A 1 5   ? -19.179 19.301  11.155  1.00 22.17 ? 6   GLN A CA  1 
ATOM   34   C  C   . GLN A 1 5   ? -18.833 19.076  9.694   1.00 23.05 ? 6   GLN A C   1 
ATOM   35   O  O   . GLN A 1 5   ? -17.670 18.809  9.365   1.00 20.53 ? 6   GLN A O   1 
ATOM   36   C  CB  . GLN A 1 5   ? -18.572 20.611  11.665  1.00 21.37 ? 6   GLN A CB  1 
ATOM   37   C  CG  . GLN A 1 5   ? -19.091 21.869  10.995  1.00 24.79 ? 6   GLN A CG  1 
ATOM   38   C  CD  . GLN A 1 5   ? -18.488 23.119  11.607  1.00 24.19 ? 6   GLN A CD  1 
ATOM   39   O  OE1 . GLN A 1 5   ? -17.359 23.099  12.093  1.00 24.79 ? 6   GLN A OE1 1 
ATOM   40   N  NE2 . GLN A 1 5   ? -19.244 24.205  11.607  1.00 21.65 ? 6   GLN A NE2 1 
ATOM   41   N  N   . ASN A 1 6   ? -19.844 19.171  8.828   1.00 21.54 ? 7   ASN A N   1 
ATOM   42   C  CA  . ASN A 1 6   ? -19.656 19.007  7.388   1.00 19.92 ? 7   ASN A CA  1 
ATOM   43   C  C   . ASN A 1 6   ? -19.025 17.654  7.048   1.00 22.50 ? 7   ASN A C   1 
ATOM   44   O  O   . ASN A 1 6   ? -18.224 17.541  6.119   1.00 23.62 ? 7   ASN A O   1 
ATOM   45   C  CB  . ASN A 1 6   ? -18.815 20.141  6.812   1.00 20.11 ? 7   ASN A CB  1 
ATOM   46   C  CG  . ASN A 1 6   ? -18.916 20.221  5.304   1.00 27.35 ? 7   ASN A CG  1 
ATOM   47   O  OD1 . ASN A 1 6   ? -19.976 19.967  4.742   1.00 24.03 ? 7   ASN A OD1 1 
ATOM   48   N  ND2 . ASN A 1 6   ? -17.805 20.532  4.640   1.00 21.61 ? 7   ASN A ND2 1 
ATOM   49   N  N   . PHE A 1 7   ? -19.400 16.614  7.789   1.00 22.27 ? 8   PHE A N   1 
ATOM   50   C  CA  . PHE A 1 7   ? -18.793 15.290  7.653   1.00 19.74 ? 8   PHE A CA  1 
ATOM   51   C  C   . PHE A 1 7   ? -19.886 14.262  7.387   1.00 21.28 ? 8   PHE A C   1 
ATOM   52   O  O   . PHE A 1 7   ? -20.610 13.866  8.306   1.00 25.01 ? 8   PHE A O   1 
ATOM   53   C  CB  . PHE A 1 7   ? -18.007 14.932  8.911   1.00 21.55 ? 8   PHE A CB  1 
ATOM   54   C  CG  . PHE A 1 7   ? -17.090 13.751  8.739   1.00 24.30 ? 8   PHE A CG  1 
ATOM   55   C  CD1 . PHE A 1 7   ? -16.161 13.726  7.709   1.00 21.81 ? 8   PHE A CD1 1 
ATOM   56   C  CD2 . PHE A 1 7   ? -17.141 12.676  9.622   1.00 21.72 ? 8   PHE A CD2 1 
ATOM   57   C  CE1 . PHE A 1 7   ? -15.301 12.646  7.550   1.00 20.07 ? 8   PHE A CE1 1 
ATOM   58   C  CE2 . PHE A 1 7   ? -16.279 11.598  9.476   1.00 20.04 ? 8   PHE A CE2 1 
ATOM   59   C  CZ  . PHE A 1 7   ? -15.360 11.586  8.437   1.00 23.57 ? 8   PHE A CZ  1 
ATOM   60   N  N   . HIS A 1 8   ? -19.979 13.808  6.140   1.00 23.63 ? 9   HIS A N   1 
ATOM   61   C  CA  . HIS A 1 8   ? -21.078 12.955  5.721   1.00 24.40 ? 9   HIS A CA  1 
ATOM   62   C  C   . HIS A 1 8   ? -20.822 11.490  6.066   1.00 26.35 ? 9   HIS A C   1 
ATOM   63   O  O   . HIS A 1 8   ? -19.679 11.018  6.096   1.00 22.97 ? 9   HIS A O   1 
ATOM   64   C  CB  . HIS A 1 8   ? -21.313 13.086  4.216   1.00 22.22 ? 9   HIS A CB  1 
ATOM   65   C  CG  . HIS A 1 8   ? -22.656 12.592  3.777   1.00 26.80 ? 9   HIS A CG  1 
ATOM   66   N  ND1 . HIS A 1 8   ? -22.952 11.251  3.663   1.00 26.80 ? 9   HIS A ND1 1 
ATOM   67   C  CD2 . HIS A 1 8   ? -23.783 13.257  3.436   1.00 29.97 ? 9   HIS A CD2 1 
ATOM   68   C  CE1 . HIS A 1 8   ? -24.204 11.110  3.269   1.00 28.59 ? 9   HIS A CE1 1 
ATOM   69   N  NE2 . HIS A 1 8   ? -24.732 12.311  3.126   1.00 27.41 ? 9   HIS A NE2 1 
ATOM   70   N  N   . GLN A 1 9   ? -21.915 10.760  6.297   1.00 22.39 ? 10  GLN A N   1 
ATOM   71   C  CA  . GLN A 1 9   ? -21.800 9.340   6.607   1.00 24.43 ? 10  GLN A CA  1 
ATOM   72   C  C   . GLN A 1 9   ? -21.198 8.546   5.457   1.00 23.44 ? 10  GLN A C   1 
ATOM   73   O  O   . GLN A 1 9   ? -20.581 7.502   5.696   1.00 26.59 ? 10  GLN A O   1 
ATOM   74   C  CB  . GLN A 1 9   ? -23.164 8.764   6.990   1.00 29.99 ? 10  GLN A CB  1 
ATOM   75   C  CG  . GLN A 1 9   ? -23.839 9.488   8.140   1.00 40.79 ? 10  GLN A CG  1 
ATOM   76   C  CD  . GLN A 1 9   ? -24.951 8.665   8.781   1.00 54.38 ? 10  GLN A CD  1 
ATOM   77   O  OE1 . GLN A 1 9   ? -25.031 8.558   10.005  1.00 56.49 ? 10  GLN A OE1 1 
ATOM   78   N  NE2 . GLN A 1 9   ? -25.806 8.071   7.953   1.00 53.23 ? 10  GLN A NE2 1 
ATOM   79   N  N   . ASP A 1 10  ? -21.356 9.007   4.209   1.00 20.49 ? 11  ASP A N   1 
ATOM   80   C  CA  . ASP A 1 10  ? -20.697 8.319   3.101   1.00 22.06 ? 11  ASP A CA  1 
ATOM   81   C  C   . ASP A 1 10  ? -19.184 8.452   3.214   1.00 22.24 ? 11  ASP A C   1 
ATOM   82   O  O   . ASP A 1 10  ? -18.448 7.485   2.996   1.00 22.21 ? 11  ASP A O   1 
ATOM   83   C  CB  . ASP A 1 10  ? -21.146 8.871   1.748   1.00 24.26 ? 11  ASP A CB  1 
ATOM   84   C  CG  . ASP A 1 10  ? -22.610 8.612   1.450   1.00 29.78 ? 11  ASP A CG  1 
ATOM   85   O  OD1 . ASP A 1 10  ? -23.237 7.758   2.116   1.00 25.21 ? 11  ASP A OD1 1 
ATOM   86   O  OD2 . ASP A 1 10  ? -23.118 9.277   0.529   1.00 27.78 ? 11  ASP A OD2 1 
ATOM   87   N  N   . SER A 1 11  ? -18.707 9.664   3.504   1.00 22.30 ? 12  SER A N   1 
ATOM   88   C  CA  . SER A 1 11  ? -17.275 9.873   3.697   1.00 21.74 ? 12  SER A CA  1 
ATOM   89   C  C   . SER A 1 11  ? -16.762 9.017   4.846   1.00 20.70 ? 12  SER A C   1 
ATOM   90   O  O   . SER A 1 11  ? -15.768 8.296   4.705   1.00 24.25 ? 12  SER A O   1 
ATOM   91   C  CB  . SER A 1 11  ? -16.998 11.357  3.949   1.00 20.25 ? 12  SER A CB  1 
ATOM   92   O  OG  . SER A 1 11  ? -17.537 12.168  2.910   1.00 19.65 ? 12  SER A OG  1 
ATOM   93   N  N   . GLU A 1 12  ? -17.449 9.078   5.988   1.00 21.86 ? 13  GLU A N   1 
ATOM   94   C  CA  . GLU A 1 12  ? -17.113 8.257   7.147   1.00 21.44 ? 13  GLU A CA  1 
ATOM   95   C  C   . GLU A 1 12  ? -17.005 6.784   6.779   1.00 21.95 ? 13  GLU A C   1 
ATOM   96   O  O   . GLU A 1 12  ? -16.038 6.106   7.146   1.00 19.51 ? 13  GLU A O   1 
ATOM   97   C  CB  . GLU A 1 12  ? -18.176 8.461   8.228   1.00 20.12 ? 13  GLU A CB  1 
ATOM   98   C  CG  . GLU A 1 12  ? -17.918 7.735   9.537   1.00 23.37 ? 13  GLU A CG  1 
ATOM   99   C  CD  . GLU A 1 12  ? -19.031 7.961   10.549  1.00 22.07 ? 13  GLU A CD  1 
ATOM   100  O  OE1 . GLU A 1 12  ? -20.021 8.633   10.201  1.00 29.49 ? 13  GLU A OE1 1 
ATOM   101  O  OE2 . GLU A 1 12  ? -18.911 7.491   11.695  1.00 25.77 ? 13  GLU A OE2 1 
ATOM   102  N  N   . ALA A 1 13  ? -18.009 6.264   6.067   1.00 20.90 ? 14  ALA A N   1 
ATOM   103  C  CA  . ALA A 1 13  ? -17.985 4.856   5.680   1.00 20.28 ? 14  ALA A CA  1 
ATOM   104  C  C   . ALA A 1 13  ? -16.826 4.560   4.735   1.00 22.20 ? 14  ALA A C   1 
ATOM   105  O  O   . ALA A 1 13  ? -16.195 3.505   4.832   1.00 23.87 ? 14  ALA A O   1 
ATOM   106  C  CB  . ALA A 1 13  ? -19.312 4.460   5.028   1.00 23.42 ? 14  ALA A CB  1 
ATOM   107  N  N   . ALA A 1 14  ? -16.543 5.471   3.802   1.00 21.50 ? 15  ALA A N   1 
ATOM   108  C  CA  . ALA A 1 14  ? -15.451 5.219   2.866   1.00 25.33 ? 15  ALA A CA  1 
ATOM   109  C  C   . ALA A 1 14  ? -14.089 5.277   3.557   1.00 22.23 ? 15  ALA A C   1 
ATOM   110  O  O   . ALA A 1 14  ? -13.162 4.555   3.166   1.00 19.73 ? 15  ALA A O   1 
ATOM   111  C  CB  . ALA A 1 14  ? -15.509 6.217   1.713   1.00 23.71 ? 15  ALA A CB  1 
ATOM   112  N  N   . ILE A 1 15  ? -13.948 6.121   4.582   1.00 21.14 ? 16  ILE A N   1 
ATOM   113  C  CA  . ILE A 1 15  ? -12.715 6.127   5.364   1.00 22.62 ? 16  ILE A CA  1 
ATOM   114  C  C   . ILE A 1 15  ? -12.515 4.782   6.048   1.00 21.12 ? 16  ILE A C   1 
ATOM   115  O  O   . ILE A 1 15  ? -11.407 4.233   6.060   1.00 22.95 ? 16  ILE A O   1 
ATOM   116  C  CB  . ILE A 1 15  ? -12.728 7.284   6.377   1.00 20.05 ? 16  ILE A CB  1 
ATOM   117  C  CG1 . ILE A 1 15  ? -12.543 8.618   5.655   1.00 20.83 ? 16  ILE A CG1 1 
ATOM   118  C  CG2 . ILE A 1 15  ? -11.639 7.080   7.423   1.00 22.56 ? 16  ILE A CG2 1 
ATOM   119  C  CD1 . ILE A 1 15  ? -12.873 9.837   6.523   1.00 20.57 ? 16  ILE A CD1 1 
ATOM   120  N  N   . ASN A 1 16  ? -13.585 4.217   6.609   1.00 18.83 ? 17  ASN A N   1 
ATOM   121  C  CA  . ASN A 1 16  ? -13.461 2.918   7.255   1.00 17.47 ? 17  ASN A CA  1 
ATOM   122  C  C   . ASN A 1 16  ? -13.035 1.851   6.254   1.00 19.92 ? 17  ASN A C   1 
ATOM   123  O  O   . ASN A 1 16  ? -12.210 0.988   6.572   1.00 18.41 ? 17  ASN A O   1 
ATOM   124  C  CB  . ASN A 1 16  ? -14.774 2.538   7.933   1.00 22.28 ? 17  ASN A CB  1 
ATOM   125  C  CG  . ASN A 1 16  ? -14.945 3.205   9.276   1.00 24.08 ? 17  ASN A CG  1 
ATOM   126  O  OD1 . ASN A 1 16  ? -13.967 3.472   9.971   1.00 25.27 ? 17  ASN A OD1 1 
ATOM   127  N  ND2 . ASN A 1 16  ? -16.191 3.478   9.655   1.00 22.42 ? 17  ASN A ND2 1 
ATOM   128  N  N   . ARG A 1 17  ? -13.557 1.914   5.025   1.00 20.57 ? 18  ARG A N   1 
ATOM   129  C  CA  . ARG A 1 17  ? -13.090 0.996   3.989   1.00 23.69 ? 18  ARG A CA  1 
ATOM   130  C  C   . ARG A 1 17  ? -11.616 1.221   3.674   1.00 20.01 ? 18  ARG A C   1 
ATOM   131  O  O   . ARG A 1 17  ? -10.850 0.263   3.530   1.00 20.99 ? 18  ARG A O   1 
ATOM   132  C  CB  . ARG A 1 17  ? -13.937 1.151   2.726   1.00 23.79 ? 18  ARG A CB  1 
ATOM   133  C  CG  . ARG A 1 17  ? -15.368 0.639   2.884   1.00 31.22 ? 18  ARG A CG  1 
ATOM   134  C  CD  . ARG A 1 17  ? -16.042 0.430   1.522   1.00 26.93 ? 18  ARG A CD  1 
ATOM   135  N  NE  . ARG A 1 17  ? -16.137 1.653   0.723   1.00 30.11 ? 18  ARG A NE  1 
ATOM   136  C  CZ  . ARG A 1 17  ? -17.100 2.561   0.853   1.00 30.98 ? 18  ARG A CZ  1 
ATOM   137  N  NH1 . ARG A 1 17  ? -18.059 2.405   1.766   1.00 26.28 ? 18  ARG A NH1 1 
ATOM   138  N  NH2 . ARG A 1 17  ? -17.109 3.631   0.069   1.00 32.29 ? 18  ARG A NH2 1 
ATOM   139  N  N   . GLN A 1 18  ? -11.195 2.479   3.565   1.00 21.74 ? 19  GLN A N   1 
ATOM   140  C  CA  . GLN A 1 18  ? -9.789  2.734   3.260   1.00 20.19 ? 19  GLN A CA  1 
ATOM   141  C  C   . GLN A 1 18  ? -8.883  2.235   4.385   1.00 20.21 ? 19  GLN A C   1 
ATOM   142  O  O   . GLN A 1 18  ? -7.817  1.667   4.126   1.00 20.86 ? 19  GLN A O   1 
ATOM   143  C  CB  . GLN A 1 18  ? -9.571  4.223   2.987   1.00 20.80 ? 19  GLN A CB  1 
ATOM   144  C  CG  . GLN A 1 18  ? -8.257  4.542   2.263   1.00 19.93 ? 19  GLN A CG  1 
ATOM   145  C  CD  . GLN A 1 18  ? -8.136  3.863   0.908   1.00 22.59 ? 19  GLN A CD  1 
ATOM   146  O  OE1 . GLN A 1 18  ? -9.109  3.763   0.158   1.00 24.71 ? 19  GLN A OE1 1 
ATOM   147  N  NE2 . GLN A 1 18  ? -6.935  3.383   0.592   1.00 21.70 ? 19  GLN A NE2 1 
ATOM   148  N  N   . ILE A 1 19  ? -9.301  2.425   5.639   1.00 19.51 ? 20  ILE A N   1 
ATOM   149  C  CA  . ILE A 1 19  ? -8.531  1.916   6.776   1.00 19.24 ? 20  ILE A CA  1 
ATOM   150  C  C   . ILE A 1 19  ? -8.267  0.424   6.620   1.00 21.42 ? 20  ILE A C   1 
ATOM   151  O  O   . ILE A 1 19  ? -7.130  -0.046  6.746   1.00 18.83 ? 20  ILE A O   1 
ATOM   152  C  CB  . ILE A 1 19  ? -9.264  2.217   8.094   1.00 19.62 ? 20  ILE A CB  1 
ATOM   153  C  CG1 . ILE A 1 19  ? -9.204  3.711   8.406   1.00 18.78 ? 20  ILE A CG1 1 
ATOM   154  C  CG2 . ILE A 1 19  ? -8.673  1.393   9.238   1.00 20.42 ? 20  ILE A CG2 1 
ATOM   155  C  CD1 . ILE A 1 19  ? -10.071 4.118   9.594   1.00 19.91 ? 20  ILE A CD1 1 
ATOM   156  N  N   . ASN A 1 20  ? -9.314  -0.349  6.337   1.00 20.58 ? 21  ASN A N   1 
ATOM   157  C  CA  . ASN A 1 20  ? -9.122  -1.788  6.188   1.00 20.81 ? 21  ASN A CA  1 
ATOM   158  C  C   . ASN A 1 20  ? -8.209  -2.115  5.006   1.00 19.25 ? 21  ASN A C   1 
ATOM   159  O  O   . ASN A 1 20  ? -7.366  -3.015  5.092   1.00 19.48 ? 21  ASN A O   1 
ATOM   160  C  CB  . ASN A 1 20  ? -10.467 -2.491  6.035   1.00 19.50 ? 21  ASN A CB  1 
ATOM   161  C  CG  . ASN A 1 20  ? -10.319 -3.984  6.027   1.00 23.41 ? 21  ASN A CG  1 
ATOM   162  O  OD1 . ASN A 1 20  ? -10.295 -4.607  4.964   1.00 27.05 ? 21  ASN A OD1 1 
ATOM   163  N  ND2 . ASN A 1 20  ? -10.174 -4.575  7.216   1.00 17.27 ? 21  ASN A ND2 1 
ATOM   164  N  N   . LEU A 1 21  ? -8.352  -1.389  3.899   1.00 18.79 ? 22  LEU A N   1 
ATOM   165  C  CA  . LEU A 1 21  ? -7.508  -1.653  2.737   1.00 21.46 ? 22  LEU A CA  1 
ATOM   166  C  C   . LEU A 1 21  ? -6.036  -1.351  3.024   1.00 17.49 ? 22  LEU A C   1 
ATOM   167  O  O   . LEU A 1 21  ? -5.150  -2.085  2.570   1.00 20.23 ? 22  LEU A O   1 
ATOM   168  C  CB  . LEU A 1 21  ? -8.004  -0.842  1.537   1.00 18.11 ? 22  LEU A CB  1 
ATOM   169  C  CG  . LEU A 1 21  ? -7.272  -1.109  0.223   1.00 19.86 ? 22  LEU A CG  1 
ATOM   170  C  CD1 . LEU A 1 21  ? -7.291  -2.595  -0.099  1.00 25.65 ? 22  LEU A CD1 1 
ATOM   171  C  CD2 . LEU A 1 21  ? -7.899  -0.320  -0.896  1.00 22.21 ? 22  LEU A CD2 1 
ATOM   172  N  N   . GLU A 1 22  ? -5.746  -0.263  3.745   1.00 18.88 ? 23  GLU A N   1 
ATOM   173  C  CA  . GLU A 1 22  ? -4.352  0.035   4.072   1.00 20.80 ? 23  GLU A CA  1 
ATOM   174  C  C   . GLU A 1 22  ? -3.771  -1.045  4.975   1.00 20.46 ? 23  GLU A C   1 
ATOM   175  O  O   . GLU A 1 22  ? -2.633  -1.483  4.780   1.00 20.05 ? 23  GLU A O   1 
ATOM   176  C  CB  . GLU A 1 22  ? -4.221  1.409   4.735   1.00 21.74 ? 23  GLU A CB  1 
ATOM   177  C  CG  . GLU A 1 22  ? -4.758  2.597   3.928   1.00 20.75 ? 23  GLU A CG  1 
ATOM   178  C  CD  . GLU A 1 22  ? -3.935  2.920   2.691   1.00 23.23 ? 23  GLU A CD  1 
ATOM   179  O  OE1 . GLU A 1 22  ? -2.783  2.456   2.593   1.00 27.12 ? 23  GLU A OE1 1 
ATOM   180  O  OE2 . GLU A 1 22  ? -4.444  3.644   1.809   1.00 24.33 ? 23  GLU A OE2 1 
ATOM   181  N  N   . LEU A 1 23  ? -4.552  -1.503  5.957   1.00 20.24 ? 24  LEU A N   1 
ATOM   182  C  CA  . LEU A 1 23  ? -4.112  -2.614  6.794   1.00 19.54 ? 24  LEU A CA  1 
ATOM   183  C  C   . LEU A 1 23  ? -3.913  -3.873  5.966   1.00 21.80 ? 24  LEU A C   1 
ATOM   184  O  O   . LEU A 1 23  ? -2.964  -4.636  6.193   1.00 20.67 ? 24  LEU A O   1 
ATOM   185  C  CB  . LEU A 1 23  ? -5.133  -2.867  7.899   1.00 16.59 ? 24  LEU A CB  1 
ATOM   186  C  CG  . LEU A 1 23  ? -5.275  -1.747  8.924   1.00 18.67 ? 24  LEU A CG  1 
ATOM   187  C  CD1 . LEU A 1 23  ? -6.488  -2.018  9.791   1.00 18.64 ? 24  LEU A CD1 1 
ATOM   188  C  CD2 . LEU A 1 23  ? -4.001  -1.608  9.783   1.00 18.48 ? 24  LEU A CD2 1 
ATOM   189  N  N   . TYR A 1 24  ? -4.808  -4.114  5.006   1.00 20.43 ? 25  TYR A N   1 
ATOM   190  C  CA  . TYR A 1 24  ? -4.640  -5.248  4.106   1.00 19.26 ? 25  TYR A CA  1 
ATOM   191  C  C   . TYR A 1 24  ? -3.318  -5.152  3.357   1.00 18.11 ? 25  TYR A C   1 
ATOM   192  O  O   . TYR A 1 24  ? -2.575  -6.128  3.262   1.00 18.94 ? 25  TYR A O   1 
ATOM   193  C  CB  . TYR A 1 24  ? -5.808  -5.311  3.120   1.00 20.86 ? 25  TYR A CB  1 
ATOM   194  C  CG  . TYR A 1 24  ? -5.656  -6.398  2.076   1.00 23.34 ? 25  TYR A CG  1 
ATOM   195  C  CD1 . TYR A 1 24  ? -5.902  -7.737  2.389   1.00 27.79 ? 25  TYR A CD1 1 
ATOM   196  C  CD2 . TYR A 1 24  ? -5.252  -6.093  0.784   1.00 19.51 ? 25  TYR A CD2 1 
ATOM   197  C  CE1 . TYR A 1 24  ? -5.758  -8.747  1.426   1.00 20.55 ? 25  TYR A CE1 1 
ATOM   198  C  CE2 . TYR A 1 24  ? -5.100  -7.092  -0.178  1.00 22.34 ? 25  TYR A CE2 1 
ATOM   199  C  CZ  . TYR A 1 24  ? -5.354  -8.411  0.152   1.00 22.21 ? 25  TYR A CZ  1 
ATOM   200  O  OH  . TYR A 1 24  ? -5.212  -9.390  -0.804  1.00 25.30 ? 25  TYR A OH  1 
ATOM   201  N  N   . ALA A 1 25  ? -3.030  -3.982  2.785   1.00 19.28 ? 26  ALA A N   1 
ATOM   202  C  CA  . ALA A 1 25  ? -1.765  -3.789  2.089   1.00 18.30 ? 26  ALA A CA  1 
ATOM   203  C  C   . ALA A 1 25  ? -0.586  -4.043  3.015   1.00 18.83 ? 26  ALA A C   1 
ATOM   204  O  O   . ALA A 1 25  ? 0.380   -4.704  2.627   1.00 18.43 ? 26  ALA A O   1 
ATOM   205  C  CB  . ALA A 1 25  ? -1.692  -2.380  1.504   1.00 19.15 ? 26  ALA A CB  1 
ATOM   206  N  N   . SER A 1 26  ? -0.647  -3.521  4.243   1.00 17.40 ? 27  SER A N   1 
ATOM   207  C  CA  . SER A 1 26  ? 0.405   -3.814  5.213   1.00 21.17 ? 27  SER A CA  1 
ATOM   208  C  C   . SER A 1 26  ? 0.612   -5.318  5.362   1.00 22.29 ? 27  SER A C   1 
ATOM   209  O  O   . SER A 1 26  ? 1.752   -5.793  5.424   1.00 21.14 ? 27  SER A O   1 
ATOM   210  C  CB  . SER A 1 26  ? 0.064   -3.189  6.568   1.00 19.45 ? 27  SER A CB  1 
ATOM   211  O  OG  . SER A 1 26  ? 1.037   -3.558  7.531   1.00 23.31 ? 27  SER A OG  1 
ATOM   212  N  N   . TYR A 1 27  ? -0.484  -6.085  5.387   1.00 18.53 ? 28  TYR A N   1 
ATOM   213  C  CA  . TYR A 1 27  ? -0.394  -7.530  5.595   1.00 19.98 ? 28  TYR A CA  1 
ATOM   214  C  C   . TYR A 1 27  ? 0.204   -8.230  4.383   1.00 20.06 ? 28  TYR A C   1 
ATOM   215  O  O   . TYR A 1 27  ? 1.032   -9.135  4.529   1.00 17.77 ? 28  TYR A O   1 
ATOM   216  C  CB  . TYR A 1 27  ? -1.783  -8.093  5.900   1.00 21.03 ? 28  TYR A CB  1 
ATOM   217  C  CG  . TYR A 1 27  ? -1.813  -9.385  6.697   1.00 19.54 ? 28  TYR A CG  1 
ATOM   218  C  CD1 . TYR A 1 27  ? -0.693  -9.843  7.370   1.00 19.26 ? 28  TYR A CD1 1 
ATOM   219  C  CD2 . TYR A 1 27  ? -2.983  -10.138 6.782   1.00 19.15 ? 28  TYR A CD2 1 
ATOM   220  C  CE1 . TYR A 1 27  ? -0.730  -11.016 8.107   1.00 18.88 ? 28  TYR A CE1 1 
ATOM   221  C  CE2 . TYR A 1 27  ? -3.031  -11.317 7.518   1.00 18.91 ? 28  TYR A CE2 1 
ATOM   222  C  CZ  . TYR A 1 27  ? -1.908  -11.751 8.175   1.00 18.74 ? 28  TYR A CZ  1 
ATOM   223  O  OH  . TYR A 1 27  ? -1.949  -12.908 8.918   1.00 20.11 ? 28  TYR A OH  1 
ATOM   224  N  N   . VAL A 1 28  ? -0.207  -7.823  3.175   1.00 20.85 ? 29  VAL A N   1 
ATOM   225  C  CA  . VAL A 1 28  ? 0.411   -8.355  1.959   1.00 17.91 ? 29  VAL A CA  1 
ATOM   226  C  C   . VAL A 1 28  ? 1.920   -8.129  1.986   1.00 21.41 ? 29  VAL A C   1 
ATOM   227  O  O   . VAL A 1 28  ? 2.711   -9.032  1.688   1.00 19.76 ? 29  VAL A O   1 
ATOM   228  C  CB  . VAL A 1 28  ? -0.216  -7.714  0.709   1.00 21.48 ? 29  VAL A CB  1 
ATOM   229  C  CG1 . VAL A 1 28  ? 0.552   -8.136  -0.520  1.00 20.61 ? 29  VAL A CG1 1 
ATOM   230  C  CG2 . VAL A 1 28  ? -1.697  -8.092  0.580   1.00 20.00 ? 29  VAL A CG2 1 
ATOM   231  N  N   . TYR A 1 29  ? 2.339   -6.909  2.329   1.00 18.54 ? 30  TYR A N   1 
ATOM   232  C  CA  . TYR A 1 29  ? 3.770   -6.606  2.342   1.00 19.54 ? 30  TYR A CA  1 
ATOM   233  C  C   . TYR A 1 29  ? 4.508   -7.421  3.400   1.00 16.46 ? 30  TYR A C   1 
ATOM   234  O  O   . TYR A 1 29  ? 5.622   -7.888  3.161   1.00 19.60 ? 30  TYR A O   1 
ATOM   235  C  CB  . TYR A 1 29  ? 3.983   -5.120  2.571   1.00 20.05 ? 30  TYR A CB  1 
ATOM   236  C  CG  . TYR A 1 29  ? 3.873   -4.286  1.309   1.00 20.32 ? 30  TYR A CG  1 
ATOM   237  C  CD1 . TYR A 1 29  ? 4.644   -4.578  0.196   1.00 23.81 ? 30  TYR A CD1 1 
ATOM   238  C  CD2 . TYR A 1 29  ? 3.008   -3.205  1.243   1.00 20.42 ? 30  TYR A CD2 1 
ATOM   239  C  CE1 . TYR A 1 29  ? 4.560   -3.810  -0.954  1.00 22.21 ? 30  TYR A CE1 1 
ATOM   240  C  CE2 . TYR A 1 29  ? 2.911   -2.430  0.100   1.00 24.69 ? 30  TYR A CE2 1 
ATOM   241  C  CZ  . TYR A 1 29  ? 3.687   -2.740  -0.994  1.00 25.08 ? 30  TYR A CZ  1 
ATOM   242  O  OH  . TYR A 1 29  ? 3.604   -1.975  -2.133  1.00 27.71 ? 30  TYR A OH  1 
ATOM   243  N  N   . LEU A 1 30  ? 3.902   -7.607  4.574   1.00 18.90 ? 31  LEU A N   1 
ATOM   244  C  CA  . LEU A 1 30  ? 4.515   -8.462  5.589   1.00 18.77 ? 31  LEU A CA  1 
ATOM   245  C  C   . LEU A 1 30  ? 4.728   -9.872  5.056   1.00 20.08 ? 31  LEU A C   1 
ATOM   246  O  O   . LEU A 1 30  ? 5.779   -10.485 5.289   1.00 16.77 ? 31  LEU A O   1 
ATOM   247  C  CB  . LEU A 1 30  ? 3.645   -8.492  6.845   1.00 19.32 ? 31  LEU A CB  1 
ATOM   248  C  CG  . LEU A 1 30  ? 4.054   -9.398  8.006   1.00 23.01 ? 31  LEU A CG  1 
ATOM   249  C  CD1 . LEU A 1 30  ? 5.431   -9.047  8.555   1.00 22.11 ? 31  LEU A CD1 1 
ATOM   250  C  CD2 . LEU A 1 30  ? 3.006   -9.302  9.104   1.00 23.35 ? 31  LEU A CD2 1 
ATOM   251  N  N   . SER A 1 31  ? 3.738   -10.398 4.334   1.00 18.51 ? 32  SER A N   1 
ATOM   252  C  CA  . SER A 1 31  ? 3.875   -11.719 3.742   1.00 19.47 ? 32  SER A CA  1 
ATOM   253  C  C   . SER A 1 31  ? 5.038   -11.753 2.764   1.00 16.67 ? 32  SER A C   1 
ATOM   254  O  O   . SER A 1 31  ? 5.874   -12.659 2.807   1.00 19.66 ? 32  SER A O   1 
ATOM   255  C  CB  . SER A 1 31  ? 2.580   -12.115 3.036   1.00 18.30 ? 32  SER A CB  1 
ATOM   256  O  OG  . SER A 1 31  ? 2.752   -13.375 2.418   1.00 20.07 ? 32  SER A OG  1 
ATOM   257  N  N   . MET A 1 32  ? 5.110   -10.760 1.873   1.00 20.18 ? 33  MET A N   1 
ATOM   258  C  CA  . MET A 1 32  ? 6.199   -10.721 0.905   1.00 18.87 ? 33  MET A CA  1 
ATOM   259  C  C   . MET A 1 32  ? 7.550   -10.626 1.597   1.00 19.14 ? 33  MET A C   1 
ATOM   260  O  O   . MET A 1 32  ? 8.515   -11.273 1.170   1.00 18.95 ? 33  MET A O   1 
ATOM   261  C  CB  . MET A 1 32  ? 6.011   -9.548  -0.054  1.00 19.66 ? 33  MET A CB  1 
ATOM   262  C  CG  . MET A 1 32  ? 4.822   -9.689  -0.983  1.00 17.54 ? 33  MET A CG  1 
ATOM   263  S  SD  . MET A 1 32  ? 4.629   -8.240  -2.042  1.00 21.99 ? 33  MET A SD  1 
ATOM   264  C  CE  . MET A 1 32  ? 3.334   -8.801  -3.159  1.00 22.42 ? 33  MET A CE  1 
ATOM   265  N  N   . ALA A 1 33  ? 7.634   -9.835  2.672   1.00 16.98 ? 34  ALA A N   1 
ATOM   266  C  CA  . ALA A 1 33  ? 8.903   -9.667  3.382   1.00 18.97 ? 34  ALA A CA  1 
ATOM   267  C  C   . ALA A 1 33  ? 9.449   -11.000 3.870   1.00 21.94 ? 34  ALA A C   1 
ATOM   268  O  O   . ALA A 1 33  ? 10.611  -11.344 3.610   1.00 19.91 ? 34  ALA A O   1 
ATOM   269  C  CB  . ALA A 1 33  ? 8.723   -8.708  4.562   1.00 17.63 ? 34  ALA A CB  1 
ATOM   270  N  N   . TYR A 1 34  ? 8.634   -11.767 4.600   1.00 19.57 ? 35  TYR A N   1 
ATOM   271  C  CA  . TYR A 1 34  ? 9.171   -13.014 5.125   1.00 18.67 ? 35  TYR A CA  1 
ATOM   272  C  C   . TYR A 1 34  ? 9.209   -14.125 4.084   1.00 19.49 ? 35  TYR A C   1 
ATOM   273  O  O   . TYR A 1 34  ? 9.896   -15.124 4.304   1.00 20.58 ? 35  TYR A O   1 
ATOM   274  C  CB  . TYR A 1 34  ? 8.404   -13.432 6.386   1.00 18.38 ? 35  TYR A CB  1 
ATOM   275  C  CG  . TYR A 1 34  ? 8.808   -12.525 7.523   1.00 21.07 ? 35  TYR A CG  1 
ATOM   276  C  CD1 . TYR A 1 34  ? 8.186   -11.296 7.705   1.00 20.07 ? 35  TYR A CD1 1 
ATOM   277  C  CD2 . TYR A 1 34  ? 9.884   -12.846 8.349   1.00 18.76 ? 35  TYR A CD2 1 
ATOM   278  C  CE1 . TYR A 1 34  ? 8.599   -10.421 8.708   1.00 19.85 ? 35  TYR A CE1 1 
ATOM   279  C  CE2 . TYR A 1 34  ? 10.298  -11.978 9.358   1.00 21.20 ? 35  TYR A CE2 1 
ATOM   280  C  CZ  . TYR A 1 34  ? 9.643   -10.773 9.531   1.00 22.20 ? 35  TYR A CZ  1 
ATOM   281  O  OH  . TYR A 1 34  ? 10.028  -9.898  10.526  1.00 24.77 ? 35  TYR A OH  1 
ATOM   282  N  N   . TYR A 1 35  ? 8.537   -13.965 2.943   1.00 17.99 ? 36  TYR A N   1 
ATOM   283  C  CA  . TYR A 1 35  ? 8.753   -14.902 1.846   1.00 20.03 ? 36  TYR A CA  1 
ATOM   284  C  C   . TYR A 1 35  ? 10.198  -14.844 1.357   1.00 20.91 ? 36  TYR A C   1 
ATOM   285  O  O   . TYR A 1 35  ? 10.854  -15.875 1.176   1.00 22.51 ? 36  TYR A O   1 
ATOM   286  C  CB  . TYR A 1 35  ? 7.773   -14.622 0.699   1.00 16.37 ? 36  TYR A CB  1 
ATOM   287  C  CG  . TYR A 1 35  ? 7.991   -15.537 -0.490  1.00 18.81 ? 36  TYR A CG  1 
ATOM   288  C  CD1 . TYR A 1 35  ? 7.656   -16.885 -0.430  1.00 18.33 ? 36  TYR A CD1 1 
ATOM   289  C  CD2 . TYR A 1 35  ? 8.532   -15.050 -1.671  1.00 21.26 ? 36  TYR A CD2 1 
ATOM   290  C  CE1 . TYR A 1 35  ? 7.872   -17.722 -1.516  1.00 18.71 ? 36  TYR A CE1 1 
ATOM   291  C  CE2 . TYR A 1 35  ? 8.748   -15.872 -2.762  1.00 20.57 ? 36  TYR A CE2 1 
ATOM   292  C  CZ  . TYR A 1 35  ? 8.410   -17.208 -2.678  1.00 22.40 ? 36  TYR A CZ  1 
ATOM   293  O  OH  . TYR A 1 35  ? 8.625   -18.016 -3.763  1.00 25.66 ? 36  TYR A OH  1 
ATOM   294  N  N   . PHE A 1 36  ? 10.725  -13.643 1.148   1.00 19.57 ? 37  PHE A N   1 
ATOM   295  C  CA  . PHE A 1 36  ? 12.106  -13.572 0.698   1.00 20.03 ? 37  PHE A CA  1 
ATOM   296  C  C   . PHE A 1 36  ? 13.100  -13.795 1.829   1.00 18.41 ? 37  PHE A C   1 
ATOM   297  O  O   . PHE A 1 36  ? 14.292  -13.953 1.562   1.00 16.89 ? 37  PHE A O   1 
ATOM   298  C  CB  . PHE A 1 36  ? 12.322  -12.244 -0.035  1.00 20.65 ? 37  PHE A CB  1 
ATOM   299  C  CG  . PHE A 1 36  ? 11.544  -12.173 -1.313  1.00 20.77 ? 37  PHE A CG  1 
ATOM   300  C  CD1 . PHE A 1 36  ? 11.962  -12.900 -2.419  1.00 20.14 ? 37  PHE A CD1 1 
ATOM   301  C  CD2 . PHE A 1 36  ? 10.350  -11.468 -1.386  1.00 20.38 ? 37  PHE A CD2 1 
ATOM   302  C  CE1 . PHE A 1 36  ? 11.220  -12.891 -3.597  1.00 21.83 ? 37  PHE A CE1 1 
ATOM   303  C  CE2 . PHE A 1 36  ? 9.601   -11.455 -2.555  1.00 21.31 ? 37  PHE A CE2 1 
ATOM   304  C  CZ  . PHE A 1 36  ? 10.039  -12.166 -3.662  1.00 20.75 ? 37  PHE A CZ  1 
ATOM   305  N  N   . ASP A 1 37  ? 12.628  -13.879 3.072   1.00 20.57 ? 38  ASP A N   1 
ATOM   306  C  CA  . ASP A 1 37  ? 13.447  -14.323 4.194   1.00 18.36 ? 38  ASP A CA  1 
ATOM   307  C  C   . ASP A 1 37  ? 13.618  -15.843 4.237   1.00 20.70 ? 38  ASP A C   1 
ATOM   308  O  O   . ASP A 1 37  ? 14.473  -16.334 4.985   1.00 19.37 ? 38  ASP A O   1 
ATOM   309  C  CB  . ASP A 1 37  ? 12.822  -13.810 5.502   1.00 17.99 ? 38  ASP A CB  1 
ATOM   310  C  CG  . ASP A 1 37  ? 13.633  -14.185 6.747   1.00 27.71 ? 38  ASP A CG  1 
ATOM   311  O  OD1 . ASP A 1 37  ? 14.790  -13.722 6.872   1.00 24.35 ? 38  ASP A OD1 1 
ATOM   312  O  OD2 . ASP A 1 37  ? 13.096  -14.926 7.612   1.00 24.46 ? 38  ASP A OD2 1 
ATOM   313  N  N   . ARG A 1 38  ? 12.826  -16.594 3.469   1.00 19.15 ? 39  ARG A N   1 
ATOM   314  C  CA  . ARG A 1 38  ? 12.961  -18.046 3.415   1.00 18.50 ? 39  ARG A CA  1 
ATOM   315  C  C   . ARG A 1 38  ? 14.359  -18.448 2.969   1.00 20.78 ? 39  ARG A C   1 
ATOM   316  O  O   . ARG A 1 38  ? 14.983  -17.789 2.135   1.00 20.89 ? 39  ARG A O   1 
ATOM   317  C  CB  . ARG A 1 38  ? 11.930  -18.642 2.445   1.00 19.38 ? 39  ARG A CB  1 
ATOM   318  C  CG  . ARG A 1 38  ? 10.510  -18.616 2.963   1.00 22.30 ? 39  ARG A CG  1 
ATOM   319  C  CD  . ARG A 1 38  ? 9.494   -18.996 1.878   1.00 22.72 ? 39  ARG A CD  1 
ATOM   320  N  NE  . ARG A 1 38  ? 9.800   -20.260 1.212   1.00 21.21 ? 39  ARG A NE  1 
ATOM   321  C  CZ  . ARG A 1 38  ? 8.884   -21.037 0.631   1.00 27.28 ? 39  ARG A CZ  1 
ATOM   322  N  NH1 . ARG A 1 38  ? 7.603   -20.693 0.662   1.00 24.32 ? 39  ARG A NH1 1 
ATOM   323  N  NH2 . ARG A 1 38  ? 9.244   -22.166 0.030   1.00 27.56 ? 39  ARG A NH2 1 
ATOM   324  N  N   . ASP A 1 39  ? 14.844  -19.562 3.518   1.00 20.62 ? 40  ASP A N   1 
ATOM   325  C  CA  . ASP A 1 39  ? 16.165  -20.043 3.134   1.00 20.70 ? 40  ASP A CA  1 
ATOM   326  C  C   . ASP A 1 39  ? 16.241  -20.407 1.658   1.00 22.26 ? 40  ASP A C   1 
ATOM   327  O  O   . ASP A 1 39  ? 17.335  -20.366 1.088   1.00 20.45 ? 40  ASP A O   1 
ATOM   328  C  CB  . ASP A 1 39  ? 16.571  -21.248 3.990   1.00 22.08 ? 40  ASP A CB  1 
ATOM   329  C  CG  . ASP A 1 39  ? 15.894  -22.532 3.549   1.00 28.55 ? 40  ASP A CG  1 
ATOM   330  O  OD1 . ASP A 1 39  ? 14.797  -22.823 4.059   1.00 26.52 ? 40  ASP A OD1 1 
ATOM   331  O  OD2 . ASP A 1 39  ? 16.466  -23.244 2.697   1.00 29.43 ? 40  ASP A OD2 1 
ATOM   332  N  N   . ASP A 1 40  ? 15.115  -20.745 1.018   1.00 20.97 ? 41  ASP A N   1 
ATOM   333  C  CA  . ASP A 1 40  ? 15.119  -21.059 -0.408  1.00 21.11 ? 41  ASP A CA  1 
ATOM   334  C  C   . ASP A 1 40  ? 14.787  -19.852 -1.270  1.00 23.31 ? 41  ASP A C   1 
ATOM   335  O  O   . ASP A 1 40  ? 14.561  -20.006 -2.472  1.00 20.73 ? 41  ASP A O   1 
ATOM   336  C  CB  . ASP A 1 40  ? 14.154  -22.213 -0.726  1.00 25.92 ? 41  ASP A CB  1 
ATOM   337  C  CG  . ASP A 1 40  ? 12.726  -21.952 -0.257  1.00 29.42 ? 41  ASP A CG  1 
ATOM   338  O  OD1 . ASP A 1 40  ? 12.425  -20.849 0.248   1.00 23.70 ? 41  ASP A OD1 1 
ATOM   339  O  OD2 . ASP A 1 40  ? 11.886  -22.859 -0.417  1.00 30.61 ? 41  ASP A OD2 1 
ATOM   340  N  N   . GLN A 1 41  ? 14.754  -18.655 -0.683  1.00 21.12 ? 42  GLN A N   1 
ATOM   341  C  CA  . GLN A 1 41  ? 14.657  -17.418 -1.447  1.00 22.75 ? 42  GLN A CA  1 
ATOM   342  C  C   . GLN A 1 41  ? 15.831  -16.501 -1.129  1.00 23.18 ? 42  GLN A C   1 
ATOM   343  O  O   . GLN A 1 41  ? 16.632  -16.210 -2.018  1.00 23.18 ? 42  GLN A O   1 
ATOM   344  C  CB  . GLN A 1 41  ? 13.329  -16.704 -1.167  1.00 20.00 ? 42  GLN A CB  1 
ATOM   345  C  CG  . GLN A 1 41  ? 12.130  -17.331 -1.861  1.00 25.78 ? 42  GLN A CG  1 
ATOM   346  C  CD  . GLN A 1 41  ? 12.099  -17.028 -3.347  1.00 29.86 ? 42  GLN A CD  1 
ATOM   347  O  OE1 . GLN A 1 41  ? 11.346  -17.638 -4.095  1.00 36.19 ? 42  GLN A OE1 1 
ATOM   348  N  NE2 . GLN A 1 41  ? 12.918  -16.075 -3.781  1.00 33.15 ? 42  GLN A NE2 1 
ATOM   349  N  N   . ALA A 1 42  ? 15.942  -16.043 0.119   1.00 22.89 ? 43  ALA A N   1 
ATOM   350  C  CA  . ALA A 1 42  ? 17.158  -15.403 0.627   1.00 25.13 ? 43  ALA A CA  1 
ATOM   351  C  C   . ALA A 1 42  ? 17.586  -14.222 -0.243  1.00 19.59 ? 43  ALA A C   1 
ATOM   352  O  O   . ALA A 1 42  ? 18.737  -14.119 -0.674  1.00 19.94 ? 43  ALA A O   1 
ATOM   353  C  CB  . ALA A 1 42  ? 18.291  -16.423 0.765   1.00 19.15 ? 43  ALA A CB  1 
ATOM   354  N  N   . LEU A 1 43  ? 16.632  -13.335 -0.513  1.00 16.90 ? 44  LEU A N   1 
ATOM   355  C  CA  . LEU A 1 43  ? 16.904  -12.005 -1.059  1.00 18.21 ? 44  LEU A CA  1 
ATOM   356  C  C   . LEU A 1 43  ? 16.561  -11.004 0.043   1.00 18.52 ? 44  LEU A C   1 
ATOM   357  O  O   . LEU A 1 43  ? 15.468  -10.446 0.089   1.00 20.24 ? 44  LEU A O   1 
ATOM   358  C  CB  . LEU A 1 43  ? 16.095  -11.761 -2.339  1.00 18.80 ? 44  LEU A CB  1 
ATOM   359  C  CG  . LEU A 1 43  ? 16.443  -12.726 -3.474  1.00 17.55 ? 44  LEU A CG  1 
ATOM   360  C  CD1 . LEU A 1 43  ? 15.313  -12.821 -4.483  1.00 22.31 ? 44  LEU A CD1 1 
ATOM   361  C  CD2 . LEU A 1 43  ? 17.731  -12.288 -4.157  1.00 20.22 ? 44  LEU A CD2 1 
ATOM   362  N  N   . HIS A 1 44  ? 17.517  -10.776 0.942   1.00 18.20 ? 45  HIS A N   1 
ATOM   363  C  CA  . HIS A 1 44  ? 17.198  -10.071 2.177   1.00 18.65 ? 45  HIS A CA  1 
ATOM   364  C  C   . HIS A 1 44  ? 16.964  -8.577  1.992   1.00 18.58 ? 45  HIS A C   1 
ATOM   365  O  O   . HIS A 1 44  ? 16.322  -7.960  2.849   1.00 18.28 ? 45  HIS A O   1 
ATOM   366  C  CB  . HIS A 1 44  ? 18.295  -10.337 3.202   1.00 21.50 ? 45  HIS A CB  1 
ATOM   367  C  CG  . HIS A 1 44  ? 18.253  -11.734 3.731   1.00 23.67 ? 45  HIS A CG  1 
ATOM   368  N  ND1 . HIS A 1 44  ? 19.167  -12.701 3.368   1.00 27.91 ? 45  HIS A ND1 1 
ATOM   369  C  CD2 . HIS A 1 44  ? 17.354  -12.347 4.537   1.00 23.68 ? 45  HIS A CD2 1 
ATOM   370  C  CE1 . HIS A 1 44  ? 18.854  -13.840 3.960   1.00 24.41 ? 45  HIS A CE1 1 
ATOM   371  N  NE2 . HIS A 1 44  ? 17.761  -13.650 4.679   1.00 23.61 ? 45  HIS A NE2 1 
ATOM   372  N  N   . ASN A 1 45  ? 17.446  -7.978  0.907   1.00 18.44 ? 46  ASN A N   1 
ATOM   373  C  CA  . ASN A 1 45  ? 17.106  -6.580  0.672   1.00 19.03 ? 46  ASN A CA  1 
ATOM   374  C  C   . ASN A 1 45  ? 15.711  -6.433  0.073   1.00 17.29 ? 46  ASN A C   1 
ATOM   375  O  O   . ASN A 1 45  ? 15.027  -5.453  0.370   1.00 15.48 ? 46  ASN A O   1 
ATOM   376  C  CB  . ASN A 1 45  ? 18.169  -5.920  -0.202  1.00 17.46 ? 46  ASN A CB  1 
ATOM   377  C  CG  . ASN A 1 45  ? 19.452  -5.634  0.577   1.00 21.67 ? 46  ASN A CG  1 
ATOM   378  O  OD1 . ASN A 1 45  ? 19.397  -5.400  1.774   1.00 22.07 ? 46  ASN A OD1 1 
ATOM   379  N  ND2 . ASN A 1 45  ? 20.599  -5.667  -0.094  1.00 19.52 ? 46  ASN A ND2 1 
ATOM   380  N  N   . PHE A 1 46  ? 15.266  -7.391  -0.749  1.00 17.92 ? 47  PHE A N   1 
ATOM   381  C  CA  . PHE A 1 46  ? 13.840  -7.485  -1.074  1.00 16.88 ? 47  PHE A CA  1 
ATOM   382  C  C   . PHE A 1 46  ? 13.011  -7.599  0.198   1.00 18.16 ? 47  PHE A C   1 
ATOM   383  O  O   . PHE A 1 46  ? 12.024  -6.883  0.383   1.00 19.82 ? 47  PHE A O   1 
ATOM   384  C  CB  . PHE A 1 46  ? 13.564  -8.707  -1.956  1.00 16.53 ? 47  PHE A CB  1 
ATOM   385  C  CG  . PHE A 1 46  ? 13.798  -8.493  -3.435  1.00 18.36 ? 47  PHE A CG  1 
ATOM   386  C  CD1 . PHE A 1 46  ? 15.065  -8.636  -3.978  1.00 15.74 ? 47  PHE A CD1 1 
ATOM   387  C  CD2 . PHE A 1 46  ? 12.737  -8.218  -4.283  1.00 19.14 ? 47  PHE A CD2 1 
ATOM   388  C  CE1 . PHE A 1 46  ? 15.276  -8.475  -5.328  1.00 17.99 ? 47  PHE A CE1 1 
ATOM   389  C  CE2 . PHE A 1 46  ? 12.942  -8.057  -5.646  1.00 15.61 ? 47  PHE A CE2 1 
ATOM   390  C  CZ  . PHE A 1 46  ? 14.208  -8.188  -6.170  1.00 16.03 ? 47  PHE A CZ  1 
ATOM   391  N  N   . ALA A 1 47  ? 13.399  -8.525  1.083   1.00 17.62 ? 48  ALA A N   1 
ATOM   392  C  CA  . ALA A 1 47  ? 12.692  -8.701  2.345   1.00 16.86 ? 48  ALA A CA  1 
ATOM   393  C  C   . ALA A 1 47  ? 12.646  -7.399  3.132   1.00 19.62 ? 48  ALA A C   1 
ATOM   394  O  O   . ALA A 1 47  ? 11.608  -7.033  3.690   1.00 18.45 ? 48  ALA A O   1 
ATOM   395  C  CB  . ALA A 1 47  ? 13.365  -9.804  3.166   1.00 15.30 ? 48  ALA A CB  1 
ATOM   396  N  N   . LYS A 1 48  ? 13.773  -6.686  3.192   1.00 19.02 ? 49  LYS A N   1 
ATOM   397  C  CA  . LYS A 1 48  ? 13.824  -5.457  3.982   1.00 17.93 ? 49  LYS A CA  1 
ATOM   398  C  C   . LYS A 1 48  ? 12.967  -4.358  3.359   1.00 17.32 ? 49  LYS A C   1 
ATOM   399  O  O   . LYS A 1 48  ? 12.264  -3.632  4.074   1.00 16.61 ? 49  LYS A O   1 
ATOM   400  C  CB  . LYS A 1 48  ? 15.277  -4.997  4.135   1.00 22.41 ? 49  LYS A CB  1 
ATOM   401  C  CG  . LYS A 1 48  ? 15.455  -3.529  4.495   1.00 27.77 ? 49  LYS A CG  1 
ATOM   402  C  CD  . LYS A 1 48  ? 16.901  -3.086  4.245   1.00 35.60 ? 49  LYS A CD  1 
ATOM   403  C  CE  . LYS A 1 48  ? 17.867  -3.902  5.089   1.00 45.81 ? 49  LYS A CE  1 
ATOM   404  N  NZ  . LYS A 1 48  ? 19.294  -3.654  4.735   1.00 54.08 ? 49  LYS A NZ  1 
ATOM   405  N  N   . PHE A 1 49  ? 13.012  -4.218  2.029   1.00 17.15 ? 50  PHE A N   1 
ATOM   406  C  CA  . PHE A 1 49  ? 12.105  -3.285  1.364   1.00 19.31 ? 50  PHE A CA  1 
ATOM   407  C  C   . PHE A 1 49  ? 10.647  -3.592  1.704   1.00 19.12 ? 50  PHE A C   1 
ATOM   408  O  O   . PHE A 1 49  ? 9.892   -2.703  2.110   1.00 20.05 ? 50  PHE A O   1 
ATOM   409  C  CB  . PHE A 1 49  ? 12.297  -3.324  -0.147  1.00 16.18 ? 50  PHE A CB  1 
ATOM   410  C  CG  . PHE A 1 49  ? 11.195  -2.608  -0.897  1.00 18.90 ? 50  PHE A CG  1 
ATOM   411  C  CD1 . PHE A 1 49  ? 11.142  -1.216  -0.913  1.00 20.18 ? 50  PHE A CD1 1 
ATOM   412  C  CD2 . PHE A 1 49  ? 10.196  -3.315  -1.541  1.00 17.44 ? 50  PHE A CD2 1 
ATOM   413  C  CE1 . PHE A 1 49  ? 10.135  -0.553  -1.579  1.00 21.06 ? 50  PHE A CE1 1 
ATOM   414  C  CE2 . PHE A 1 49  ? 9.176   -2.654  -2.206  1.00 20.51 ? 50  PHE A CE2 1 
ATOM   415  C  CZ  . PHE A 1 49  ? 9.155   -1.269  -2.231  1.00 20.13 ? 50  PHE A CZ  1 
ATOM   416  N  N   . PHE A 1 50  ? 10.225  -4.845  1.509   1.00 17.57 ? 51  PHE A N   1 
ATOM   417  C  CA  . PHE A 1 50  ? 8.825   -5.189  1.756   1.00 18.04 ? 51  PHE A CA  1 
ATOM   418  C  C   . PHE A 1 50  ? 8.455   -4.989  3.226   1.00 21.53 ? 51  PHE A C   1 
ATOM   419  O  O   . PHE A 1 50  ? 7.348   -4.538  3.546   1.00 19.90 ? 51  PHE A O   1 
ATOM   420  C  CB  . PHE A 1 50  ? 8.556   -6.629  1.327   1.00 18.37 ? 51  PHE A CB  1 
ATOM   421  C  CG  . PHE A 1 50  ? 8.541   -6.837  -0.169  1.00 16.89 ? 51  PHE A CG  1 
ATOM   422  C  CD1 . PHE A 1 50  ? 7.756   -6.050  -0.985  1.00 16.29 ? 51  PHE A CD1 1 
ATOM   423  C  CD2 . PHE A 1 50  ? 9.307   -7.833  -0.749  1.00 19.47 ? 51  PHE A CD2 1 
ATOM   424  C  CE1 . PHE A 1 50  ? 7.732   -6.246  -2.354  1.00 19.37 ? 51  PHE A CE1 1 
ATOM   425  C  CE2 . PHE A 1 50  ? 9.289   -8.042  -2.119  1.00 16.31 ? 51  PHE A CE2 1 
ATOM   426  C  CZ  . PHE A 1 50  ? 8.502   -7.244  -2.923  1.00 18.83 ? 51  PHE A CZ  1 
ATOM   427  N  N   . LYS A 1 51  ? 9.368   -5.326  4.139   1.00 19.97 ? 52  LYS A N   1 
ATOM   428  C  CA  . LYS A 1 51  ? 9.091   -5.103  5.554   1.00 20.08 ? 52  LYS A CA  1 
ATOM   429  C  C   . LYS A 1 51  ? 8.856   -3.625  5.839   1.00 21.57 ? 52  LYS A C   1 
ATOM   430  O  O   . LYS A 1 51  ? 7.916   -3.264  6.559   1.00 22.05 ? 52  LYS A O   1 
ATOM   431  C  CB  . LYS A 1 51  ? 10.236  -5.650  6.402   1.00 20.68 ? 52  LYS A CB  1 
ATOM   432  C  CG  . LYS A 1 51  ? 10.100  -5.368  7.888   1.00 24.20 ? 52  LYS A CG  1 
ATOM   433  C  CD  . LYS A 1 51  ? 10.895  -6.394  8.692   1.00 32.72 ? 52  LYS A CD  1 
ATOM   434  C  CE  . LYS A 1 51  ? 11.259  -5.855  10.068  1.00 38.62 ? 52  LYS A CE  1 
ATOM   435  N  NZ  . LYS A 1 51  ? 10.059  -5.355  10.794  1.00 31.19 ? 52  LYS A NZ  1 
ATOM   436  N  N   . ASN A 1 52  ? 9.677   -2.752  5.255   1.00 20.37 ? 53  ASN A N   1 
ATOM   437  C  CA  . ASN A 1 52  ? 9.472   -1.331  5.481   1.00 21.35 ? 53  ASN A CA  1 
ATOM   438  C  C   . ASN A 1 52  ? 8.181   -0.847  4.828   1.00 22.94 ? 53  ASN A C   1 
ATOM   439  O  O   . ASN A 1 52  ? 7.475   -0.017  5.407   1.00 23.95 ? 53  ASN A O   1 
ATOM   440  C  CB  . ASN A 1 52  ? 10.666  -0.525  4.984   1.00 22.83 ? 53  ASN A CB  1 
ATOM   441  C  CG  . ASN A 1 52  ? 10.518  0.961   5.286   1.00 37.76 ? 53  ASN A CG  1 
ATOM   442  O  OD1 . ASN A 1 52  ? 10.173  1.757   4.413   1.00 42.93 ? 53  ASN A OD1 1 
ATOM   443  N  ND2 . ASN A 1 52  ? 10.742  1.332   6.543   1.00 38.34 ? 53  ASN A ND2 1 
ATOM   444  N  N   . GLN A 1 53  ? 7.843   -1.365  3.639   1.00 20.81 ? 54  GLN A N   1 
ATOM   445  C  CA  . GLN A 1 53  ? 6.549   -1.028  3.043   1.00 23.08 ? 54  GLN A CA  1 
ATOM   446  C  C   . GLN A 1 53  ? 5.400   -1.415  3.969   1.00 22.20 ? 54  GLN A C   1 
ATOM   447  O  O   . GLN A 1 53  ? 4.414   -0.683  4.088   1.00 20.50 ? 54  GLN A O   1 
ATOM   448  C  CB  . GLN A 1 53  ? 6.383   -1.716  1.684   1.00 21.65 ? 54  GLN A CB  1 
ATOM   449  C  CG  . GLN A 1 53  ? 7.301   -1.182  0.596   1.00 23.58 ? 54  GLN A CG  1 
ATOM   450  C  CD  . GLN A 1 53  ? 6.952   0.240   0.210   1.00 30.62 ? 54  GLN A CD  1 
ATOM   451  O  OE1 . GLN A 1 53  ? 7.557   1.188   0.703   1.00 32.27 ? 54  GLN A OE1 1 
ATOM   452  N  NE2 . GLN A 1 53  ? 5.969   0.393   -0.675  1.00 34.64 ? 54  GLN A NE2 1 
ATOM   453  N  N   . SER A 1 54  ? 5.513   -2.566  4.632   1.00 18.41 ? 55  SER A N   1 
ATOM   454  C  CA  . SER A 1 54  ? 4.462   -3.005  5.547   1.00 22.09 ? 55  SER A CA  1 
ATOM   455  C  C   . SER A 1 54  ? 4.263   -2.007  6.683   1.00 22.29 ? 55  SER A C   1 
ATOM   456  O  O   . SER A 1 54  ? 3.130   -1.645  7.015   1.00 21.11 ? 55  SER A O   1 
ATOM   457  C  CB  . SER A 1 54  ? 4.801   -4.394  6.094   1.00 21.75 ? 55  SER A CB  1 
ATOM   458  O  OG  . SER A 1 54  ? 3.807   -4.851  6.989   1.00 22.31 ? 55  SER A OG  1 
ATOM   459  N  N   . HIS A 1 55  ? 5.357   -1.567  7.309   1.00 23.95 ? 56  HIS A N   1 
ATOM   460  C  CA  . HIS A 1 55  ? 5.243   -0.577  8.375   1.00 23.96 ? 56  HIS A CA  1 
ATOM   461  C  C   . HIS A 1 55  ? 4.649   0.727   7.858   1.00 20.52 ? 56  HIS A C   1 
ATOM   462  O  O   . HIS A 1 55  ? 3.860   1.372   8.554   1.00 23.72 ? 56  HIS A O   1 
ATOM   463  C  CB  . HIS A 1 55  ? 6.612   -0.322  9.017   1.00 25.20 ? 56  HIS A CB  1 
ATOM   464  C  CG  . HIS A 1 55  ? 7.145   -1.487  9.792   1.00 30.87 ? 56  HIS A CG  1 
ATOM   465  N  ND1 . HIS A 1 55  ? 6.330   -2.370  10.464  1.00 40.61 ? 56  HIS A ND1 1 
ATOM   466  C  CD2 . HIS A 1 55  ? 8.411   -1.924  9.987   1.00 38.83 ? 56  HIS A CD2 1 
ATOM   467  C  CE1 . HIS A 1 55  ? 7.069   -3.297  11.047  1.00 38.89 ? 56  HIS A CE1 1 
ATOM   468  N  NE2 . HIS A 1 55  ? 8.336   -3.047  10.773  1.00 41.48 ? 56  HIS A NE2 1 
ATOM   469  N  N   . GLU A 1 56  ? 5.013   1.130   6.639   1.00 21.53 ? 57  GLU A N   1 
ATOM   470  C  CA  . GLU A 1 56  ? 4.480   2.376   6.089   1.00 22.93 ? 57  GLU A CA  1 
ATOM   471  C  C   . GLU A 1 56  ? 2.984   2.271   5.801   1.00 21.83 ? 57  GLU A C   1 
ATOM   472  O  O   . GLU A 1 56  ? 2.227   3.209   6.077   1.00 19.82 ? 57  GLU A O   1 
ATOM   473  C  CB  . GLU A 1 56  ? 5.237   2.761   4.820   1.00 24.36 ? 57  GLU A CB  1 
ATOM   474  C  CG  . GLU A 1 56  ? 6.586   3.408   5.100   1.00 35.35 ? 57  GLU A CG  1 
ATOM   475  C  CD  . GLU A 1 56  ? 7.322   3.797   3.838   1.00 40.41 ? 57  GLU A CD  1 
ATOM   476  O  OE1 . GLU A 1 56  ? 6.734   3.672   2.735   1.00 43.63 ? 57  GLU A OE1 1 
ATOM   477  O  OE2 . GLU A 1 56  ? 8.490   4.231   3.958   1.00 42.20 ? 57  GLU A OE2 1 
ATOM   478  N  N   . GLU A 1 57  ? 2.537   1.153   5.227   1.00 21.80 ? 58  GLU A N   1 
ATOM   479  C  CA  . GLU A 1 57  ? 1.100   0.975   5.029   1.00 21.49 ? 58  GLU A CA  1 
ATOM   480  C  C   . GLU A 1 57  ? 0.363   1.025   6.354   1.00 17.34 ? 58  GLU A C   1 
ATOM   481  O  O   . GLU A 1 57  ? -0.736  1.578   6.443   1.00 19.82 ? 58  GLU A O   1 
ATOM   482  C  CB  . GLU A 1 57  ? 0.819   -0.340  4.310   1.00 22.53 ? 58  GLU A CB  1 
ATOM   483  C  CG  . GLU A 1 57  ? 1.353   -0.374  2.896   1.00 21.24 ? 58  GLU A CG  1 
ATOM   484  C  CD  . GLU A 1 57  ? 0.652   0.616   1.990   1.00 24.99 ? 58  GLU A CD  1 
ATOM   485  O  OE1 . GLU A 1 57  ? -0.509  0.962   2.287   1.00 28.65 ? 58  GLU A OE1 1 
ATOM   486  O  OE2 . GLU A 1 57  ? 1.259   1.048   0.987   1.00 32.75 ? 58  GLU A OE2 1 
ATOM   487  N  N   . ARG A 1 58  ? 0.969   0.476   7.406   1.00 21.01 ? 59  ARG A N   1 
ATOM   488  C  CA  . ARG A 1 58  ? 0.357   0.539   8.727   1.00 17.80 ? 59  ARG A CA  1 
ATOM   489  C  C   . ARG A 1 58  ? 0.205   1.984   9.196   1.00 22.46 ? 59  ARG A C   1 
ATOM   490  O  O   . ARG A 1 58  ? -0.822  2.348   9.777   1.00 19.27 ? 59  ARG A O   1 
ATOM   491  C  CB  . ARG A 1 58  ? 1.194   -0.275  9.708   1.00 23.48 ? 59  ARG A CB  1 
ATOM   492  C  CG  . ARG A 1 58  ? 1.073   0.151   11.138  1.00 28.20 ? 59  ARG A CG  1 
ATOM   493  C  CD  . ARG A 1 58  ? -0.086  -0.524  11.831  1.00 36.02 ? 59  ARG A CD  1 
ATOM   494  N  NE  . ARG A 1 58  ? -0.100  -0.138  13.240  1.00 39.68 ? 59  ARG A NE  1 
ATOM   495  C  CZ  . ARG A 1 58  ? -0.444  -0.936  14.243  1.00 32.50 ? 59  ARG A CZ  1 
ATOM   496  N  NH1 . ARG A 1 58  ? -0.407  -0.475  15.489  1.00 36.09 ? 59  ARG A NH1 1 
ATOM   497  N  NH2 . ARG A 1 58  ? -0.812  -2.191  14.013  1.00 35.58 ? 59  ARG A NH2 1 
ATOM   498  N  N   . GLU A 1 59  ? 1.221   2.822   8.949   1.00 22.72 ? 60  GLU A N   1 
ATOM   499  C  CA  . GLU A 1 59  ? 1.103   4.247   9.253   1.00 21.56 ? 60  GLU A CA  1 
ATOM   500  C  C   . GLU A 1 59  ? 0.011   4.904   8.418   1.00 20.66 ? 60  GLU A C   1 
ATOM   501  O  O   . GLU A 1 59  ? -0.741  5.744   8.925   1.00 20.85 ? 60  GLU A O   1 
ATOM   502  C  CB  . GLU A 1 59  ? 2.441   4.962   9.014   1.00 24.08 ? 60  GLU A CB  1 
ATOM   503  C  CG  . GLU A 1 59  ? 3.573   4.538   9.950   1.00 32.72 ? 60  GLU A CG  1 
ATOM   504  C  CD  . GLU A 1 59  ? 4.892   5.282   9.675   1.00 46.50 ? 60  GLU A CD  1 
ATOM   505  O  OE1 . GLU A 1 59  ? 5.137   5.679   8.512   1.00 46.13 ? 60  GLU A OE1 1 
ATOM   506  O  OE2 . GLU A 1 59  ? 5.685   5.472   10.623  1.00 55.69 ? 60  GLU A OE2 1 
ATOM   507  N  N   . HIS A 1 60  ? -0.066  4.570   7.124   1.00 19.31 ? 61  HIS A N   1 
ATOM   508  C  CA  . HIS A 1 60  ? -1.163  5.070   6.298   1.00 22.72 ? 61  HIS A CA  1 
ATOM   509  C  C   . HIS A 1 60  ? -2.513  4.782   6.942   1.00 19.49 ? 61  HIS A C   1 
ATOM   510  O  O   . HIS A 1 60  ? -3.404  5.635   6.942   1.00 22.42 ? 61  HIS A O   1 
ATOM   511  C  CB  . HIS A 1 60  ? -1.134  4.439   4.906   1.00 21.26 ? 61  HIS A CB  1 
ATOM   512  C  CG  . HIS A 1 60  ? 0.064   4.808   4.092   1.00 28.18 ? 61  HIS A CG  1 
ATOM   513  N  ND1 . HIS A 1 60  ? 0.265   4.329   2.815   1.00 30.89 ? 61  HIS A ND1 1 
ATOM   514  C  CD2 . HIS A 1 60  ? 1.123   5.604   4.367   1.00 25.96 ? 61  HIS A CD2 1 
ATOM   515  C  CE1 . HIS A 1 60  ? 1.403   4.803   2.343   1.00 32.01 ? 61  HIS A CE1 1 
ATOM   516  N  NE2 . HIS A 1 60  ? 1.942   5.583   3.264   1.00 29.65 ? 61  HIS A NE2 1 
ATOM   517  N  N   . ALA A 1 61  ? -2.687  3.575   7.473   1.00 19.61 ? 62  ALA A N   1 
ATOM   518  C  CA  . ALA A 1 61  ? -3.961  3.223   8.095   1.00 20.29 ? 62  ALA A CA  1 
ATOM   519  C  C   . ALA A 1 61  ? -4.216  4.071   9.326   1.00 21.09 ? 62  ALA A C   1 
ATOM   520  O  O   . ALA A 1 61  ? -5.320  4.590   9.521   1.00 21.04 ? 62  ALA A O   1 
ATOM   521  C  CB  . ALA A 1 61  ? -3.980  1.746   8.464   1.00 17.64 ? 62  ALA A CB  1 
ATOM   522  N  N   . GLU A 1 62  ? -3.199  4.215   10.174  1.00 19.40 ? 63  GLU A N   1 
ATOM   523  C  CA  . GLU A 1 62  ? -3.383  4.930   11.430  1.00 20.03 ? 63  GLU A CA  1 
ATOM   524  C  C   . GLU A 1 62  ? -3.712  6.392   11.204  1.00 16.73 ? 63  GLU A C   1 
ATOM   525  O  O   . GLU A 1 62  ? -4.469  6.974   11.982  1.00 19.61 ? 63  GLU A O   1 
ATOM   526  C  CB  . GLU A 1 62  ? -2.131  4.791   12.298  1.00 19.39 ? 63  GLU A CB  1 
ATOM   527  C  CG  . GLU A 1 62  ? -1.887  3.368   12.768  1.00 21.57 ? 63  GLU A CG  1 
ATOM   528  C  CD  . GLU A 1 62  ? -0.846  3.292   13.873  1.00 30.12 ? 63  GLU A CD  1 
ATOM   529  O  OE1 . GLU A 1 62  ? -0.820  4.208   14.728  1.00 34.11 ? 63  GLU A OE1 1 
ATOM   530  O  OE2 . GLU A 1 62  ? -0.067  2.319   13.895  1.00 29.65 ? 63  GLU A OE2 1 
ATOM   531  N  N   . LYS A 1 63  ? -3.160  7.004   10.150  1.00 20.59 ? 64  LYS A N   1 
ATOM   532  C  CA  . LYS A 1 63  ? -3.473  8.407   9.876   1.00 22.10 ? 64  LYS A CA  1 
ATOM   533  C  C   . LYS A 1 63  ? -4.929  8.580   9.452   1.00 20.62 ? 64  LYS A C   1 
ATOM   534  O  O   . LYS A 1 63  ? -5.536  9.621   9.726   1.00 19.15 ? 64  LYS A O   1 
ATOM   535  C  CB  . LYS A 1 63  ? -2.530  8.960   8.803   1.00 23.11 ? 64  LYS A CB  1 
ATOM   536  C  CG  . LYS A 1 63  ? -2.659  10.459  8.580   1.00 31.50 ? 64  LYS A CG  1 
ATOM   537  C  CD  . LYS A 1 63  ? -1.683  10.992  7.532   1.00 32.97 ? 64  LYS A CD  1 
ATOM   538  C  CE  . LYS A 1 63  ? -0.265  11.146  8.077   1.00 34.86 ? 64  LYS A CE  1 
ATOM   539  N  NZ  . LYS A 1 63  ? 0.720   10.319  7.334   1.00 43.57 ? 64  LYS A NZ  1 
ATOM   540  N  N   . LEU A 1 64  ? -5.499  7.575   8.783   1.00 20.67 ? 65  LEU A N   1 
ATOM   541  C  CA  . LEU A 1 64  ? -6.927  7.609   8.470   1.00 21.26 ? 65  LEU A CA  1 
ATOM   542  C  C   . LEU A 1 64  ? -7.758  7.380   9.719   1.00 19.60 ? 65  LEU A C   1 
ATOM   543  O  O   . LEU A 1 64  ? -8.808  8.005   9.898   1.00 23.15 ? 65  LEU A O   1 
ATOM   544  C  CB  . LEU A 1 64  ? -7.257  6.558   7.414   1.00 17.70 ? 65  LEU A CB  1 
ATOM   545  C  CG  . LEU A 1 64  ? -6.805  6.912   6.000   1.00 19.66 ? 65  LEU A CG  1 
ATOM   546  C  CD1 . LEU A 1 64  ? -6.721  5.668   5.163   1.00 21.04 ? 65  LEU A CD1 1 
ATOM   547  C  CD2 . LEU A 1 64  ? -7.784  7.900   5.393   1.00 20.42 ? 65  LEU A CD2 1 
ATOM   548  N  N   . MET A 1 65  ? -7.302  6.487   10.596  1.00 20.02 ? 66  MET A N   1 
ATOM   549  C  CA  . MET A 1 65  ? -7.961  6.342   11.886  1.00 19.65 ? 66  MET A CA  1 
ATOM   550  C  C   . MET A 1 65  ? -7.930  7.650   12.659  1.00 19.99 ? 66  MET A C   1 
ATOM   551  O  O   . MET A 1 65  ? -8.919  8.028   13.301  1.00 20.47 ? 66  MET A O   1 
ATOM   552  C  CB  . MET A 1 65  ? -7.310  5.210   12.681  1.00 19.02 ? 66  MET A CB  1 
ATOM   553  C  CG  . MET A 1 65  ? -7.454  3.838   12.007  1.00 16.89 ? 66  MET A CG  1 
ATOM   554  S  SD  . MET A 1 65  ? -6.584  2.534   12.873  1.00 21.72 ? 66  MET A SD  1 
ATOM   555  C  CE  . MET A 1 65  ? -7.687  2.166   14.239  1.00 19.75 ? 66  MET A CE  1 
ATOM   556  N  N   . LYS A 1 66  ? -6.814  8.374   12.582  1.00 19.16 ? 67  LYS A N   1 
ATOM   557  C  CA  . LYS A 1 66  ? -6.728  9.653   13.279  1.00 21.39 ? 67  LYS A CA  1 
ATOM   558  C  C   . LYS A 1 66  ? -7.711  10.676  12.710  1.00 20.61 ? 67  LYS A C   1 
ATOM   559  O  O   . LYS A 1 66  ? -8.369  11.395  13.469  1.00 17.61 ? 67  LYS A O   1 
ATOM   560  C  CB  . LYS A 1 66  ? -5.298  10.184  13.217  1.00 20.64 ? 67  LYS A CB  1 
ATOM   561  C  CG  . LYS A 1 66  ? -5.144  11.569  13.782  1.00 23.69 ? 67  LYS A CG  1 
ATOM   562  C  CD  . LYS A 1 66  ? -4.742  11.543  15.217  1.00 37.13 ? 67  LYS A CD  1 
ATOM   563  C  CE  . LYS A 1 66  ? -4.689  12.919  15.878  1.00 42.45 ? 67  LYS A CE  1 
ATOM   564  N  NZ  . LYS A 1 66  ? -4.635  12.670  17.342  1.00 43.80 ? 67  LYS A NZ  1 
ATOM   565  N  N   . VAL A 1 67  ? -7.808  10.777  11.381  1.00 20.74 ? 68  VAL A N   1 
ATOM   566  C  CA  . VAL A 1 67  ? -8.667  11.815  10.806  1.00 20.10 ? 68  VAL A CA  1 
ATOM   567  C  C   . VAL A 1 67  ? -10.142 11.453  10.979  1.00 21.96 ? 68  VAL A C   1 
ATOM   568  O  O   . VAL A 1 67  ? -10.998 12.343  11.075  1.00 21.46 ? 68  VAL A O   1 
ATOM   569  C  CB  . VAL A 1 67  ? -8.307  12.066  9.331   1.00 18.90 ? 68  VAL A CB  1 
ATOM   570  C  CG1 . VAL A 1 67  ? -8.921  11.005  8.426   1.00 22.22 ? 68  VAL A CG1 1 
ATOM   571  C  CG2 . VAL A 1 67  ? -8.755  13.459  8.901   1.00 22.36 ? 68  VAL A CG2 1 
ATOM   572  N  N   . GLN A 1 68  ? -10.459 10.158  11.038  1.00 20.75 ? 69  GLN A N   1 
ATOM   573  C  CA  . GLN A 1 68  ? -11.822 9.738   11.352  1.00 22.07 ? 69  GLN A CA  1 
ATOM   574  C  C   . GLN A 1 68  ? -12.246 10.277  12.714  1.00 22.19 ? 69  GLN A C   1 
ATOM   575  O  O   . GLN A 1 68  ? -13.326 10.865  12.861  1.00 19.28 ? 69  GLN A O   1 
ATOM   576  C  CB  . GLN A 1 68  ? -11.910 8.209   11.308  1.00 21.66 ? 69  GLN A CB  1 
ATOM   577  C  CG  . GLN A 1 68  ? -13.285 7.617   11.587  1.00 23.15 ? 69  GLN A CG  1 
ATOM   578  C  CD  . GLN A 1 68  ? -14.154 7.569   10.347  1.00 23.52 ? 69  GLN A CD  1 
ATOM   579  O  OE1 . GLN A 1 68  ? -14.602 8.604   9.865   1.00 23.35 ? 69  GLN A OE1 1 
ATOM   580  N  NE2 . GLN A 1 68  ? -14.383 6.365   9.815   1.00 20.81 ? 69  GLN A NE2 1 
ATOM   581  N  N   . ASN A 1 69  ? -11.380 10.120  13.721  1.00 19.41 ? 70  ASN A N   1 
ATOM   582  C  CA  . ASN A 1 69  ? -11.680 10.659  15.043  1.00 18.94 ? 70  ASN A CA  1 
ATOM   583  C  C   . ASN A 1 69  ? -11.677 12.184  15.048  1.00 20.55 ? 70  ASN A C   1 
ATOM   584  O  O   . ASN A 1 69  ? -12.513 12.801  15.717  1.00 19.51 ? 70  ASN A O   1 
ATOM   585  C  CB  . ASN A 1 69  ? -10.685 10.126  16.075  1.00 21.72 ? 70  ASN A CB  1 
ATOM   586  C  CG  . ASN A 1 69  ? -11.069 8.756   16.591  1.00 20.58 ? 70  ASN A CG  1 
ATOM   587  O  OD1 . ASN A 1 69  ? -12.216 8.328   16.443  1.00 22.08 ? 70  ASN A OD1 1 
ATOM   588  N  ND2 . ASN A 1 69  ? -10.120 8.063   17.205  1.00 19.50 ? 70  ASN A ND2 1 
ATOM   589  N  N   . GLN A 1 70  ? -10.726 12.811  14.341  1.00 19.72 ? 71  GLN A N   1 
ATOM   590  C  CA  . GLN A 1 70  ? -10.668 14.270  14.317  1.00 19.93 ? 71  GLN A CA  1 
ATOM   591  C  C   . GLN A 1 70  ? -11.983 14.865  13.825  1.00 22.86 ? 71  GLN A C   1 
ATOM   592  O  O   . GLN A 1 70  ? -12.449 15.887  14.344  1.00 22.85 ? 71  GLN A O   1 
ATOM   593  C  CB  . GLN A 1 70  ? -9.541  14.748  13.408  1.00 18.42 ? 71  GLN A CB  1 
ATOM   594  C  CG  . GLN A 1 70  ? -8.129  14.663  13.966  1.00 23.46 ? 71  GLN A CG  1 
ATOM   595  C  CD  . GLN A 1 70  ? -7.156  15.247  12.973  1.00 27.37 ? 71  GLN A CD  1 
ATOM   596  O  OE1 . GLN A 1 70  ? -7.196  14.914  11.787  1.00 26.80 ? 71  GLN A OE1 1 
ATOM   597  N  NE2 . GLN A 1 70  ? -6.322  16.162  13.428  1.00 29.94 ? 71  GLN A NE2 1 
ATOM   598  N  N   . ARG A 1 71  ? -12.576 14.254  12.802  1.00 21.01 ? 72  ARG A N   1 
ATOM   599  C  CA  . ARG A 1 71  ? -13.812 14.755  12.210  1.00 21.11 ? 72  ARG A CA  1 
ATOM   600  C  C   . ARG A 1 71  ? -15.060 14.297  12.959  1.00 22.33 ? 72  ARG A C   1 
ATOM   601  O  O   . ARG A 1 71  ? -16.161 14.741  12.617  1.00 25.86 ? 72  ARG A O   1 
ATOM   602  C  CB  . ARG A 1 71  ? -13.893 14.325  10.743  1.00 21.44 ? 72  ARG A CB  1 
ATOM   603  C  CG  . ARG A 1 71  ? -12.857 15.000  9.848   1.00 20.46 ? 72  ARG A CG  1 
ATOM   604  C  CD  . ARG A 1 71  ? -13.023 16.528  9.858   1.00 22.84 ? 72  ARG A CD  1 
ATOM   605  N  NE  . ARG A 1 71  ? -14.305 16.940  9.285   1.00 19.31 ? 72  ARG A NE  1 
ATOM   606  C  CZ  . ARG A 1 71  ? -14.534 17.062  7.979   1.00 22.07 ? 72  ARG A CZ  1 
ATOM   607  N  NH1 . ARG A 1 71  ? -13.574 16.802  7.099   1.00 17.41 ? 72  ARG A NH1 1 
ATOM   608  N  NH2 . ARG A 1 71  ? -15.738 17.421  7.543   1.00 18.41 ? 72  ARG A NH2 1 
ATOM   609  N  N   . GLY A 1 72  ? -14.920 13.446  13.972  1.00 21.41 ? 73  GLY A N   1 
ATOM   610  C  CA  . GLY A 1 72  ? -16.065 12.933  14.698  1.00 24.33 ? 73  GLY A CA  1 
ATOM   611  C  C   . GLY A 1 72  ? -16.689 11.695  14.106  1.00 26.76 ? 73  GLY A C   1 
ATOM   612  O  O   . GLY A 1 72  ? -17.771 11.291  14.548  1.00 26.07 ? 73  GLY A O   1 
ATOM   613  N  N   . GLY A 1 73  ? -16.058 11.088  13.109  1.00 22.04 ? 74  GLY A N   1 
ATOM   614  C  CA  . GLY A 1 73  ? -16.491 9.790   12.652  1.00 23.48 ? 74  GLY A CA  1 
ATOM   615  C  C   . GLY A 1 73  ? -16.176 8.727   13.677  1.00 23.78 ? 74  GLY A C   1 
ATOM   616  O  O   . GLY A 1 73  ? -15.543 8.966   14.706  1.00 22.95 ? 74  GLY A O   1 
ATOM   617  N  N   . ARG A 1 74  ? -16.649 7.521   13.402  1.00 23.78 ? 75  ARG A N   1 
ATOM   618  C  CA  . ARG A 1 74  ? -16.467 6.423   14.337  1.00 25.08 ? 75  ARG A CA  1 
ATOM   619  C  C   . ARG A 1 74  ? -15.820 5.260   13.608  1.00 25.66 ? 75  ARG A C   1 
ATOM   620  O  O   . ARG A 1 74  ? -16.303 4.829   12.556  1.00 22.38 ? 75  ARG A O   1 
ATOM   621  C  CB  . ARG A 1 74  ? -17.794 6.019   14.977  1.00 23.62 ? 75  ARG A CB  1 
ATOM   622  C  CG  . ARG A 1 74  ? -18.285 7.057   16.002  1.00 30.33 ? 75  ARG A CG  1 
ATOM   623  C  CD  . ARG A 1 74  ? -17.280 7.196   17.169  1.00 27.87 ? 75  ARG A CD  1 
ATOM   624  N  NE  . ARG A 1 74  ? -17.517 8.377   18.013  1.00 28.35 ? 75  ARG A NE  1 
ATOM   625  C  CZ  . ARG A 1 74  ? -16.715 9.444   18.071  1.00 28.69 ? 75  ARG A CZ  1 
ATOM   626  N  NH1 . ARG A 1 74  ? -15.602 9.497   17.340  1.00 24.10 ? 75  ARG A NH1 1 
ATOM   627  N  NH2 . ARG A 1 74  ? -17.017 10.458  18.877  1.00 26.19 ? 75  ARG A NH2 1 
ATOM   628  N  N   . ILE A 1 75  ? -14.712 4.777   14.168  1.00 22.18 ? 76  ILE A N   1 
ATOM   629  C  CA  . ILE A 1 75  ? -13.939 3.722   13.535  1.00 19.43 ? 76  ILE A CA  1 
ATOM   630  C  C   . ILE A 1 75  ? -14.649 2.392   13.704  1.00 19.37 ? 76  ILE A C   1 
ATOM   631  O  O   . ILE A 1 75  ? -15.024 2.002   14.818  1.00 21.49 ? 76  ILE A O   1 
ATOM   632  C  CB  . ILE A 1 75  ? -12.523 3.670   14.130  1.00 20.78 ? 76  ILE A CB  1 
ATOM   633  C  CG1 . ILE A 1 75  ? -11.762 4.959   13.801  1.00 20.42 ? 76  ILE A CG1 1 
ATOM   634  C  CG2 . ILE A 1 75  ? -11.776 2.443   13.633  1.00 18.25 ? 76  ILE A CG2 1 
ATOM   635  C  CD1 . ILE A 1 75  ? -10.533 5.190   14.686  1.00 19.13 ? 76  ILE A CD1 1 
ATOM   636  N  N   . PHE A 1 76  ? -14.830 1.679   12.597  1.00 21.81 ? 77  PHE A N   1 
ATOM   637  C  CA  . PHE A 1 76  ? -15.314 0.305   12.629  1.00 21.23 ? 77  PHE A CA  1 
ATOM   638  C  C   . PHE A 1 76  ? -14.300 -0.548  11.881  1.00 16.30 ? 77  PHE A C   1 
ATOM   639  O  O   . PHE A 1 76  ? -14.157 -0.432  10.662  1.00 21.14 ? 77  PHE A O   1 
ATOM   640  C  CB  . PHE A 1 76  ? -16.724 0.191   12.043  1.00 23.94 ? 77  PHE A CB  1 
ATOM   641  C  CG  . PHE A 1 76  ? -17.800 0.725   12.967  1.00 22.81 ? 77  PHE A CG  1 
ATOM   642  C  CD1 . PHE A 1 76  ? -18.227 -0.017  14.058  1.00 25.59 ? 77  PHE A CD1 1 
ATOM   643  C  CD2 . PHE A 1 76  ? -18.359 1.970   12.756  1.00 22.11 ? 77  PHE A CD2 1 
ATOM   644  C  CE1 . PHE A 1 76  ? -19.207 0.471   14.919  1.00 28.89 ? 77  PHE A CE1 1 
ATOM   645  C  CE2 . PHE A 1 76  ? -19.335 2.470   13.608  1.00 28.58 ? 77  PHE A CE2 1 
ATOM   646  C  CZ  . PHE A 1 76  ? -19.756 1.725   14.697  1.00 25.82 ? 77  PHE A CZ  1 
ATOM   647  N  N   . LEU A 1 77  ? -13.577 -1.376  12.621  1.00 21.98 ? 78  LEU A N   1 
ATOM   648  C  CA  . LEU A 1 77  ? -12.556 -2.242  12.055  1.00 21.46 ? 78  LEU A CA  1 
ATOM   649  C  C   . LEU A 1 77  ? -13.191 -3.523  11.529  1.00 21.19 ? 78  LEU A C   1 
ATOM   650  O  O   . LEU A 1 77  ? -14.187 -4.013  12.070  1.00 23.41 ? 78  LEU A O   1 
ATOM   651  C  CB  . LEU A 1 77  ? -11.495 -2.575  13.114  1.00 19.27 ? 78  LEU A CB  1 
ATOM   652  C  CG  . LEU A 1 77  ? -10.743 -1.377  13.709  1.00 19.79 ? 78  LEU A CG  1 
ATOM   653  C  CD1 . LEU A 1 77  ? -9.845  -1.802  14.856  1.00 15.25 ? 78  LEU A CD1 1 
ATOM   654  C  CD2 . LEU A 1 77  ? -9.929  -0.672  12.624  1.00 17.22 ? 78  LEU A CD2 1 
ATOM   655  N  N   . GLN A 1 78  ? -12.605 -4.066  10.465  1.00 20.91 ? 79  GLN A N   1 
ATOM   656  C  CA  . GLN A 1 78  ? -13.009 -5.356  9.921   1.00 23.64 ? 79  GLN A CA  1 
ATOM   657  C  C   . GLN A 1 78  ? -11.810 -6.301  9.900   1.00 22.72 ? 79  GLN A C   1 
ATOM   658  O  O   . GLN A 1 78  ? -10.659 -5.883  10.075  1.00 21.12 ? 79  GLN A O   1 
ATOM   659  C  CB  . GLN A 1 78  ? -13.603 -5.200  8.513   1.00 24.06 ? 79  GLN A CB  1 
ATOM   660  C  CG  . GLN A 1 78  ? -14.794 -4.240  8.418   1.00 20.31 ? 79  GLN A CG  1 
ATOM   661  C  CD  . GLN A 1 78  ? -15.995 -4.673  9.265   1.00 30.40 ? 79  GLN A CD  1 
ATOM   662  O  OE1 . GLN A 1 78  ? -16.157 -5.854  9.585   1.00 31.81 ? 79  GLN A OE1 1 
ATOM   663  N  NE2 . GLN A 1 78  ? -16.848 -3.714  9.619   1.00 27.48 ? 79  GLN A NE2 1 
ATOM   664  N  N   . ASP A 1 79  ? -12.092 -7.590  9.703   1.00 21.73 ? 80  ASP A N   1 
ATOM   665  C  CA  . ASP A 1 79  ? -11.031 -8.581  9.526   1.00 21.21 ? 80  ASP A CA  1 
ATOM   666  C  C   . ASP A 1 79  ? -9.990  -8.070  8.533   1.00 20.29 ? 80  ASP A C   1 
ATOM   667  O  O   . ASP A 1 79  ? -10.327 -7.442  7.529   1.00 18.47 ? 80  ASP A O   1 
ATOM   668  C  CB  . ASP A 1 79  ? -11.598 -9.911  9.003   1.00 22.48 ? 80  ASP A CB  1 
ATOM   669  C  CG  . ASP A 1 79  ? -12.503 -10.631 10.007  1.00 27.08 ? 80  ASP A CG  1 
ATOM   670  O  OD1 . ASP A 1 79  ? -12.620 -10.200 11.174  1.00 24.10 ? 80  ASP A OD1 1 
ATOM   671  O  OD2 . ASP A 1 79  ? -13.075 -11.673 9.616   1.00 31.17 ? 80  ASP A OD2 1 
ATOM   672  N  N   . ILE A 1 80  ? -8.718  -8.331  8.814   1.00 21.00 ? 81  ILE A N   1 
ATOM   673  C  CA  . ILE A 1 80  ? -7.666  -8.096  7.832   1.00 21.18 ? 81  ILE A CA  1 
ATOM   674  C  C   . ILE A 1 80  ? -7.476  -9.404  7.078   1.00 19.12 ? 81  ILE A C   1 
ATOM   675  O  O   . ILE A 1 80  ? -6.930  -10.365 7.622   1.00 20.33 ? 81  ILE A O   1 
ATOM   676  C  CB  . ILE A 1 80  ? -6.353  -7.629  8.473   1.00 18.81 ? 81  ILE A CB  1 
ATOM   677  C  CG1 . ILE A 1 80  ? -6.597  -6.494  9.470   1.00 19.56 ? 81  ILE A CG1 1 
ATOM   678  C  CG2 . ILE A 1 80  ? -5.413  -7.134  7.384   1.00 18.96 ? 81  ILE A CG2 1 
ATOM   679  C  CD1 . ILE A 1 80  ? -5.311  -5.994  10.153  1.00 19.92 ? 81  ILE A CD1 1 
ATOM   680  N  N   . LYS A 1 81  ? -7.934  -9.442  5.831   1.00 20.53 ? 82  LYS A N   1 
ATOM   681  C  CA  . LYS A 1 81  ? -7.920  -10.674 5.057   1.00 23.35 ? 82  LYS A CA  1 
ATOM   682  C  C   . LYS A 1 81  ? -6.488  -11.101 4.775   1.00 23.45 ? 82  LYS A C   1 
ATOM   683  O  O   . LYS A 1 81  ? -5.632  -10.272 4.473   1.00 21.84 ? 82  LYS A O   1 
ATOM   684  C  CB  . LYS A 1 81  ? -8.670  -10.485 3.736   1.00 20.09 ? 82  LYS A CB  1 
ATOM   685  C  CG  . LYS A 1 81  ? -10.082 -9.928  3.868   1.00 26.54 ? 82  LYS A CG  1 
ATOM   686  C  CD  . LYS A 1 81  ? -10.969 -10.836 4.707   1.00 25.07 ? 82  LYS A CD  1 
ATOM   687  C  CE  . LYS A 1 81  ? -11.215 -12.160 4.000   1.00 32.05 ? 82  LYS A CE  1 
ATOM   688  N  NZ  . LYS A 1 81  ? -12.307 -12.928 4.664   1.00 41.72 ? 82  LYS A NZ  1 
ATOM   689  N  N   . LYS A 1 82  ? -6.232  -12.404 4.859   1.00 24.30 ? 83  LYS A N   1 
ATOM   690  C  CA  . LYS A 1 82  ? -4.922  -12.907 4.480   1.00 21.50 ? 83  LYS A CA  1 
ATOM   691  C  C   . LYS A 1 82  ? -4.685  -12.642 2.992   1.00 21.17 ? 83  LYS A C   1 
ATOM   692  O  O   . LYS A 1 82  ? -5.637  -12.500 2.222   1.00 19.56 ? 83  LYS A O   1 
ATOM   693  C  CB  . LYS A 1 82  ? -4.805  -14.397 4.783   1.00 23.56 ? 83  LYS A CB  1 
ATOM   694  C  CG  . LYS A 1 82  ? -5.629  -15.304 3.866   1.00 27.73 ? 83  LYS A CG  1 
ATOM   695  C  CD  . LYS A 1 82  ? -5.360  -16.766 4.187   1.00 25.60 ? 83  LYS A CD  1 
ATOM   696  C  CE  . LYS A 1 82  ? -6.100  -17.700 3.241   1.00 30.79 ? 83  LYS A CE  1 
ATOM   697  N  NZ  . LYS A 1 82  ? -5.302  -18.939 2.971   1.00 31.40 ? 83  LYS A NZ  1 
ATOM   698  N  N   . PRO A 1 83  ? -3.426  -12.526 2.569   1.00 22.00 ? 84  PRO A N   1 
ATOM   699  C  CA  . PRO A 1 83  ? -3.147  -12.232 1.159   1.00 20.03 ? 84  PRO A CA  1 
ATOM   700  C  C   . PRO A 1 83  ? -3.597  -13.365 0.246   1.00 25.97 ? 84  PRO A C   1 
ATOM   701  O  O   . PRO A 1 83  ? -3.882  -14.486 0.673   1.00 22.75 ? 84  PRO A O   1 
ATOM   702  C  CB  . PRO A 1 83  ? -1.622  -12.056 1.124   1.00 21.07 ? 84  PRO A CB  1 
ATOM   703  C  CG  . PRO A 1 83  ? -1.260  -11.691 2.520   1.00 22.34 ? 84  PRO A CG  1 
ATOM   704  C  CD  . PRO A 1 83  ? -2.201  -12.494 3.383   1.00 21.88 ? 84  PRO A CD  1 
ATOM   705  N  N   . GLU A 1 84  ? -3.642  -13.047 -1.052  1.00 25.42 ? 85  GLU A N   1 
ATOM   706  C  CA  . GLU A 1 84  ? -4.116  -14.004 -2.049  1.00 26.66 ? 85  GLU A CA  1 
ATOM   707  C  C   . GLU A 1 84  ? -3.170  -15.183 -2.216  1.00 28.08 ? 85  GLU A C   1 
ATOM   708  O  O   . GLU A 1 84  ? -3.616  -16.277 -2.573  1.00 27.36 ? 85  GLU A O   1 
ATOM   709  C  CB  . GLU A 1 84  ? -4.312  -13.304 -3.395  1.00 25.58 ? 85  GLU A CB  1 
ATOM   710  C  CG  . GLU A 1 84  ? -5.510  -12.383 -3.419  1.00 24.55 ? 85  GLU A CG  1 
ATOM   711  C  CD  . GLU A 1 84  ? -6.816  -13.144 -3.258  1.00 28.67 ? 85  GLU A CD  1 
ATOM   712  O  OE1 . GLU A 1 84  ? -7.222  -13.829 -4.217  1.00 30.31 ? 85  GLU A OE1 1 
ATOM   713  O  OE2 . GLU A 1 84  ? -7.419  -13.070 -2.166  1.00 27.09 ? 85  GLU A OE2 1 
ATOM   714  N  N   . LYS A 1 85  ? -1.872  -14.984 -1.984  1.00 24.03 ? 86  LYS A N   1 
ATOM   715  C  CA  . LYS A 1 85  ? -0.885  -16.041 -2.130  1.00 22.20 ? 86  LYS A CA  1 
ATOM   716  C  C   . LYS A 1 85  ? -0.146  -16.254 -0.820  1.00 26.66 ? 86  LYS A C   1 
ATOM   717  O  O   . LYS A 1 85  ? -0.062  -15.351 0.020   1.00 24.19 ? 86  LYS A O   1 
ATOM   718  C  CB  . LYS A 1 85  ? 0.129   -15.718 -3.240  1.00 22.10 ? 86  LYS A CB  1 
ATOM   719  C  CG  . LYS A 1 85  ? -0.500  -15.384 -4.590  1.00 24.15 ? 86  LYS A CG  1 
ATOM   720  C  CD  . LYS A 1 85  ? 0.482   -15.630 -5.735  1.00 25.83 ? 86  LYS A CD  1 
ATOM   721  C  CE  . LYS A 1 85  ? 0.703   -14.385 -6.570  1.00 31.43 ? 86  LYS A CE  1 
ATOM   722  N  NZ  . LYS A 1 85  ? 1.585   -14.646 -7.750  1.00 30.98 ? 86  LYS A NZ  1 
ATOM   723  N  N   . ASP A 1 86  ? 0.362   -17.474 -0.646  1.00 20.62 ? 87  ASP A N   1 
ATOM   724  C  CA  . ASP A 1 86  ? 1.331   -17.772 0.400   1.00 24.19 ? 87  ASP A CA  1 
ATOM   725  C  C   . ASP A 1 86  ? 2.761   -17.660 -0.096  1.00 21.29 ? 87  ASP A C   1 
ATOM   726  O  O   . ASP A 1 86  ? 3.676   -17.483 0.716   1.00 25.59 ? 87  ASP A O   1 
ATOM   727  C  CB  . ASP A 1 86  ? 1.117   -19.183 0.949   1.00 23.21 ? 87  ASP A CB  1 
ATOM   728  C  CG  . ASP A 1 86  ? -0.274  -19.388 1.520   1.00 28.84 ? 87  ASP A CG  1 
ATOM   729  O  OD1 . ASP A 1 86  ? -0.708  -18.598 2.392   1.00 25.96 ? 87  ASP A OD1 1 
ATOM   730  O  OD2 . ASP A 1 86  ? -0.936  -20.347 1.090   1.00 34.61 ? 87  ASP A OD2 1 
ATOM   731  N  N   . GLU A 1 87  ? 2.968   -17.776 -1.405  1.00 21.42 ? 88  GLU A N   1 
ATOM   732  C  CA  . GLU A 1 87  ? 4.285   -17.737 -2.020  1.00 23.18 ? 88  GLU A CA  1 
ATOM   733  C  C   . GLU A 1 87  ? 4.231   -16.777 -3.196  1.00 23.89 ? 88  GLU A C   1 
ATOM   734  O  O   . GLU A 1 87  ? 3.271   -16.793 -3.968  1.00 22.49 ? 88  GLU A O   1 
ATOM   735  C  CB  . GLU A 1 87  ? 4.718   -19.120 -2.503  1.00 23.02 ? 88  GLU A CB  1 
ATOM   736  C  CG  . GLU A 1 87  ? 4.636   -20.199 -1.454  1.00 30.52 ? 88  GLU A CG  1 
ATOM   737  C  CD  . GLU A 1 87  ? 5.374   -21.445 -1.880  1.00 31.05 ? 88  GLU A CD  1 
ATOM   738  O  OE1 . GLU A 1 87  ? 5.587   -21.613 -3.098  1.00 36.04 ? 88  GLU A OE1 1 
ATOM   739  O  OE2 . GLU A 1 87  ? 5.758   -22.241 -1.006  1.00 31.56 ? 88  GLU A OE2 1 
ATOM   740  N  N   . TRP A 1 88  ? 5.250   -15.932 -3.329  1.00 20.34 ? 89  TRP A N   1 
ATOM   741  C  CA  . TRP A 1 88  ? 5.200   -14.872 -4.324  1.00 19.96 ? 89  TRP A CA  1 
ATOM   742  C  C   . TRP A 1 88  ? 6.103   -15.150 -5.516  1.00 20.80 ? 89  TRP A C   1 
ATOM   743  O  O   . TRP A 1 88  ? 6.259   -14.275 -6.379  1.00 25.17 ? 89  TRP A O   1 
ATOM   744  C  CB  . TRP A 1 88  ? 5.524   -13.533 -3.661  1.00 21.80 ? 89  TRP A CB  1 
ATOM   745  C  CG  . TRP A 1 88  ? 4.573   -13.270 -2.549  1.00 19.42 ? 89  TRP A CG  1 
ATOM   746  C  CD1 . TRP A 1 88  ? 4.771   -13.510 -1.227  1.00 19.23 ? 89  TRP A CD1 1 
ATOM   747  C  CD2 . TRP A 1 88  ? 3.238   -12.765 -2.672  1.00 21.10 ? 89  TRP A CD2 1 
ATOM   748  N  NE1 . TRP A 1 88  ? 3.649   -13.162 -0.510  1.00 18.29 ? 89  TRP A NE1 1 
ATOM   749  C  CE2 . TRP A 1 88  ? 2.694   -12.704 -1.375  1.00 21.28 ? 89  TRP A CE2 1 
ATOM   750  C  CE3 . TRP A 1 88  ? 2.453   -12.354 -3.753  1.00 19.61 ? 89  TRP A CE3 1 
ATOM   751  C  CZ2 . TRP A 1 88  ? 1.394   -12.243 -1.127  1.00 19.69 ? 89  TRP A CZ2 1 
ATOM   752  C  CZ3 . TRP A 1 88  ? 1.170   -11.898 -3.504  1.00 19.97 ? 89  TRP A CZ3 1 
ATOM   753  C  CH2 . TRP A 1 88  ? 0.656   -11.849 -2.199  1.00 18.29 ? 89  TRP A CH2 1 
ATOM   754  N  N   . VAL A 1 89  ? 6.701   -16.347 -5.572  1.00 23.44 ? 90  VAL A N   1 
ATOM   755  C  CA  . VAL A 1 89  ? 7.336   -16.952 -6.748  1.00 24.92 ? 90  VAL A CA  1 
ATOM   756  C  C   . VAL A 1 89  ? 8.732   -16.393 -7.011  1.00 25.04 ? 90  VAL A C   1 
ATOM   757  O  O   . VAL A 1 89  ? 9.707   -17.153 -7.091  1.00 23.24 ? 90  VAL A O   1 
ATOM   758  C  CB  . VAL A 1 89  ? 6.462   -16.816 -8.010  1.00 24.59 ? 90  VAL A CB  1 
ATOM   759  C  CG1 . VAL A 1 89  ? 7.092   -17.596 -9.149  1.00 30.17 ? 90  VAL A CG1 1 
ATOM   760  C  CG2 . VAL A 1 89  ? 5.055   -17.333 -7.754  1.00 28.27 ? 90  VAL A CG2 1 
ATOM   761  N  N   . SER A 1 90  ? 8.849   -15.077 -7.177  1.00 25.22 ? 91  SER A N   1 
ATOM   762  C  CA  . SER A 1 90  ? 10.153  -14.495 -7.473  1.00 23.26 ? 91  SER A CA  1 
ATOM   763  C  C   . SER A 1 90  ? 10.130  -13.011 -7.145  1.00 21.49 ? 91  SER A C   1 
ATOM   764  O  O   . SER A 1 90  ? 9.070   -12.403 -6.987  1.00 22.70 ? 91  SER A O   1 
ATOM   765  C  CB  . SER A 1 90  ? 10.547  -14.697 -8.940  1.00 21.58 ? 91  SER A CB  1 
ATOM   766  O  OG  . SER A 1 90  ? 9.876   -13.768 -9.767  1.00 23.39 ? 91  SER A OG  1 
ATOM   767  N  N   . GLY A 1 91  ? 11.330  -12.435 -7.072  1.00 20.66 ? 92  GLY A N   1 
ATOM   768  C  CA  . GLY A 1 91  ? 11.445  -11.017 -6.767  1.00 21.68 ? 92  GLY A CA  1 
ATOM   769  C  C   . GLY A 1 91  ? 10.681  -10.141 -7.740  1.00 18.85 ? 92  GLY A C   1 
ATOM   770  O  O   . GLY A 1 91  ? 9.908   -9.273  -7.334  1.00 19.29 ? 92  GLY A O   1 
ATOM   771  N  N   . VAL A 1 92  ? 10.872  -10.364 -9.040  1.00 21.05 ? 93  VAL A N   1 
ATOM   772  C  CA  . VAL A 1 92  ? 10.184  -9.522  -10.018 1.00 18.85 ? 93  VAL A CA  1 
ATOM   773  C  C   . VAL A 1 92  ? 8.675   -9.747  -9.946  1.00 21.15 ? 93  VAL A C   1 
ATOM   774  O  O   . VAL A 1 92  ? 7.887   -8.795  -10.035 1.00 19.35 ? 93  VAL A O   1 
ATOM   775  C  CB  . VAL A 1 92  ? 10.755  -9.755  -11.433 1.00 21.11 ? 93  VAL A CB  1 
ATOM   776  C  CG1 . VAL A 1 92  ? 10.557  -11.197 -11.890 1.00 19.85 ? 93  VAL A CG1 1 
ATOM   777  C  CG2 . VAL A 1 92  ? 10.151  -8.777  -12.433 1.00 18.98 ? 93  VAL A CG2 1 
ATOM   778  N  N   . GLU A 1 93  ? 8.245   -10.991 -9.713  1.00 21.85 ? 94  GLU A N   1 
ATOM   779  C  CA  . GLU A 1 93  ? 6.810   -11.261 -9.669  1.00 19.01 ? 94  GLU A CA  1 
ATOM   780  C  C   . GLU A 1 93  ? 6.176   -10.687 -8.409  1.00 19.82 ? 94  GLU A C   1 
ATOM   781  O  O   . GLU A 1 93  ? 5.040   -10.203 -8.449  1.00 20.69 ? 94  GLU A O   1 
ATOM   782  C  CB  . GLU A 1 93  ? 6.551   -12.763 -9.794  1.00 21.53 ? 94  GLU A CB  1 
ATOM   783  C  CG  . GLU A 1 93  ? 7.004   -13.306 -11.141 1.00 26.28 ? 94  GLU A CG  1 
ATOM   784  C  CD  . GLU A 1 93  ? 7.001   -14.819 -11.213 1.00 32.39 ? 94  GLU A CD  1 
ATOM   785  O  OE1 . GLU A 1 93  ? 5.905   -15.415 -11.287 1.00 33.59 ? 94  GLU A OE1 1 
ATOM   786  O  OE2 . GLU A 1 93  ? 8.104   -15.408 -11.188 1.00 31.90 ? 94  GLU A OE2 1 
ATOM   787  N  N   . ALA A 1 94  ? 6.894   -10.708 -7.282  1.00 19.39 ? 95  ALA A N   1 
ATOM   788  C  CA  . ALA A 1 94  ? 6.374   -10.041 -6.092  1.00 20.04 ? 95  ALA A CA  1 
ATOM   789  C  C   . ALA A 1 94  ? 6.205   -8.544  -6.331  1.00 17.65 ? 95  ALA A C   1 
ATOM   790  O  O   . ALA A 1 94  ? 5.196   -7.955  -5.930  1.00 21.76 ? 95  ALA A O   1 
ATOM   791  C  CB  . ALA A 1 94  ? 7.280   -10.300 -4.887  1.00 18.97 ? 95  ALA A CB  1 
ATOM   792  N  N   . LEU A 1 95  ? 7.180   -7.911  -6.992  1.00 20.00 ? 96  LEU A N   1 
ATOM   793  C  CA  . LEU A 1 95  ? 7.081   -6.478  -7.262  1.00 19.34 ? 96  LEU A CA  1 
ATOM   794  C  C   . LEU A 1 95  ? 5.943   -6.173  -8.223  1.00 19.15 ? 96  LEU A C   1 
ATOM   795  O  O   . LEU A 1 95  ? 5.313   -5.113  -8.136  1.00 20.03 ? 96  LEU A O   1 
ATOM   796  C  CB  . LEU A 1 95  ? 8.395   -5.949  -7.836  1.00 15.87 ? 96  LEU A CB  1 
ATOM   797  C  CG  . LEU A 1 95  ? 9.569   -5.902  -6.855  1.00 17.97 ? 96  LEU A CG  1 
ATOM   798  C  CD1 . LEU A 1 95  ? 10.821  -5.404  -7.570  1.00 17.40 ? 96  LEU A CD1 1 
ATOM   799  C  CD2 . LEU A 1 95  ? 9.257   -5.052  -5.622  1.00 16.72 ? 96  LEU A CD2 1 
ATOM   800  N  N   . GLU A 1 96  ? 5.708   -7.065  -9.184  1.00 18.14 ? 97  GLU A N   1 
ATOM   801  C  CA  . GLU A 1 96  ? 4.574   -6.889  -10.080 1.00 19.96 ? 97  GLU A CA  1 
ATOM   802  C  C   . GLU A 1 96  ? 3.269   -7.046  -9.320  1.00 16.21 ? 97  GLU A C   1 
ATOM   803  O  O   . GLU A 1 96  ? 2.312   -6.302  -9.555  1.00 22.89 ? 97  GLU A O   1 
ATOM   804  C  CB  . GLU A 1 96  ? 4.677   -7.887  -11.241 1.00 18.93 ? 97  GLU A CB  1 
ATOM   805  C  CG  . GLU A 1 96  ? 5.792   -7.532  -12.222 1.00 21.14 ? 97  GLU A CG  1 
ATOM   806  C  CD  . GLU A 1 96  ? 6.141   -8.656  -13.189 1.00 27.30 ? 97  GLU A CD  1 
ATOM   807  O  OE1 . GLU A 1 96  ? 5.936   -9.841  -12.855 1.00 29.30 ? 97  GLU A OE1 1 
ATOM   808  O  OE2 . GLU A 1 96  ? 6.636   -8.347  -14.286 1.00 28.60 ? 97  GLU A OE2 1 
ATOM   809  N  N   . SER A 1 97  ? 3.218   -8.001  -8.388  1.00 18.51 ? 98  SER A N   1 
ATOM   810  C  CA  . SER A 1 97  ? 2.052   -8.107  -7.516  1.00 20.61 ? 98  SER A CA  1 
ATOM   811  C  C   . SER A 1 97  ? 1.902   -6.860  -6.653  1.00 19.89 ? 98  SER A C   1 
ATOM   812  O  O   . SER A 1 97  ? 0.789   -6.363  -6.454  1.00 21.24 ? 98  SER A O   1 
ATOM   813  C  CB  . SER A 1 97  ? 2.159   -9.353  -6.635  1.00 22.61 ? 98  SER A CB  1 
ATOM   814  O  OG  . SER A 1 97  ? 2.276   -10.535 -7.418  1.00 22.47 ? 98  SER A OG  1 
ATOM   815  N  N   . ALA A 1 98  ? 3.015   -6.339  -6.124  1.00 18.84 ? 99  ALA A N   1 
ATOM   816  C  CA  . ALA A 1 98  ? 2.943   -5.117  -5.322  1.00 16.59 ? 99  ALA A CA  1 
ATOM   817  C  C   . ALA A 1 98  ? 2.435   -3.944  -6.152  1.00 19.59 ? 99  ALA A C   1 
ATOM   818  O  O   . ALA A 1 98  ? 1.672   -3.109  -5.658  1.00 20.46 ? 99  ALA A O   1 
ATOM   819  C  CB  . ALA A 1 98  ? 4.315   -4.792  -4.729  1.00 18.58 ? 99  ALA A CB  1 
ATOM   820  N  N   . LEU A 1 99  ? 2.852   -3.869  -7.417  1.00 18.33 ? 100 LEU A N   1 
ATOM   821  C  CA  . LEU A 1 99  ? 2.382   -2.802  -8.296  1.00 22.89 ? 100 LEU A CA  1 
ATOM   822  C  C   . LEU A 1 99  ? 0.867   -2.848  -8.448  1.00 21.51 ? 100 LEU A C   1 
ATOM   823  O  O   . LEU A 1 99  ? 0.190   -1.815  -8.385  1.00 23.04 ? 100 LEU A O   1 
ATOM   824  C  CB  . LEU A 1 99  ? 3.071   -2.913  -9.661  1.00 20.93 ? 100 LEU A CB  1 
ATOM   825  C  CG  . LEU A 1 99  ? 2.678   -1.873  -10.717 1.00 25.46 ? 100 LEU A CG  1 
ATOM   826  C  CD1 . LEU A 1 99  ? 2.618   -0.473  -10.127 1.00 23.48 ? 100 LEU A CD1 1 
ATOM   827  C  CD2 . LEU A 1 99  ? 3.650   -1.903  -11.895 1.00 24.19 ? 100 LEU A CD2 1 
ATOM   828  N  N   . GLN A 1 100 ? 0.314   -4.042  -8.653  1.00 24.98 ? 101 GLN A N   1 
ATOM   829  C  CA  . GLN A 1 100 ? -1.134  -4.155  -8.777  1.00 21.51 ? 101 GLN A CA  1 
ATOM   830  C  C   . GLN A 1 100 ? -1.825  -3.779  -7.474  1.00 22.33 ? 101 GLN A C   1 
ATOM   831  O  O   . GLN A 1 100 ? -2.869  -3.124  -7.491  1.00 21.64 ? 101 GLN A O   1 
ATOM   832  C  CB  . GLN A 1 100 ? -1.505  -5.564  -9.230  1.00 24.58 ? 101 GLN A CB  1 
ATOM   833  C  CG  . GLN A 1 100 ? -1.031  -5.851  -10.661 1.00 26.46 ? 101 GLN A CG  1 
ATOM   834  C  CD  . GLN A 1 100 ? -1.362  -4.707  -11.623 1.00 41.34 ? 101 GLN A CD  1 
ATOM   835  O  OE1 . GLN A 1 100 ? -0.481  -4.166  -12.304 1.00 41.41 ? 101 GLN A OE1 1 
ATOM   836  N  NE2 . GLN A 1 100 ? -2.642  -4.334  -11.681 1.00 37.35 ? 101 GLN A NE2 1 
ATOM   837  N  N   . LEU A 1 101 ? -1.237  -4.145  -6.333  1.00 23.59 ? 102 LEU A N   1 
ATOM   838  C  CA  . LEU A 1 101 ? -1.798  -3.739  -5.044  1.00 19.28 ? 102 LEU A CA  1 
ATOM   839  C  C   . LEU A 1 101 ? -1.821  -2.220  -4.903  1.00 23.64 ? 102 LEU A C   1 
ATOM   840  O  O   . LEU A 1 101 ? -2.841  -1.637  -4.512  1.00 20.38 ? 102 LEU A O   1 
ATOM   841  C  CB  . LEU A 1 101 ? -0.996  -4.377  -3.904  1.00 20.54 ? 102 LEU A CB  1 
ATOM   842  C  CG  . LEU A 1 101 ? -1.274  -3.940  -2.461  1.00 23.90 ? 102 LEU A CG  1 
ATOM   843  C  CD1 . LEU A 1 101 ? -2.647  -4.411  -1.981  1.00 20.63 ? 102 LEU A CD1 1 
ATOM   844  C  CD2 . LEU A 1 101 ? -0.179  -4.455  -1.528  1.00 22.84 ? 102 LEU A CD2 1 
ATOM   845  N  N   . GLU A 1 102 ? -0.698  -1.556  -5.213  1.00 20.60 ? 103 GLU A N   1 
ATOM   846  C  CA  . GLU A 1 102 ? -0.644  -0.107  -5.045  1.00 22.67 ? 103 GLU A CA  1 
ATOM   847  C  C   . GLU A 1 102 ? -1.636  0.589   -5.967  1.00 21.95 ? 103 GLU A C   1 
ATOM   848  O  O   . GLU A 1 102 ? -2.236  1.605   -5.590  1.00 22.44 ? 103 GLU A O   1 
ATOM   849  C  CB  . GLU A 1 102 ? 0.779   0.413   -5.287  1.00 23.16 ? 103 GLU A CB  1 
ATOM   850  C  CG  . GLU A 1 102 ? 1.820   -0.093  -4.275  1.00 21.90 ? 103 GLU A CG  1 
ATOM   851  C  CD  . GLU A 1 102 ? 1.722   0.575   -2.904  1.00 25.24 ? 103 GLU A CD  1 
ATOM   852  O  OE1 . GLU A 1 102 ? 0.904   1.505   -2.735  1.00 28.90 ? 103 GLU A OE1 1 
ATOM   853  O  OE2 . GLU A 1 102 ? 2.476   0.173   -1.991  1.00 27.86 ? 103 GLU A OE2 1 
ATOM   854  N  N   . LYS A 1 103 ? -1.833  0.047   -7.174  1.00 22.33 ? 104 LYS A N   1 
ATOM   855  C  CA  . LYS A 1 103 ? -2.819  0.617   -8.089  1.00 23.81 ? 104 LYS A CA  1 
ATOM   856  C  C   . LYS A 1 103 ? -4.243  0.417   -7.576  1.00 22.85 ? 104 LYS A C   1 
ATOM   857  O  O   . LYS A 1 103 ? -5.089  1.305   -7.735  1.00 22.96 ? 104 LYS A O   1 
ATOM   858  C  CB  . LYS A 1 103 ? -2.658  0.014   -9.481  1.00 19.98 ? 104 LYS A CB  1 
ATOM   859  C  CG  . LYS A 1 103 ? -1.425  0.509   -10.211 1.00 23.16 ? 104 LYS A CG  1 
ATOM   860  C  CD  . LYS A 1 103 ? -1.285  -0.131  -11.578 1.00 31.73 ? 104 LYS A CD  1 
ATOM   861  C  CE  . LYS A 1 103 ? -2.109  0.606   -12.620 1.00 30.98 ? 104 LYS A CE  1 
ATOM   862  N  NZ  . LYS A 1 103 ? -1.850  0.049   -13.975 1.00 38.16 ? 104 LYS A NZ  1 
ATOM   863  N  N   . SER A 1 104 ? -4.532  -0.740  -6.968  1.00 22.68 ? 105 SER A N   1 
ATOM   864  C  CA  . SER A 1 104 ? -5.844  -0.928  -6.354  1.00 23.43 ? 105 SER A CA  1 
ATOM   865  C  C   . SER A 1 104 ? -6.046  0.024   -5.188  1.00 23.59 ? 105 SER A C   1 
ATOM   866  O  O   . SER A 1 104 ? -7.129  0.600   -5.028  1.00 24.41 ? 105 SER A O   1 
ATOM   867  C  CB  . SER A 1 104 ? -6.018  -2.364  -5.872  1.00 22.33 ? 105 SER A CB  1 
ATOM   868  O  OG  . SER A 1 104 ? -5.869  -3.269  -6.940  1.00 32.21 ? 105 SER A OG  1 
ATOM   869  N  N   . VAL A 1 105 ? -5.034  0.169   -4.331  1.00 22.90 ? 106 VAL A N   1 
ATOM   870  C  CA  . VAL A 1 105 ? -5.147  1.125   -3.231  1.00 19.96 ? 106 VAL A CA  1 
ATOM   871  C  C   . VAL A 1 105 ? -5.331  2.530   -3.778  1.00 21.42 ? 106 VAL A C   1 
ATOM   872  O  O   . VAL A 1 105 ? -6.139  3.312   -3.266  1.00 22.01 ? 106 VAL A O   1 
ATOM   873  C  CB  . VAL A 1 105 ? -3.921  1.038   -2.305  1.00 23.46 ? 106 VAL A CB  1 
ATOM   874  C  CG1 . VAL A 1 105 ? -3.965  2.166   -1.275  1.00 24.41 ? 106 VAL A CG1 1 
ATOM   875  C  CG2 . VAL A 1 105 ? -3.867  -0.323  -1.608  1.00 21.15 ? 106 VAL A CG2 1 
ATOM   876  N  N   . ASN A 1 106 ? -4.593  2.866   -4.839  1.00 21.87 ? 107 ASN A N   1 
ATOM   877  C  CA  . ASN A 1 106 ? -4.710  4.186   -5.445  1.00 23.24 ? 107 ASN A CA  1 
ATOM   878  C  C   . ASN A 1 106 ? -6.120  4.430   -5.964  1.00 23.03 ? 107 ASN A C   1 
ATOM   879  O  O   . ASN A 1 106 ? -6.680  5.515   -5.770  1.00 20.95 ? 107 ASN A O   1 
ATOM   880  C  CB  . ASN A 1 106 ? -3.703  4.340   -6.584  1.00 22.96 ? 107 ASN A CB  1 
ATOM   881  C  CG  . ASN A 1 106 ? -3.503  5.787   -6.990  1.00 23.22 ? 107 ASN A CG  1 
ATOM   882  O  OD1 . ASN A 1 106 ? -3.658  6.698   -6.171  1.00 24.18 ? 107 ASN A OD1 1 
ATOM   883  N  ND2 . ASN A 1 106 ? -3.153  6.008   -8.256  1.00 20.59 ? 107 ASN A ND2 1 
ATOM   884  N  N   . GLN A 1 107 ? -6.710  3.434   -6.627  1.00 22.94 ? 108 GLN A N   1 
ATOM   885  C  CA  . GLN A 1 107 ? -8.063  3.619   -7.148  1.00 21.84 ? 108 GLN A CA  1 
ATOM   886  C  C   . GLN A 1 107 ? -9.065  3.792   -6.016  1.00 22.32 ? 108 GLN A C   1 
ATOM   887  O  O   . GLN A 1 107 ? -10.009 4.583   -6.125  1.00 26.26 ? 108 GLN A O   1 
ATOM   888  C  CB  . GLN A 1 107 ? -8.466  2.441   -8.035  1.00 26.05 ? 108 GLN A CB  1 
ATOM   889  C  CG  . GLN A 1 107 ? -9.812  2.670   -8.742  1.00 26.02 ? 108 GLN A CG  1 
ATOM   890  C  CD  . GLN A 1 107 ? -9.786  3.905   -9.625  1.00 30.03 ? 108 GLN A CD  1 
ATOM   891  O  OE1 . GLN A 1 107 ? -8.978  3.998   -10.549 1.00 34.05 ? 108 GLN A OE1 1 
ATOM   892  N  NE2 . GLN A 1 107 ? -10.657 4.867   -9.333  1.00 29.33 ? 108 GLN A NE2 1 
ATOM   893  N  N   . SER A 1 108 ? -8.871  3.070   -4.914  1.00 21.48 ? 109 SER A N   1 
ATOM   894  C  CA  . SER A 1 108 ? -9.755  3.235   -3.768  1.00 23.42 ? 109 SER A CA  1 
ATOM   895  C  C   . SER A 1 108 ? -9.598  4.617   -3.140  1.00 22.18 ? 109 SER A C   1 
ATOM   896  O  O   . SER A 1 108 ? -10.577 5.210   -2.667  1.00 22.80 ? 109 SER A O   1 
ATOM   897  C  CB  . SER A 1 108 ? -9.487  2.123   -2.758  1.00 22.85 ? 109 SER A CB  1 
ATOM   898  O  OG  . SER A 1 108 ? -10.253 2.300   -1.580  1.00 29.98 ? 109 SER A OG  1 
ATOM   899  N  N   . LEU A 1 109 ? -8.377  5.157   -3.143  1.00 24.05 ? 110 LEU A N   1 
ATOM   900  C  CA  . LEU A 1 109 ? -8.167  6.521   -2.666  1.00 22.36 ? 110 LEU A CA  1 
ATOM   901  C  C   . LEU A 1 109 ? -8.848  7.537   -3.578  1.00 22.31 ? 110 LEU A C   1 
ATOM   902  O  O   . LEU A 1 109 ? -9.458  8.503   -3.100  1.00 19.49 ? 110 LEU A O   1 
ATOM   903  C  CB  . LEU A 1 109 ? -6.665  6.816   -2.567  1.00 23.44 ? 110 LEU A CB  1 
ATOM   904  C  CG  . LEU A 1 109 ? -5.918  6.157   -1.409  1.00 22.66 ? 110 LEU A CG  1 
ATOM   905  C  CD1 . LEU A 1 109 ? -4.400  6.362   -1.538  1.00 23.90 ? 110 LEU A CD1 1 
ATOM   906  C  CD2 . LEU A 1 109 ? -6.438  6.700   -0.094  1.00 20.29 ? 110 LEU A CD2 1 
ATOM   907  N  N   . LEU A 1 110 ? -8.732  7.347   -4.894  1.00 19.14 ? 111 LEU A N   1 
ATOM   908  C  CA  . LEU A 1 110 ? -9.400  8.243   -5.830  1.00 21.38 ? 111 LEU A CA  1 
ATOM   909  C  C   . LEU A 1 110 ? -10.915 8.169   -5.671  1.00 23.51 ? 111 LEU A C   1 
ATOM   910  O  O   . LEU A 1 110 ? -11.606 9.189   -5.773  1.00 25.38 ? 111 LEU A O   1 
ATOM   911  C  CB  . LEU A 1 110 ? -8.982  7.901   -7.261  1.00 19.33 ? 111 LEU A CB  1 
ATOM   912  C  CG  . LEU A 1 110 ? -7.510  8.168   -7.582  1.00 21.15 ? 111 LEU A CG  1 
ATOM   913  C  CD1 . LEU A 1 110 ? -7.101  7.649   -8.945  1.00 20.47 ? 111 LEU A CD1 1 
ATOM   914  C  CD2 . LEU A 1 110 ? -7.236  9.644   -7.471  1.00 19.51 ? 111 LEU A CD2 1 
ATOM   915  N  N   . ASP A 1 111 ? -11.447 6.964   -5.437  1.00 24.42 ? 112 ASP A N   1 
ATOM   916  C  CA  . ASP A 1 111 ? -12.877 6.815   -5.175  1.00 24.30 ? 112 ASP A CA  1 
ATOM   917  C  C   . ASP A 1 111 ? -13.265 7.509   -3.878  1.00 24.90 ? 112 ASP A C   1 
ATOM   918  O  O   . ASP A 1 111 ? -14.327 8.136   -3.792  1.00 22.55 ? 112 ASP A O   1 
ATOM   919  C  CB  . ASP A 1 111 ? -13.252 5.334   -5.113  1.00 24.25 ? 112 ASP A CB  1 
ATOM   920  C  CG  . ASP A 1 111 ? -13.146 4.636   -6.470  1.00 27.48 ? 112 ASP A CG  1 
ATOM   921  O  OD1 . ASP A 1 111 ? -13.009 5.320   -7.505  1.00 31.77 ? 112 ASP A OD1 1 
ATOM   922  O  OD2 . ASP A 1 111 ? -13.208 3.392   -6.497  1.00 33.37 ? 112 ASP A OD2 1 
ATOM   923  N  N   . LEU A 1 112 ? -12.408 7.411   -2.857  1.00 26.44 ? 113 LEU A N   1 
ATOM   924  C  CA  . LEU A 1 112 ? -12.640 8.131   -1.611  1.00 22.00 ? 113 LEU A CA  1 
ATOM   925  C  C   . LEU A 1 112 ? -12.651 9.633   -1.844  1.00 22.76 ? 113 LEU A C   1 
ATOM   926  O  O   . LEU A 1 112 ? -13.509 10.347  -1.309  1.00 22.92 ? 113 LEU A O   1 
ATOM   927  C  CB  . LEU A 1 112 ? -11.571 7.753   -0.586  1.00 23.77 ? 113 LEU A CB  1 
ATOM   928  C  CG  . LEU A 1 112 ? -11.518 8.557   0.711   1.00 23.27 ? 113 LEU A CG  1 
ATOM   929  C  CD1 . LEU A 1 112 ? -12.800 8.467   1.497   1.00 22.50 ? 113 LEU A CD1 1 
ATOM   930  C  CD2 . LEU A 1 112 ? -10.353 8.107   1.568   1.00 27.17 ? 113 LEU A CD2 1 
ATOM   931  N  N   . HIS A 1 113 ? -11.704 10.131  -2.645  1.00 22.89 ? 114 HIS A N   1 
ATOM   932  C  CA  . HIS A 1 113 ? -11.678 11.556  -2.951  1.00 22.95 ? 114 HIS A CA  1 
ATOM   933  C  C   . HIS A 1 113 ? -12.964 11.992  -3.647  1.00 24.36 ? 114 HIS A C   1 
ATOM   934  O  O   . HIS A 1 113 ? -13.505 13.066  -3.353  1.00 22.66 ? 114 HIS A O   1 
ATOM   935  C  CB  . HIS A 1 113 ? -10.461 11.898  -3.813  1.00 24.87 ? 114 HIS A CB  1 
ATOM   936  C  CG  . HIS A 1 113 ? -10.195 13.369  -3.916  1.00 26.20 ? 114 HIS A CG  1 
ATOM   937  N  ND1 . HIS A 1 113 ? -10.967 14.213  -4.686  1.00 18.82 ? 114 HIS A ND1 1 
ATOM   938  C  CD2 . HIS A 1 113 ? -9.254  14.149  -3.330  1.00 22.99 ? 114 HIS A CD2 1 
ATOM   939  C  CE1 . HIS A 1 113 ? -10.510 15.447  -4.576  1.00 22.86 ? 114 HIS A CE1 1 
ATOM   940  N  NE2 . HIS A 1 113 ? -9.471  15.438  -3.758  1.00 24.07 ? 114 HIS A NE2 1 
ATOM   941  N  N   . LYS A 1 114 ? -13.479 11.162  -4.561  1.00 25.12 ? 115 LYS A N   1 
ATOM   942  C  CA  . LYS A 1 114 ? -14.710 11.521  -5.265  1.00 25.62 ? 115 LYS A CA  1 
ATOM   943  C  C   . LYS A 1 114 ? -15.888 11.615  -4.310  1.00 21.94 ? 115 LYS A C   1 
ATOM   944  O  O   . LYS A 1 114 ? -16.722 12.516  -4.434  1.00 26.18 ? 115 LYS A O   1 
ATOM   945  C  CB  . LYS A 1 114 ? -15.012 10.515  -6.378  1.00 30.44 ? 115 LYS A CB  1 
ATOM   946  C  CG  . LYS A 1 114 ? -14.071 10.595  -7.567  1.00 38.38 ? 115 LYS A CG  1 
ATOM   947  C  CD  . LYS A 1 114 ? -14.685 9.934   -8.801  1.00 46.69 ? 115 LYS A CD  1 
ATOM   948  C  CE  . LYS A 1 114 ? -13.614 9.353   -9.714  1.00 51.76 ? 115 LYS A CE  1 
ATOM   949  N  NZ  . LYS A 1 114 ? -13.924 9.592   -11.161 1.00 50.53 ? 115 LYS A NZ  1 
ATOM   950  N  N   . VAL A 1 115 ? -15.974 10.697  -3.345  1.00 24.76 ? 116 VAL A N   1 
ATOM   951  C  CA  . VAL A 1 115 ? -17.054 10.748  -2.362  1.00 22.29 ? 116 VAL A CA  1 
ATOM   952  C  C   . VAL A 1 115 ? -16.996 12.051  -1.572  1.00 27.19 ? 116 VAL A C   1 
ATOM   953  O  O   . VAL A 1 115 ? -17.999 12.764  -1.431  1.00 27.18 ? 116 VAL A O   1 
ATOM   954  C  CB  . VAL A 1 115 ? -16.994 9.519   -1.437  1.00 25.28 ? 116 VAL A CB  1 
ATOM   955  C  CG1 . VAL A 1 115 ? -17.845 9.751   -0.203  1.00 20.74 ? 116 VAL A CG1 1 
ATOM   956  C  CG2 . VAL A 1 115 ? -17.449 8.248   -2.193  1.00 24.72 ? 116 VAL A CG2 1 
ATOM   957  N  N   . CYS A 1 116 ? -15.820 12.378  -1.032  1.00 24.43 ? 117 CYS A N   1 
ATOM   958  C  CA  . CYS A 1 116 ? -15.675 13.607  -0.262  1.00 22.18 ? 117 CYS A CA  1 
ATOM   959  C  C   . CYS A 1 116 ? -15.889 14.840  -1.126  1.00 23.96 ? 117 CYS A C   1 
ATOM   960  O  O   . CYS A 1 116 ? -16.430 15.846  -0.654  1.00 23.37 ? 117 CYS A O   1 
ATOM   961  C  CB  . CYS A 1 116 ? -14.291 13.652  0.391   1.00 20.38 ? 117 CYS A CB  1 
ATOM   962  S  SG  . CYS A 1 116 ? -13.993 12.277  1.523   1.00 24.92 ? 117 CYS A SG  1 
ATOM   963  N  N   . SER A 1 117 ? -15.449 14.790  -2.380  1.00 23.44 ? 118 SER A N   1 
ATOM   964  C  CA  . SER A 1 117 ? -15.685 15.903  -3.292  1.00 26.73 ? 118 SER A CA  1 
ATOM   965  C  C   . SER A 1 117 ? -17.178 16.092  -3.569  1.00 28.23 ? 118 SER A C   1 
ATOM   966  O  O   . SER A 1 117 ? -17.673 17.227  -3.564  1.00 27.91 ? 118 SER A O   1 
ATOM   967  C  CB  . SER A 1 117 ? -14.906 15.672  -4.588  1.00 28.31 ? 118 SER A CB  1 
ATOM   968  O  OG  . SER A 1 117 ? -15.096 16.749  -5.477  1.00 36.94 ? 118 SER A OG  1 
ATOM   969  N  N   . GLU A 1 118 ? -17.910 14.995  -3.801  1.00 24.36 ? 119 GLU A N   1 
ATOM   970  C  CA  . GLU A 1 118 ? -19.358 15.079  -4.000  1.00 32.13 ? 119 GLU A CA  1 
ATOM   971  C  C   . GLU A 1 118 ? -20.064 15.722  -2.811  1.00 29.22 ? 119 GLU A C   1 
ATOM   972  O  O   . GLU A 1 118 ? -21.037 16.461  -2.983  1.00 28.97 ? 119 GLU A O   1 
ATOM   973  C  CB  . GLU A 1 118 ? -19.945 13.691  -4.234  1.00 31.54 ? 119 GLU A CB  1 
ATOM   974  C  CG  . GLU A 1 118 ? -19.763 13.140  -5.624  1.00 40.65 ? 119 GLU A CG  1 
ATOM   975  C  CD  . GLU A 1 118 ? -20.548 11.864  -5.817  1.00 57.48 ? 119 GLU A CD  1 
ATOM   976  O  OE1 . GLU A 1 118 ? -21.778 11.952  -6.049  1.00 70.75 ? 119 GLU A OE1 1 
ATOM   977  O  OE2 . GLU A 1 118 ? -19.953 10.764  -5.708  1.00 55.01 ? 119 GLU A OE2 1 
ATOM   978  N  N   . HIS A 1 119 ? -19.618 15.428  -1.594  1.00 24.53 ? 120 HIS A N   1 
ATOM   979  C  CA  . HIS A 1 119 ? -20.246 16.015  -0.421  1.00 23.27 ? 120 HIS A CA  1 
ATOM   980  C  C   . HIS A 1 119 ? -19.602 17.329  -0.005  1.00 23.27 ? 120 HIS A C   1 
ATOM   981  O  O   . HIS A 1 119 ? -19.816 17.780  1.124   1.00 24.36 ? 120 HIS A O   1 
ATOM   982  C  CB  . HIS A 1 119 ? -20.245 15.008  0.728   1.00 27.81 ? 120 HIS A CB  1 
ATOM   983  C  CG  . HIS A 1 119 ? -21.137 13.830  0.476   1.00 29.25 ? 120 HIS A CG  1 
ATOM   984  N  ND1 . HIS A 1 119 ? -22.510 13.943  0.418   1.00 30.14 ? 120 HIS A ND1 1 
ATOM   985  C  CD2 . HIS A 1 119 ? -20.856 12.525  0.242   1.00 27.19 ? 120 HIS A CD2 1 
ATOM   986  C  CE1 . HIS A 1 119 ? -23.037 12.757  0.166   1.00 30.27 ? 120 HIS A CE1 1 
ATOM   987  N  NE2 . HIS A 1 119 ? -22.056 11.878  0.059   1.00 30.08 ? 120 HIS A NE2 1 
ATOM   988  N  N   . ASN A 1 120 ? -18.832 17.954  -0.898  1.00 22.25 ? 121 ASN A N   1 
ATOM   989  C  CA  . ASN A 1 120 ? -18.211 19.260  -0.654  1.00 21.55 ? 121 ASN A CA  1 
ATOM   990  C  C   . ASN A 1 120 ? -17.487 19.284  0.691   1.00 23.26 ? 121 ASN A C   1 
ATOM   991  O  O   . ASN A 1 120 ? -17.736 20.131  1.553   1.00 21.99 ? 121 ASN A O   1 
ATOM   992  C  CB  . ASN A 1 120 ? -19.244 20.388  -0.744  1.00 29.42 ? 121 ASN A CB  1 
ATOM   993  C  CG  . ASN A 1 120 ? -19.979 20.406  -2.082  1.00 30.89 ? 121 ASN A CG  1 
ATOM   994  O  OD1 . ASN A 1 120 ? -21.200 20.311  -2.121  1.00 39.52 ? 121 ASN A OD1 1 
ATOM   995  N  ND2 . ASN A 1 120 ? -19.236 20.528  -3.174  1.00 25.52 ? 121 ASN A ND2 1 
ATOM   996  N  N   . ASP A 1 121 ? -16.604 18.308  0.880   1.00 20.34 ? 122 ASP A N   1 
ATOM   997  C  CA  . ASP A 1 121 ? -15.801 18.210  2.092   1.00 18.73 ? 122 ASP A CA  1 
ATOM   998  C  C   . ASP A 1 121 ? -14.367 18.574  1.722   1.00 22.36 ? 122 ASP A C   1 
ATOM   999  O  O   . ASP A 1 121 ? -13.555 17.677  1.491   1.00 18.99 ? 122 ASP A O   1 
ATOM   1000 C  CB  . ASP A 1 121 ? -15.879 16.795  2.680   1.00 20.17 ? 122 ASP A CB  1 
ATOM   1001 C  CG  . ASP A 1 121 ? -15.246 16.685  4.067   1.00 21.75 ? 122 ASP A CG  1 
ATOM   1002 O  OD1 . ASP A 1 121 ? -14.406 17.535  4.433   1.00 21.80 ? 122 ASP A OD1 1 
ATOM   1003 O  OD2 . ASP A 1 121 ? -15.577 15.733  4.792   1.00 20.79 ? 122 ASP A OD2 1 
ATOM   1004 N  N   . PRO A 1 122 ? -14.022 19.862  1.626   1.00 18.32 ? 123 PRO A N   1 
ATOM   1005 C  CA  . PRO A 1 122 ? -12.669 20.207  1.171   1.00 20.33 ? 123 PRO A CA  1 
ATOM   1006 C  C   . PRO A 1 122 ? -11.583 19.839  2.162   1.00 21.54 ? 123 PRO A C   1 
ATOM   1007 O  O   . PRO A 1 122 ? -10.438 19.623  1.742   1.00 21.30 ? 123 PRO A O   1 
ATOM   1008 C  CB  . PRO A 1 122 ? -12.743 21.721  0.958   1.00 20.96 ? 123 PRO A CB  1 
ATOM   1009 C  CG  . PRO A 1 122 ? -13.788 22.167  1.915   1.00 22.62 ? 123 PRO A CG  1 
ATOM   1010 C  CD  . PRO A 1 122 ? -14.821 21.060  1.918   1.00 22.41 ? 123 PRO A CD  1 
ATOM   1011 N  N   . HIS A 1 123 ? -11.890 19.763  3.460   1.00 21.99 ? 124 HIS A N   1 
ATOM   1012 C  CA  . HIS A 1 123 ? -10.881 19.292  4.402   1.00 20.48 ? 124 HIS A CA  1 
ATOM   1013 C  C   . HIS A 1 123 ? -10.416 17.888  4.047   1.00 22.86 ? 124 HIS A C   1 
ATOM   1014 O  O   . HIS A 1 123 ? -9.209  17.615  3.995   1.00 20.94 ? 124 HIS A O   1 
ATOM   1015 C  CB  . HIS A 1 123 ? -11.403 19.305  5.834   1.00 22.12 ? 124 HIS A CB  1 
ATOM   1016 C  CG  . HIS A 1 123 ? -10.475 18.633  6.798   1.00 20.74 ? 124 HIS A CG  1 
ATOM   1017 N  ND1 . HIS A 1 123 ? -10.669 17.344  7.248   1.00 19.92 ? 124 HIS A ND1 1 
ATOM   1018 C  CD2 . HIS A 1 123 ? -9.318  19.058  7.362   1.00 20.08 ? 124 HIS A CD2 1 
ATOM   1019 C  CE1 . HIS A 1 123 ? -9.688  17.014  8.069   1.00 20.70 ? 124 HIS A CE1 1 
ATOM   1020 N  NE2 . HIS A 1 123 ? -8.855  18.037  8.155   1.00 22.04 ? 124 HIS A NE2 1 
ATOM   1021 N  N   . MET A 1 124 ? -11.366 16.972  3.822   1.00 19.87 ? 125 MET A N   1 
ATOM   1022 C  CA  . MET A 1 124 ? -10.991 15.593  3.516   1.00 20.43 ? 125 MET A CA  1 
ATOM   1023 C  C   . MET A 1 124 ? -10.312 15.493  2.157   1.00 20.64 ? 125 MET A C   1 
ATOM   1024 O  O   . MET A 1 124 ? -9.369  14.712  1.987   1.00 19.21 ? 125 MET A O   1 
ATOM   1025 C  CB  . MET A 1 124 ? -12.216 14.676  3.562   1.00 21.59 ? 125 MET A CB  1 
ATOM   1026 C  CG  . MET A 1 124 ? -12.551 14.092  4.927   1.00 24.16 ? 125 MET A CG  1 
ATOM   1027 S  SD  . MET A 1 124 ? -11.180 13.240  5.751   1.00 26.38 ? 125 MET A SD  1 
ATOM   1028 C  CE  . MET A 1 124 ? -10.580 12.152  4.470   1.00 23.55 ? 125 MET A CE  1 
ATOM   1029 N  N   . CYS A 1 125 ? -10.795 16.246  1.167   1.00 21.86 ? 126 CYS A N   1 
ATOM   1030 C  CA  . CYS A 1 125 ? -10.178 16.201  -0.156  1.00 21.03 ? 126 CYS A CA  1 
ATOM   1031 C  C   . CYS A 1 125 ? -8.700  16.577  -0.085  1.00 23.62 ? 126 CYS A C   1 
ATOM   1032 O  O   . CYS A 1 125 ? -7.846  15.905  -0.676  1.00 23.67 ? 126 CYS A O   1 
ATOM   1033 C  CB  . CYS A 1 125 ? -10.928 17.127  -1.119  1.00 20.73 ? 126 CYS A CB  1 
ATOM   1034 S  SG  . CYS A 1 125 ? -12.564 16.476  -1.620  1.00 24.02 ? 126 CYS A SG  1 
ATOM   1035 N  N   . ASP A 1 126 ? -8.376  17.644  0.644   1.00 22.11 ? 127 ASP A N   1 
ATOM   1036 C  CA  . ASP A 1 126 ? -6.977  18.064  0.705   1.00 24.18 ? 127 ASP A CA  1 
ATOM   1037 C  C   . ASP A 1 126 ? -6.158  17.174  1.629   1.00 25.87 ? 127 ASP A C   1 
ATOM   1038 O  O   . ASP A 1 126 ? -4.954  16.997  1.404   1.00 24.04 ? 127 ASP A O   1 
ATOM   1039 C  CB  . ASP A 1 126 ? -6.882  19.522  1.144   1.00 21.48 ? 127 ASP A CB  1 
ATOM   1040 C  CG  . ASP A 1 126 ? -5.473  20.095  0.988   1.00 26.35 ? 127 ASP A CG  1 
ATOM   1041 O  OD1 . ASP A 1 126 ? -4.974  20.260  -0.159  1.00 25.98 ? 127 ASP A OD1 1 
ATOM   1042 O  OD2 . ASP A 1 126 ? -4.883  20.399  2.030   1.00 23.17 ? 127 ASP A OD2 1 
ATOM   1043 N  N   . PHE A 1 127 ? -6.789  16.603  2.657   1.00 20.47 ? 128 PHE A N   1 
ATOM   1044 C  CA  . PHE A 1 127 ? -6.116  15.602  3.472   1.00 22.25 ? 128 PHE A CA  1 
ATOM   1045 C  C   . PHE A 1 127 ? -5.675  14.420  2.618   1.00 23.23 ? 128 PHE A C   1 
ATOM   1046 O  O   . PHE A 1 127 ? -4.550  13.925  2.755   1.00 24.89 ? 128 PHE A O   1 
ATOM   1047 C  CB  . PHE A 1 127 ? -7.046  15.152  4.605   1.00 22.10 ? 128 PHE A CB  1 
ATOM   1048 C  CG  . PHE A 1 127 ? -6.533  13.982  5.399   1.00 25.41 ? 128 PHE A CG  1 
ATOM   1049 C  CD1 . PHE A 1 127 ? -5.725  14.176  6.509   1.00 28.30 ? 128 PHE A CD1 1 
ATOM   1050 C  CD2 . PHE A 1 127 ? -6.871  12.682  5.041   1.00 23.18 ? 128 PHE A CD2 1 
ATOM   1051 C  CE1 . PHE A 1 127 ? -5.262  13.093  7.241   1.00 26.41 ? 128 PHE A CE1 1 
ATOM   1052 C  CE2 . PHE A 1 127 ? -6.406  11.607  5.763   1.00 23.95 ? 128 PHE A CE2 1 
ATOM   1053 C  CZ  . PHE A 1 127 ? -5.602  11.811  6.864   1.00 25.57 ? 128 PHE A CZ  1 
ATOM   1054 N  N   . ILE A 1 128 ? -6.548  13.962  1.717   1.00 20.57 ? 129 ILE A N   1 
ATOM   1055 C  CA  . ILE A 1 128 ? -6.189  12.860  0.826   1.00 18.42 ? 129 ILE A CA  1 
ATOM   1056 C  C   . ILE A 1 128 ? -5.127  13.306  -0.165  1.00 21.08 ? 129 ILE A C   1 
ATOM   1057 O  O   . ILE A 1 128 ? -4.155  12.584  -0.419  1.00 21.22 ? 129 ILE A O   1 
ATOM   1058 C  CB  . ILE A 1 128 ? -7.435  12.325  0.099   1.00 22.07 ? 129 ILE A CB  1 
ATOM   1059 C  CG1 . ILE A 1 128 ? -8.437  11.738  1.098   1.00 21.08 ? 129 ILE A CG1 1 
ATOM   1060 C  CG2 . ILE A 1 128 ? -7.032  11.317  -1.001  1.00 18.75 ? 129 ILE A CG2 1 
ATOM   1061 C  CD1 . ILE A 1 128 ? -9.825  11.603  0.509   1.00 25.04 ? 129 ILE A CD1 1 
ATOM   1062 N  N   . GLU A 1 129 ? -5.310  14.490  -0.759  1.00 18.89 ? 130 GLU A N   1 
ATOM   1063 C  CA  . GLU A 1 129 ? -4.318  15.039  -1.679  1.00 22.34 ? 130 GLU A CA  1 
ATOM   1064 C  C   . GLU A 1 129 ? -2.955  15.175  -1.006  1.00 23.09 ? 130 GLU A C   1 
ATOM   1065 O  O   . GLU A 1 129 ? -1.931  14.767  -1.561  1.00 26.91 ? 130 GLU A O   1 
ATOM   1066 C  CB  . GLU A 1 129 ? -4.785  16.400  -2.200  1.00 23.27 ? 130 GLU A CB  1 
ATOM   1067 C  CG  . GLU A 1 129 ? -5.982  16.341  -3.132  1.00 20.55 ? 130 GLU A CG  1 
ATOM   1068 C  CD  . GLU A 1 129 ? -6.741  17.657  -3.189  1.00 24.27 ? 130 GLU A CD  1 
ATOM   1069 O  OE1 . GLU A 1 129 ? -6.145  18.725  -2.912  1.00 27.30 ? 130 GLU A OE1 1 
ATOM   1070 O  OE2 . GLU A 1 129 ? -7.948  17.614  -3.511  1.00 25.12 ? 130 GLU A OE2 1 
ATOM   1071 N  N   . THR A 1 130 ? -2.929  15.749  0.198   1.00 26.33 ? 131 THR A N   1 
ATOM   1072 C  CA  . THR A 1 130 ? -1.659  16.044  0.853   1.00 24.95 ? 131 THR A CA  1 
ATOM   1073 C  C   . THR A 1 130 ? -0.941  14.771  1.288   1.00 23.17 ? 131 THR A C   1 
ATOM   1074 O  O   . THR A 1 130 ? 0.276   14.643  1.104   1.00 27.87 ? 131 THR A O   1 
ATOM   1075 C  CB  . THR A 1 130 ? -1.898  16.960  2.057   1.00 22.37 ? 131 THR A CB  1 
ATOM   1076 O  OG1 . THR A 1 130 ? -2.507  18.173  1.610   1.00 24.75 ? 131 THR A OG1 1 
ATOM   1077 C  CG2 . THR A 1 130 ? -0.589  17.290  2.776   1.00 26.26 ? 131 THR A CG2 1 
ATOM   1078 N  N   . HIS A 1 131 ? -1.665  13.818  1.862   1.00 22.09 ? 132 HIS A N   1 
ATOM   1079 C  CA  . HIS A 1 131 ? -1.014  12.716  2.549   1.00 21.59 ? 132 HIS A CA  1 
ATOM   1080 C  C   . HIS A 1 131 ? -1.007  11.413  1.767   1.00 24.74 ? 132 HIS A C   1 
ATOM   1081 O  O   . HIS A 1 131 ? -0.247  10.511  2.128   1.00 24.97 ? 132 HIS A O   1 
ATOM   1082 C  CB  . HIS A 1 131 ? -1.666  12.500  3.918   1.00 26.91 ? 132 HIS A CB  1 
ATOM   1083 C  CG  . HIS A 1 131 ? -1.439  13.634  4.864   1.00 27.58 ? 132 HIS A CG  1 
ATOM   1084 N  ND1 . HIS A 1 131 ? -2.438  14.505  5.246   1.00 31.56 ? 132 HIS A ND1 1 
ATOM   1085 C  CD2 . HIS A 1 131 ? -0.311  14.066  5.473   1.00 26.52 ? 132 HIS A CD2 1 
ATOM   1086 C  CE1 . HIS A 1 131 ? -1.938  15.414  6.064   1.00 26.07 ? 132 HIS A CE1 1 
ATOM   1087 N  NE2 . HIS A 1 131 ? -0.649  15.168  6.218   1.00 32.41 ? 132 HIS A NE2 1 
ATOM   1088 N  N   . TYR A 1 132 ? -1.799  11.292  0.696   1.00 21.90 ? 133 TYR A N   1 
ATOM   1089 C  CA  . TYR A 1 132 ? -1.899  9.964   0.089   1.00 21.84 ? 133 TYR A CA  1 
ATOM   1090 C  C   . TYR A 1 132 ? -1.657  9.934   -1.409  1.00 23.95 ? 133 TYR A C   1 
ATOM   1091 O  O   . TYR A 1 132 ? -1.024  8.993   -1.899  1.00 22.68 ? 133 TYR A O   1 
ATOM   1092 C  CB  . TYR A 1 132 ? -3.283  9.349   0.400   1.00 25.43 ? 133 TYR A CB  1 
ATOM   1093 C  CG  . TYR A 1 132 ? -3.431  8.978   1.860   1.00 20.75 ? 133 TYR A CG  1 
ATOM   1094 C  CD1 . TYR A 1 132 ? -3.798  9.928   2.801   1.00 20.27 ? 133 TYR A CD1 1 
ATOM   1095 C  CD2 . TYR A 1 132 ? -3.183  7.677   2.298   1.00 22.64 ? 133 TYR A CD2 1 
ATOM   1096 C  CE1 . TYR A 1 132 ? -3.914  9.599   4.149   1.00 22.77 ? 133 TYR A CE1 1 
ATOM   1097 C  CE2 . TYR A 1 132 ? -3.304  7.333   3.647   1.00 20.83 ? 133 TYR A CE2 1 
ATOM   1098 C  CZ  . TYR A 1 132 ? -3.659  8.297   4.563   1.00 21.99 ? 133 TYR A CZ  1 
ATOM   1099 O  OH  . TYR A 1 132 ? -3.772  7.966   5.900   1.00 22.98 ? 133 TYR A OH  1 
ATOM   1100 N  N   . LEU A 1 133 ? -2.160  10.919  -2.156  1.00 21.44 ? 134 LEU A N   1 
ATOM   1101 C  CA  . LEU A 1 133 ? -2.195  10.766  -3.607  1.00 21.31 ? 134 LEU A CA  1 
ATOM   1102 C  C   . LEU A 1 133 ? -0.794  10.817  -4.203  1.00 21.37 ? 134 LEU A C   1 
ATOM   1103 O  O   . LEU A 1 133 ? -0.439  9.970   -5.024  1.00 21.26 ? 134 LEU A O   1 
ATOM   1104 C  CB  . LEU A 1 133 ? -3.101  11.822  -4.233  1.00 19.63 ? 134 LEU A CB  1 
ATOM   1105 C  CG  . LEU A 1 133 ? -4.572  11.648  -3.858  1.00 18.85 ? 134 LEU A CG  1 
ATOM   1106 C  CD1 . LEU A 1 133 ? -5.441  12.590  -4.671  1.00 20.14 ? 134 LEU A CD1 1 
ATOM   1107 C  CD2 . LEU A 1 133 ? -5.020  10.182  -4.018  1.00 20.13 ? 134 LEU A CD2 1 
ATOM   1108 N  N   . ASP A 1 134 ? 0.029   11.785  -3.788  1.00 23.91 ? 135 ASP A N   1 
ATOM   1109 C  CA  . ASP A 1 134 ? 1.376   11.831  -4.349  1.00 24.36 ? 135 ASP A CA  1 
ATOM   1110 C  C   . ASP A 1 134 ? 2.244   10.692  -3.823  1.00 23.77 ? 135 ASP A C   1 
ATOM   1111 O  O   . ASP A 1 134 ? 3.082   10.168  -4.563  1.00 20.45 ? 135 ASP A O   1 
ATOM   1112 C  CB  . ASP A 1 134 ? 2.045   13.177  -4.084  1.00 29.01 ? 135 ASP A CB  1 
ATOM   1113 C  CG  . ASP A 1 134 ? 3.258   13.404  -4.990  1.00 38.62 ? 135 ASP A CG  1 
ATOM   1114 O  OD1 . ASP A 1 134 ? 3.129   13.234  -6.230  1.00 37.24 ? 135 ASP A OD1 1 
ATOM   1115 O  OD2 . ASP A 1 134 ? 4.346   13.728  -4.470  1.00 35.32 ? 135 ASP A OD2 1 
ATOM   1116 N  N   . GLU A 1 135 ? 2.060   10.288  -2.564  1.00 25.17 ? 136 GLU A N   1 
ATOM   1117 C  CA  . GLU A 1 135 ? 2.760   9.110   -2.061  1.00 25.42 ? 136 GLU A CA  1 
ATOM   1118 C  C   . GLU A 1 135 ? 2.469   7.893   -2.927  1.00 25.34 ? 136 GLU A C   1 
ATOM   1119 O  O   . GLU A 1 135 ? 3.364   7.104   -3.252  1.00 22.86 ? 136 GLU A O   1 
ATOM   1120 C  CB  . GLU A 1 135 ? 2.344   8.831   -0.615  1.00 28.67 ? 136 GLU A CB  1 
ATOM   1121 C  CG  . GLU A 1 135 ? 2.967   7.565   -0.054  1.00 34.20 ? 136 GLU A CG  1 
ATOM   1122 C  CD  . GLU A 1 135 ? 4.481   7.584   -0.139  1.00 47.87 ? 136 GLU A CD  1 
ATOM   1123 O  OE1 . GLU A 1 135 ? 5.079   8.593   0.305   1.00 50.24 ? 136 GLU A OE1 1 
ATOM   1124 O  OE2 . GLU A 1 135 ? 5.074   6.603   -0.656  1.00 47.08 ? 136 GLU A OE2 1 
ATOM   1125 N  N   . GLN A 1 136 ? 1.200   7.719   -3.285  1.00 22.91 ? 137 GLN A N   1 
ATOM   1126 C  CA  . GLN A 1 136 ? 0.784   6.596   -4.114  1.00 21.00 ? 137 GLN A CA  1 
ATOM   1127 C  C   . GLN A 1 136 ? 1.424   6.665   -5.503  1.00 21.04 ? 137 GLN A C   1 
ATOM   1128 O  O   . GLN A 1 136 ? 1.940   5.668   -6.016  1.00 19.37 ? 137 GLN A O   1 
ATOM   1129 C  CB  . GLN A 1 136 ? -0.743  6.611   -4.196  1.00 22.97 ? 137 GLN A CB  1 
ATOM   1130 C  CG  . GLN A 1 136 ? -1.407  5.273   -4.263  1.00 28.21 ? 137 GLN A CG  1 
ATOM   1131 C  CD  . GLN A 1 136 ? -0.970  4.331   -3.172  1.00 28.61 ? 137 GLN A CD  1 
ATOM   1132 O  OE1 . GLN A 1 136 ? -0.890  4.698   -2.000  1.00 31.71 ? 137 GLN A OE1 1 
ATOM   1133 N  NE2 . GLN A 1 136 ? -0.670  3.103   -3.557  1.00 25.96 ? 137 GLN A NE2 1 
ATOM   1134 N  N   . VAL A 1 137 ? 1.386   7.842   -6.129  1.00 20.25 ? 138 VAL A N   1 
ATOM   1135 C  CA  . VAL A 1 137 ? 1.990   8.011   -7.454  1.00 20.92 ? 138 VAL A CA  1 
ATOM   1136 C  C   . VAL A 1 137 ? 3.480   7.684   -7.414  1.00 21.41 ? 138 VAL A C   1 
ATOM   1137 O  O   . VAL A 1 137 ? 4.007   6.974   -8.285  1.00 18.24 ? 138 VAL A O   1 
ATOM   1138 C  CB  . VAL A 1 137 ? 1.744   9.444   -7.966  1.00 22.24 ? 138 VAL A CB  1 
ATOM   1139 C  CG1 . VAL A 1 137 ? 2.739   9.792   -9.068  1.00 19.17 ? 138 VAL A CG1 1 
ATOM   1140 C  CG2 . VAL A 1 137 ? 0.306   9.596   -8.465  1.00 20.76 ? 138 VAL A CG2 1 
ATOM   1141 N  N   . LYS A 1 138 ? 4.186   8.184   -6.397  1.00 19.42 ? 139 LYS A N   1 
ATOM   1142 C  CA  . LYS A 1 138 ? 5.611   7.890   -6.278  1.00 20.47 ? 139 LYS A CA  1 
ATOM   1143 C  C   . LYS A 1 138 ? 5.869   6.397   -6.072  1.00 20.53 ? 139 LYS A C   1 
ATOM   1144 O  O   . LYS A 1 138 ? 6.804   5.835   -6.659  1.00 17.96 ? 139 LYS A O   1 
ATOM   1145 C  CB  . LYS A 1 138 ? 6.214   8.707   -5.137  1.00 25.06 ? 139 LYS A CB  1 
ATOM   1146 C  CG  . LYS A 1 138 ? 6.575   10.136  -5.534  1.00 32.19 ? 139 LYS A CG  1 
ATOM   1147 C  CD  . LYS A 1 138 ? 6.519   11.117  -4.352  1.00 36.04 ? 139 LYS A CD  1 
ATOM   1148 C  CE  . LYS A 1 138 ? 6.890   10.478  -3.009  1.00 42.82 ? 139 LYS A CE  1 
ATOM   1149 N  NZ  . LYS A 1 138 ? 8.208   9.767   -3.002  1.00 52.74 ? 139 LYS A NZ  1 
ATOM   1150 N  N   . SER A 1 139 ? 5.040   5.735   -5.249  1.00 19.31 ? 140 SER A N   1 
ATOM   1151 C  CA  . SER A 1 139 ? 5.239   4.307   -4.989  1.00 20.78 ? 140 SER A CA  1 
ATOM   1152 C  C   . SER A 1 139 ? 5.005   3.482   -6.246  1.00 22.99 ? 140 SER A C   1 
ATOM   1153 O  O   . SER A 1 139 ? 5.732   2.515   -6.512  1.00 21.54 ? 140 SER A O   1 
ATOM   1154 C  CB  . SER A 1 139 ? 4.302   3.831   -3.876  1.00 23.56 ? 140 SER A CB  1 
ATOM   1155 O  OG  . SER A 1 139 ? 4.618   4.438   -2.640  1.00 29.04 ? 140 SER A OG  1 
ATOM   1156 N  N   . ILE A 1 140 ? 3.991   3.853   -7.025  1.00 21.48 ? 141 ILE A N   1 
ATOM   1157 C  CA  . ILE A 1 140 ? 3.684   3.148   -8.262  1.00 20.89 ? 141 ILE A CA  1 
ATOM   1158 C  C   . ILE A 1 140 ? 4.806   3.343   -9.276  1.00 21.56 ? 141 ILE A C   1 
ATOM   1159 O  O   . ILE A 1 140 ? 5.281   2.381   -9.891  1.00 22.51 ? 141 ILE A O   1 
ATOM   1160 C  CB  . ILE A 1 140 ? 2.315   3.621   -8.798  1.00 18.49 ? 141 ILE A CB  1 
ATOM   1161 C  CG1 . ILE A 1 140 ? 1.188   3.035   -7.935  1.00 19.32 ? 141 ILE A CG1 1 
ATOM   1162 C  CG2 . ILE A 1 140 ? 2.126   3.258   -10.269 1.00 17.87 ? 141 ILE A CG2 1 
ATOM   1163 C  CD1 . ILE A 1 140 ? -0.117  3.820   -7.998  1.00 19.53 ? 141 ILE A CD1 1 
ATOM   1164 N  N   . LYS A 1 141 ? 5.251   4.591   -9.458  1.00 19.21 ? 142 LYS A N   1 
ATOM   1165 C  CA  . LYS A 1 141 ? 6.355   4.869   -10.371 1.00 19.13 ? 142 LYS A CA  1 
ATOM   1166 C  C   . LYS A 1 141 ? 7.601   4.073   -9.997  1.00 18.76 ? 142 LYS A C   1 
ATOM   1167 O  O   . LYS A 1 141 ? 8.269   3.507   -10.868 1.00 20.27 ? 142 LYS A O   1 
ATOM   1168 C  CB  . LYS A 1 141 ? 6.660   6.369   -10.378 1.00 19.56 ? 142 LYS A CB  1 
ATOM   1169 C  CG  . LYS A 1 141 ? 7.881   6.771   -11.217 1.00 20.73 ? 142 LYS A CG  1 
ATOM   1170 C  CD  . LYS A 1 141 ? 7.699   6.429   -12.687 1.00 18.41 ? 142 LYS A CD  1 
ATOM   1171 C  CE  . LYS A 1 141 ? 8.711   7.165   -13.566 1.00 23.00 ? 142 LYS A CE  1 
ATOM   1172 N  NZ  . LYS A 1 141 ? 10.145  6.937   -13.185 1.00 22.85 ? 142 LYS A NZ  1 
ATOM   1173 N  N   . GLU A 1 142 ? 7.930   4.022   -8.704  1.00 21.61 ? 143 GLU A N   1 
ATOM   1174 C  CA  . GLU A 1 142 ? 9.119   3.301   -8.269  1.00 18.44 ? 143 GLU A CA  1 
ATOM   1175 C  C   . GLU A 1 142 ? 9.012   1.815   -8.587  1.00 20.31 ? 143 GLU A C   1 
ATOM   1176 O  O   . GLU A 1 142 ? 9.959   1.208   -9.096  1.00 20.02 ? 143 GLU A O   1 
ATOM   1177 C  CB  . GLU A 1 142 ? 9.334   3.510   -6.771  1.00 20.65 ? 143 GLU A CB  1 
ATOM   1178 C  CG  . GLU A 1 142 ? 10.538  2.783   -6.222  1.00 20.12 ? 143 GLU A CG  1 
ATOM   1179 C  CD  . GLU A 1 142 ? 10.794  3.138   -4.762  1.00 20.62 ? 143 GLU A CD  1 
ATOM   1180 O  OE1 . GLU A 1 142 ? 9.942   2.824   -3.906  1.00 24.66 ? 143 GLU A OE1 1 
ATOM   1181 O  OE2 . GLU A 1 142 ? 11.834  3.759   -4.494  1.00 27.29 ? 143 GLU A OE2 1 
ATOM   1182 N  N   . LEU A 1 143 ? 7.864   1.210   -8.287  1.00 22.07 ? 144 LEU A N   1 
ATOM   1183 C  CA  . LEU A 1 143 ? 7.670   -0.198  -8.605  1.00 19.10 ? 144 LEU A CA  1 
ATOM   1184 C  C   . LEU A 1 143 ? 7.744   -0.436  -10.108 1.00 18.71 ? 144 LEU A C   1 
ATOM   1185 O  O   . LEU A 1 143 ? 8.347   -1.418  -10.558 1.00 21.31 ? 144 LEU A O   1 
ATOM   1186 C  CB  . LEU A 1 143 ? 6.341   -0.678  -8.029  1.00 20.05 ? 144 LEU A CB  1 
ATOM   1187 C  CG  . LEU A 1 143 ? 6.369   -0.766  -6.497  1.00 20.80 ? 144 LEU A CG  1 
ATOM   1188 C  CD1 . LEU A 1 143 ? 4.955   -0.872  -5.938  1.00 21.72 ? 144 LEU A CD1 1 
ATOM   1189 C  CD2 . LEU A 1 143 ? 7.208   -1.965  -6.045  1.00 17.04 ? 144 LEU A CD2 1 
ATOM   1190 N  N   . GLY A 1 144 ? 7.162   0.465   -10.899 1.00 19.65 ? 145 GLY A N   1 
ATOM   1191 C  CA  . GLY A 1 144 ? 7.299   0.367   -12.343 1.00 22.99 ? 145 GLY A CA  1 
ATOM   1192 C  C   . GLY A 1 144 ? 8.747   0.435   -12.796 1.00 20.62 ? 145 GLY A C   1 
ATOM   1193 O  O   . GLY A 1 144 ? 9.192   -0.374  -13.614 1.00 17.61 ? 145 GLY A O   1 
ATOM   1194 N  N   . ASP A 1 145 ? 9.502   1.404   -12.269 1.00 21.55 ? 146 ASP A N   1 
ATOM   1195 C  CA  . ASP A 1 145 ? 10.930  1.481   -12.569 1.00 18.52 ? 146 ASP A CA  1 
ATOM   1196 C  C   . ASP A 1 145 ? 11.612  0.143   -12.310 1.00 17.60 ? 146 ASP A C   1 
ATOM   1197 O  O   . ASP A 1 145 ? 12.383  -0.349  -13.140 1.00 19.01 ? 146 ASP A O   1 
ATOM   1198 C  CB  . ASP A 1 145 ? 11.608  2.565   -11.720 1.00 16.47 ? 146 ASP A CB  1 
ATOM   1199 C  CG  . ASP A 1 145 ? 11.188  3.972   -12.097 1.00 23.33 ? 146 ASP A CG  1 
ATOM   1200 O  OD1 . ASP A 1 145 ? 10.557  4.168   -13.168 1.00 22.56 ? 146 ASP A OD1 1 
ATOM   1201 O  OD2 . ASP A 1 145 ? 11.509  4.894   -11.318 1.00 23.40 ? 146 ASP A OD2 1 
ATOM   1202 N  N   . TRP A 1 146 ? 11.329  -0.463  -11.157 1.00 18.92 ? 147 TRP A N   1 
ATOM   1203 C  CA  . TRP A 1 146 ? 12.066  -1.655  -10.747 1.00 18.17 ? 147 TRP A CA  1 
ATOM   1204 C  C   . TRP A 1 146 ? 11.682  -2.863  -11.588 1.00 19.61 ? 147 TRP A C   1 
ATOM   1205 O  O   . TRP A 1 146 ? 12.540  -3.690  -11.930 1.00 19.94 ? 147 TRP A O   1 
ATOM   1206 C  CB  . TRP A 1 146 ? 11.834  -1.929  -9.262  1.00 14.43 ? 147 TRP A CB  1 
ATOM   1207 C  CG  . TRP A 1 146 ? 12.464  -0.890  -8.352  1.00 19.19 ? 147 TRP A CG  1 
ATOM   1208 C  CD1 . TRP A 1 146 ? 13.278  0.155   -8.726  1.00 17.92 ? 147 TRP A CD1 1 
ATOM   1209 C  CD2 . TRP A 1 146 ? 12.325  -0.794  -6.923  1.00 17.70 ? 147 TRP A CD2 1 
ATOM   1210 N  NE1 . TRP A 1 146 ? 13.654  0.880   -7.620  1.00 18.88 ? 147 TRP A NE1 1 
ATOM   1211 C  CE2 . TRP A 1 146 ? 13.087  0.320   -6.502  1.00 18.59 ? 147 TRP A CE2 1 
ATOM   1212 C  CE3 . TRP A 1 146 ? 11.636  -1.544  -5.962  1.00 19.51 ? 147 TRP A CE3 1 
ATOM   1213 C  CZ2 . TRP A 1 146 ? 13.173  0.706   -5.163  1.00 17.75 ? 147 TRP A CZ2 1 
ATOM   1214 C  CZ3 . TRP A 1 146 ? 11.727  -1.161  -4.625  1.00 19.24 ? 147 TRP A CZ3 1 
ATOM   1215 C  CH2 . TRP A 1 146 ? 12.488  -0.045  -4.242  1.00 17.32 ? 147 TRP A CH2 1 
ATOM   1216 N  N   . VAL A 1 147 ? 10.395  -3.005  -11.904 1.00 17.67 ? 148 VAL A N   1 
ATOM   1217 C  CA  . VAL A 1 147 ? 9.958   -4.126  -12.734 1.00 19.02 ? 148 VAL A CA  1 
ATOM   1218 C  C   . VAL A 1 147 ? 10.601  -4.037  -14.108 1.00 19.41 ? 148 VAL A C   1 
ATOM   1219 O  O   . VAL A 1 147 ? 11.056  -5.042  -14.667 1.00 20.69 ? 148 VAL A O   1 
ATOM   1220 C  CB  . VAL A 1 147 ? 8.419   -4.150  -12.819 1.00 17.99 ? 148 VAL A CB  1 
ATOM   1221 C  CG1 . VAL A 1 147 ? 7.961   -5.056  -13.944 1.00 24.51 ? 148 VAL A CG1 1 
ATOM   1222 C  CG2 . VAL A 1 147 ? 7.837   -4.588  -11.491 1.00 17.75 ? 148 VAL A CG2 1 
ATOM   1223 N  N   . THR A 1 148 ? 10.673  -2.823  -14.656 1.00 19.19 ? 149 THR A N   1 
ATOM   1224 C  CA  . THR A 1 148 ? 11.335  -2.617  -15.941 1.00 21.83 ? 149 THR A CA  1 
ATOM   1225 C  C   . THR A 1 148 ? 12.775  -3.103  -15.895 1.00 22.29 ? 149 THR A C   1 
ATOM   1226 O  O   . THR A 1 148 ? 13.225  -3.838  -16.782 1.00 20.66 ? 149 THR A O   1 
ATOM   1227 C  CB  . THR A 1 148 ? 11.287  -1.137  -16.312 1.00 20.49 ? 149 THR A CB  1 
ATOM   1228 O  OG1 . THR A 1 148 ? 9.946   -0.767  -16.634 1.00 21.16 ? 149 THR A OG1 1 
ATOM   1229 C  CG2 . THR A 1 148 ? 12.191  -0.856  -17.492 1.00 20.93 ? 149 THR A CG2 1 
ATOM   1230 N  N   . ASN A 1 149 ? 13.519  -2.706  -14.860 1.00 20.45 ? 150 ASN A N   1 
ATOM   1231 C  CA  . ASN A 1 149 ? 14.918  -3.110  -14.772 1.00 18.72 ? 150 ASN A CA  1 
ATOM   1232 C  C   . ASN A 1 149 ? 15.054  -4.622  -14.612 1.00 20.62 ? 150 ASN A C   1 
ATOM   1233 O  O   . ASN A 1 149 ? 15.908  -5.246  -15.251 1.00 19.17 ? 150 ASN A O   1 
ATOM   1234 C  CB  . ASN A 1 149 ? 15.605  -2.382  -13.614 1.00 21.60 ? 150 ASN A CB  1 
ATOM   1235 C  CG  . ASN A 1 149 ? 16.134  -1.018  -14.019 1.00 23.84 ? 150 ASN A CG  1 
ATOM   1236 O  OD1 . ASN A 1 149 ? 17.235  -0.899  -14.562 1.00 20.97 ? 150 ASN A OD1 1 
ATOM   1237 N  ND2 . ASN A 1 149 ? 15.351  0.014   -13.761 1.00 22.78 ? 150 ASN A ND2 1 
ATOM   1238 N  N   . LEU A 1 150 ? 14.229  -5.226  -13.759 1.00 17.23 ? 151 LEU A N   1 
ATOM   1239 C  CA  . LEU A 1 150 ? 14.333  -6.666  -13.529 1.00 19.26 ? 151 LEU A CA  1 
ATOM   1240 C  C   . LEU A 1 150 ? 14.035  -7.452  -14.802 1.00 20.92 ? 151 LEU A C   1 
ATOM   1241 O  O   . LEU A 1 150 ? 14.775  -8.371  -15.165 1.00 22.48 ? 151 LEU A O   1 
ATOM   1242 C  CB  . LEU A 1 150 ? 13.373  -7.091  -12.425 1.00 20.17 ? 151 LEU A CB  1 
ATOM   1243 C  CG  . LEU A 1 150 ? 13.818  -7.401  -10.992 1.00 27.51 ? 151 LEU A CG  1 
ATOM   1244 C  CD1 . LEU A 1 150 ? 15.302  -7.507  -10.847 1.00 21.29 ? 151 LEU A CD1 1 
ATOM   1245 C  CD2 . LEU A 1 150 ? 13.226  -6.415  -10.016 1.00 20.77 ? 151 LEU A CD2 1 
ATOM   1246 N  N   . ARG A 1 151 ? 12.936  -7.120  -15.479 1.00 20.22 ? 152 ARG A N   1 
ATOM   1247 C  CA  . ARG A 1 151 ? 12.555  -7.863  -16.677 1.00 21.14 ? 152 ARG A CA  1 
ATOM   1248 C  C   . ARG A 1 151 ? 13.580  -7.673  -17.785 1.00 21.29 ? 152 ARG A C   1 
ATOM   1249 O  O   . ARG A 1 151 ? 13.917  -8.627  -18.495 1.00 20.99 ? 152 ARG A O   1 
ATOM   1250 C  CB  . ARG A 1 151 ? 11.165  -7.432  -17.147 1.00 20.53 ? 152 ARG A CB  1 
ATOM   1251 C  CG  . ARG A 1 151 ? 10.039  -7.897  -16.252 1.00 20.44 ? 152 ARG A CG  1 
ATOM   1252 C  CD  . ARG A 1 151 ? 10.000  -9.425  -16.136 1.00 25.25 ? 152 ARG A CD  1 
ATOM   1253 N  NE  . ARG A 1 151 ? 8.838   -9.891  -15.378 1.00 22.59 ? 152 ARG A NE  1 
ATOM   1254 C  CZ  . ARG A 1 151 ? 8.443   -11.162 -15.312 1.00 26.74 ? 152 ARG A CZ  1 
ATOM   1255 N  NH1 . ARG A 1 151 ? 9.104   -12.105 -15.963 1.00 23.55 ? 152 ARG A NH1 1 
ATOM   1256 N  NH2 . ARG A 1 151 ? 7.379   -11.493 -14.598 1.00 24.34 ? 152 ARG A NH2 1 
ATOM   1257 N  N   . ARG A 1 152 ? 14.116  -6.459  -17.927 1.00 20.21 ? 153 ARG A N   1 
ATOM   1258 C  CA  . ARG A 1 152 ? 15.130  -6.239  -18.948 1.00 23.96 ? 153 ARG A CA  1 
ATOM   1259 C  C   . ARG A 1 152 ? 16.372  -7.062  -18.664 1.00 23.07 ? 153 ARG A C   1 
ATOM   1260 O  O   . ARG A 1 152 ? 17.061  -7.481  -19.596 1.00 22.56 ? 153 ARG A O   1 
ATOM   1261 C  CB  . ARG A 1 152 ? 15.483  -4.756  -19.040 1.00 25.79 ? 153 ARG A CB  1 
ATOM   1262 C  CG  . ARG A 1 152 ? 16.424  -4.388  -20.185 1.00 28.43 ? 153 ARG A CG  1 
ATOM   1263 C  CD  . ARG A 1 152 ? 16.507  -2.876  -20.300 1.00 29.02 ? 153 ARG A CD  1 
ATOM   1264 N  NE  . ARG A 1 152 ? 16.877  -2.296  -19.006 1.00 34.72 ? 153 ARG A NE  1 
ATOM   1265 C  CZ  . ARG A 1 152 ? 16.533  -1.083  -18.578 1.00 32.97 ? 153 ARG A CZ  1 
ATOM   1266 N  NH1 . ARG A 1 152 ? 16.933  -0.679  -17.379 1.00 33.16 ? 153 ARG A NH1 1 
ATOM   1267 N  NH2 . ARG A 1 152 ? 15.782  -0.286  -19.324 1.00 29.01 ? 153 ARG A NH2 1 
ATOM   1268 N  N   . MET A 1 153 ? 16.668  -7.316  -17.386 1.00 20.09 ? 154 MET A N   1 
ATOM   1269 C  CA  . MET A 1 153 ? 17.790  -8.172  -17.028 1.00 20.80 ? 154 MET A CA  1 
ATOM   1270 C  C   . MET A 1 153 ? 17.470  -9.657  -17.164 1.00 21.94 ? 154 MET A C   1 
ATOM   1271 O  O   . MET A 1 153 ? 18.358  -10.490 -16.934 1.00 26.49 ? 154 MET A O   1 
ATOM   1272 C  CB  . MET A 1 153 ? 18.244  -7.876  -15.600 1.00 19.90 ? 154 MET A CB  1 
ATOM   1273 C  CG  . MET A 1 153 ? 19.123  -6.645  -15.467 1.00 23.28 ? 154 MET A CG  1 
ATOM   1274 S  SD  . MET A 1 153 ? 19.947  -6.665  -13.869 1.00 36.13 ? 154 MET A SD  1 
ATOM   1275 C  CE  . MET A 1 153 ? 18.567  -6.090  -12.880 1.00 15.99 ? 154 MET A CE  1 
ATOM   1276 N  N   . GLY A 1 154 ? 16.237  -10.004 -17.521 1.00 24.57 ? 155 GLY A N   1 
ATOM   1277 C  CA  . GLY A 1 154 ? 15.835  -11.388 -17.681 1.00 25.18 ? 155 GLY A CA  1 
ATOM   1278 C  C   . GLY A 1 154 ? 15.296  -12.074 -16.443 1.00 25.55 ? 155 GLY A C   1 
ATOM   1279 O  O   . GLY A 1 154 ? 15.180  -13.307 -16.448 1.00 25.13 ? 155 GLY A O   1 
ATOM   1280 N  N   . ALA A 1 155 ? 14.984  -11.335 -15.376 1.00 22.17 ? 156 ALA A N   1 
ATOM   1281 C  CA  . ALA A 1 155 ? 14.417  -11.966 -14.182 1.00 19.02 ? 156 ALA A CA  1 
ATOM   1282 C  C   . ALA A 1 155 ? 13.046  -12.552 -14.521 1.00 21.53 ? 156 ALA A C   1 
ATOM   1283 O  O   . ALA A 1 155 ? 12.328  -11.986 -15.330 1.00 24.29 ? 156 ALA A O   1 
ATOM   1284 C  CB  . ALA A 1 155 ? 14.303  -10.968 -13.033 1.00 18.99 ? 156 ALA A CB  1 
ATOM   1285 N  N   . PRO A 1 156 ? 12.672  -13.684 -13.900 1.00 23.32 ? 157 PRO A N   1 
ATOM   1286 C  CA  . PRO A 1 156 ? 13.410  -14.469 -12.909 1.00 22.20 ? 157 PRO A CA  1 
ATOM   1287 C  C   . PRO A 1 156 ? 14.295  -15.560 -13.486 1.00 25.96 ? 157 PRO A C   1 
ATOM   1288 O  O   . PRO A 1 156 ? 15.003  -16.196 -12.719 1.00 25.82 ? 157 PRO A O   1 
ATOM   1289 C  CB  . PRO A 1 156 ? 12.293  -15.105 -12.079 1.00 22.52 ? 157 PRO A CB  1 
ATOM   1290 C  CG  . PRO A 1 156 ? 11.202  -15.334 -13.093 1.00 24.97 ? 157 PRO A CG  1 
ATOM   1291 C  CD  . PRO A 1 156 ? 11.286  -14.169 -14.059 1.00 26.08 ? 157 PRO A CD  1 
ATOM   1292 N  N   . GLN A 1 157 ? 14.253  -15.774 -14.804 1.00 29.01 ? 158 GLN A N   1 
ATOM   1293 C  CA  . GLN A 1 157 ? 15.012  -16.870 -15.404 1.00 27.49 ? 158 GLN A CA  1 
ATOM   1294 C  C   . GLN A 1 157 ? 16.510  -16.651 -15.274 1.00 23.88 ? 158 GLN A C   1 
ATOM   1295 O  O   . GLN A 1 157 ? 17.262  -17.606 -15.056 1.00 25.35 ? 158 GLN A O   1 
ATOM   1296 C  CB  . GLN A 1 157 ? 14.646  -17.038 -16.879 1.00 27.31 ? 158 GLN A CB  1 
ATOM   1297 C  CG  . GLN A 1 157 ? 13.253  -17.592 -17.115 1.00 35.52 ? 158 GLN A CG  1 
ATOM   1298 C  CD  . GLN A 1 157 ? 12.170  -16.571 -16.847 1.00 40.52 ? 158 GLN A CD  1 
ATOM   1299 O  OE1 . GLN A 1 157 ? 12.388  -15.361 -16.991 1.00 36.99 ? 158 GLN A OE1 1 
ATOM   1300 N  NE2 . GLN A 1 157 ? 10.991  -17.049 -16.448 1.00 43.04 ? 158 GLN A NE2 1 
ATOM   1301 N  N   . ASN A 1 158 ? 16.970  -15.420 -15.468 1.00 26.62 ? 159 ASN A N   1 
ATOM   1302 C  CA  . ASN A 1 158 ? 18.379  -15.118 -15.255 1.00 23.95 ? 159 ASN A CA  1 
ATOM   1303 C  C   . ASN A 1 158 ? 18.634  -15.104 -13.755 1.00 26.15 ? 159 ASN A C   1 
ATOM   1304 O  O   . ASN A 1 158 ? 18.232  -14.167 -13.057 1.00 23.55 ? 159 ASN A O   1 
ATOM   1305 C  CB  . ASN A 1 158 ? 18.758  -13.785 -15.899 1.00 21.92 ? 159 ASN A CB  1 
ATOM   1306 C  CG  . ASN A 1 158 ? 20.205  -13.393 -15.619 1.00 22.86 ? 159 ASN A CG  1 
ATOM   1307 O  OD1 . ASN A 1 158 ? 20.958  -14.160 -15.029 1.00 22.26 ? 159 ASN A OD1 1 
ATOM   1308 N  ND2 . ASN A 1 158 ? 20.596  -12.196 -16.044 1.00 24.21 ? 159 ASN A ND2 1 
ATOM   1309 N  N   . GLY A 1 159 ? 19.304  -16.144 -13.258 1.00 23.55 ? 160 GLY A N   1 
ATOM   1310 C  CA  . GLY A 1 159 ? 19.516  -16.280 -11.830 1.00 24.06 ? 160 GLY A CA  1 
ATOM   1311 C  C   . GLY A 1 159 ? 20.370  -15.187 -11.225 1.00 24.20 ? 160 GLY A C   1 
ATOM   1312 O  O   . GLY A 1 159 ? 20.310  -14.967 -10.011 1.00 24.52 ? 160 GLY A O   1 
ATOM   1313 N  N   . MET A 1 160 ? 21.163  -14.494 -12.039 1.00 24.32 ? 161 MET A N   1 
ATOM   1314 C  CA  . MET A 1 160 ? 21.968  -13.395 -11.523 1.00 22.22 ? 161 MET A CA  1 
ATOM   1315 C  C   . MET A 1 160 ? 21.175  -12.106 -11.347 1.00 23.00 ? 161 MET A C   1 
ATOM   1316 O  O   . MET A 1 160 ? 21.641  -11.209 -10.638 1.00 20.39 ? 161 MET A O   1 
ATOM   1317 C  CB  . MET A 1 160 ? 23.151  -13.121 -12.452 1.00 25.00 ? 161 MET A CB  1 
ATOM   1318 C  CG  . MET A 1 160 ? 24.285  -14.127 -12.357 1.00 27.06 ? 161 MET A CG  1 
ATOM   1319 S  SD  . MET A 1 160 ? 25.600  -13.676 -13.501 1.00 39.07 ? 161 MET A SD  1 
ATOM   1320 C  CE  . MET A 1 160 ? 24.717  -13.664 -15.051 1.00 34.35 ? 161 MET A CE  1 
ATOM   1321 N  N   . ALA A 1 161 ? 20.004  -11.987 -11.982 1.00 22.04 ? 162 ALA A N   1 
ATOM   1322 C  CA  . ALA A 1 161 ? 19.328  -10.693 -12.073 1.00 22.32 ? 162 ALA A CA  1 
ATOM   1323 C  C   . ALA A 1 161 ? 18.827  -10.228 -10.711 1.00 24.32 ? 162 ALA A C   1 
ATOM   1324 O  O   . ALA A 1 161 ? 19.134  -9.112  -10.265 1.00 20.08 ? 162 ALA A O   1 
ATOM   1325 C  CB  . ALA A 1 161 ? 18.170  -10.765 -13.076 1.00 20.72 ? 162 ALA A CB  1 
ATOM   1326 N  N   . GLU A 1 162 ? 18.034  -11.060 -10.034 1.00 18.27 ? 163 GLU A N   1 
ATOM   1327 C  CA  . GLU A 1 162 ? 17.480  -10.603 -8.768  1.00 21.45 ? 163 GLU A CA  1 
ATOM   1328 C  C   . GLU A 1 162 ? 18.559  -10.505 -7.698  1.00 18.53 ? 163 GLU A C   1 
ATOM   1329 O  O   . GLU A 1 162 ? 18.490  -9.622  -6.844  1.00 18.43 ? 163 GLU A O   1 
ATOM   1330 C  CB  . GLU A 1 162 ? 16.322  -11.503 -8.335  1.00 20.04 ? 163 GLU A CB  1 
ATOM   1331 C  CG  . GLU A 1 162 ? 15.150  -11.410 -9.326  1.00 21.53 ? 163 GLU A CG  1 
ATOM   1332 C  CD  . GLU A 1 162 ? 13.964  -12.295 -8.993  1.00 21.09 ? 163 GLU A CD  1 
ATOM   1333 O  OE1 . GLU A 1 162 ? 14.044  -13.093 -8.037  1.00 22.66 ? 163 GLU A OE1 1 
ATOM   1334 O  OE2 . GLU A 1 162 ? 12.930  -12.175 -9.692  1.00 25.33 ? 163 GLU A OE2 1 
ATOM   1335 N  N   . TYR A 1 163 ? 19.579  -11.368 -7.750  1.00 19.99 ? 164 TYR A N   1 
ATOM   1336 C  CA  . TYR A 1 163 ? 20.692  -11.244 -6.813  1.00 20.18 ? 164 TYR A CA  1 
ATOM   1337 C  C   . TYR A 1 163 ? 21.366  -9.881  -6.935  1.00 21.32 ? 164 TYR A C   1 
ATOM   1338 O  O   . TYR A 1 163 ? 21.574  -9.187  -5.932  1.00 21.24 ? 164 TYR A O   1 
ATOM   1339 C  CB  . TYR A 1 163 ? 21.716  -12.360 -7.040  1.00 21.17 ? 164 TYR A CB  1 
ATOM   1340 C  CG  . TYR A 1 163 ? 22.924  -12.224 -6.136  1.00 18.87 ? 164 TYR A CG  1 
ATOM   1341 C  CD1 . TYR A 1 163 ? 22.915  -12.756 -4.857  1.00 18.74 ? 164 TYR A CD1 1 
ATOM   1342 C  CD2 . TYR A 1 163 ? 24.065  -11.541 -6.556  1.00 17.75 ? 164 TYR A CD2 1 
ATOM   1343 C  CE1 . TYR A 1 163 ? 24.009  -12.625 -4.020  1.00 21.62 ? 164 TYR A CE1 1 
ATOM   1344 C  CE2 . TYR A 1 163 ? 25.169  -11.405 -5.723  1.00 18.46 ? 164 TYR A CE2 1 
ATOM   1345 C  CZ  . TYR A 1 163 ? 25.135  -11.947 -4.458  1.00 19.38 ? 164 TYR A CZ  1 
ATOM   1346 O  OH  . TYR A 1 163 ? 26.222  -11.815 -3.627  1.00 19.21 ? 164 TYR A OH  1 
ATOM   1347 N  N   . LEU A 1 164 ? 21.724  -9.478  -8.159  1.00 16.98 ? 165 LEU A N   1 
ATOM   1348 C  CA  . LEU A 1 164 ? 22.420  -8.207  -8.322  1.00 19.81 ? 165 LEU A CA  1 
ATOM   1349 C  C   . LEU A 1 164 ? 21.494  -7.026  -8.056  1.00 18.52 ? 165 LEU A C   1 
ATOM   1350 O  O   . LEU A 1 164 ? 21.906  -6.044  -7.434  1.00 22.23 ? 165 LEU A O   1 
ATOM   1351 C  CB  . LEU A 1 164 ? 23.037  -8.120  -9.711  1.00 18.98 ? 165 LEU A CB  1 
ATOM   1352 C  CG  . LEU A 1 164 ? 24.179  -9.120  -9.920  1.00 17.84 ? 165 LEU A CG  1 
ATOM   1353 C  CD1 . LEU A 1 164 ? 24.516  -9.212  -11.387 1.00 16.42 ? 165 LEU A CD1 1 
ATOM   1354 C  CD2 . LEU A 1 164 ? 25.424  -8.772  -9.096  1.00 18.11 ? 165 LEU A CD2 1 
ATOM   1355 N  N   . PHE A 1 165 ? 20.242  -7.101  -8.514  1.00 18.92 ? 166 PHE A N   1 
ATOM   1356 C  CA  . PHE A 1 165 ? 19.278  -6.042  -8.213  1.00 20.50 ? 166 PHE A CA  1 
ATOM   1357 C  C   . PHE A 1 165 ? 19.113  -5.863  -6.705  1.00 21.81 ? 166 PHE A C   1 
ATOM   1358 O  O   . PHE A 1 165 ? 19.032  -4.735  -6.206  1.00 18.46 ? 166 PHE A O   1 
ATOM   1359 C  CB  . PHE A 1 165 ? 17.931  -6.360  -8.861  1.00 19.44 ? 166 PHE A CB  1 
ATOM   1360 C  CG  . PHE A 1 165 ? 16.915  -5.265  -8.715  1.00 20.41 ? 166 PHE A CG  1 
ATOM   1361 C  CD1 . PHE A 1 165 ? 16.083  -5.210  -7.610  1.00 20.87 ? 166 PHE A CD1 1 
ATOM   1362 C  CD2 . PHE A 1 165 ? 16.816  -4.269  -9.673  1.00 19.82 ? 166 PHE A CD2 1 
ATOM   1363 C  CE1 . PHE A 1 165 ? 15.158  -4.192  -7.469  1.00 20.34 ? 166 PHE A CE1 1 
ATOM   1364 C  CE2 . PHE A 1 165 ? 15.893  -3.258  -9.540  1.00 20.18 ? 166 PHE A CE2 1 
ATOM   1365 C  CZ  . PHE A 1 165 ? 15.056  -3.224  -8.435  1.00 17.59 ? 166 PHE A CZ  1 
ATOM   1366 N  N   . ASP A 1 166 ? 19.056  -6.971  -5.970  1.00 20.22 ? 167 ASP A N   1 
ATOM   1367 C  CA  . ASP A 1 166 ? 18.973  -6.919  -4.514  1.00 18.02 ? 167 ASP A CA  1 
ATOM   1368 C  C   . ASP A 1 166 ? 20.180  -6.201  -3.916  1.00 21.38 ? 167 ASP A C   1 
ATOM   1369 O  O   . ASP A 1 166 ? 20.054  -5.472  -2.925  1.00 23.86 ? 167 ASP A O   1 
ATOM   1370 C  CB  . ASP A 1 166 ? 18.854  -8.351  -3.975  1.00 16.94 ? 167 ASP A CB  1 
ATOM   1371 C  CG  . ASP A 1 166 ? 18.888  -8.426  -2.458  1.00 21.47 ? 167 ASP A CG  1 
ATOM   1372 O  OD1 . ASP A 1 166 ? 19.990  -8.294  -1.880  1.00 19.21 ? 167 ASP A OD1 1 
ATOM   1373 O  OD2 . ASP A 1 166 ? 17.823  -8.656  -1.847  1.00 20.59 ? 167 ASP A OD2 1 
ATOM   1374 N  N   . LYS A 1 167 ? 21.360  -6.391  -4.506  1.00 20.65 ? 168 LYS A N   1 
ATOM   1375 C  CA  . LYS A 1 167 ? 22.545  -5.734  -3.969  1.00 21.76 ? 168 LYS A CA  1 
ATOM   1376 C  C   . LYS A 1 167 ? 22.617  -4.268  -4.383  1.00 23.72 ? 168 LYS A C   1 
ATOM   1377 O  O   . LYS A 1 167 ? 22.961  -3.414  -3.566  1.00 21.30 ? 168 LYS A O   1 
ATOM   1378 C  CB  . LYS A 1 167 ? 23.811  -6.476  -4.406  1.00 19.72 ? 168 LYS A CB  1 
ATOM   1379 C  CG  . LYS A 1 167 ? 23.852  -7.958  -4.004  1.00 17.68 ? 168 LYS A CG  1 
ATOM   1380 C  CD  . LYS A 1 167 ? 23.700  -8.156  -2.482  1.00 20.84 ? 168 LYS A CD  1 
ATOM   1381 C  CE  . LYS A 1 167 ? 23.223  -9.586  -2.171  1.00 25.20 ? 168 LYS A CE  1 
ATOM   1382 N  NZ  . LYS A 1 167 ? 21.960  -9.996  -2.960  1.00 19.60 ? 168 LYS A NZ  1 
ATOM   1383 N  N   . HIS A 1 168 ? 22.308  -3.948  -5.640  1.00 20.59 ? 169 HIS A N   1 
ATOM   1384 C  CA  . HIS A 1 168 ? 22.555  -2.590  -6.113  1.00 20.61 ? 169 HIS A CA  1 
ATOM   1385 C  C   . HIS A 1 168 ? 21.371  -1.658  -5.867  1.00 24.19 ? 169 HIS A C   1 
ATOM   1386 O  O   . HIS A 1 168 ? 21.539  -0.592  -5.272  1.00 30.89 ? 169 HIS A O   1 
ATOM   1387 C  CB  . HIS A 1 168 ? 22.923  -2.595  -7.601  1.00 19.33 ? 169 HIS A CB  1 
ATOM   1388 C  CG  . HIS A 1 168 ? 24.278  -3.172  -7.889  1.00 21.49 ? 169 HIS A CG  1 
ATOM   1389 N  ND1 . HIS A 1 168 ? 25.448  -2.481  -7.660  1.00 25.82 ? 169 HIS A ND1 1 
ATOM   1390 C  CD2 . HIS A 1 168 ? 24.645  -4.365  -8.417  1.00 22.76 ? 169 HIS A CD2 1 
ATOM   1391 C  CE1 . HIS A 1 168 ? 26.479  -3.230  -8.017  1.00 28.50 ? 169 HIS A CE1 1 
ATOM   1392 N  NE2 . HIS A 1 168 ? 26.018  -4.378  -8.479  1.00 23.75 ? 169 HIS A NE2 1 
ATOM   1393 N  N   . THR A 1 169 ? 20.171  -2.027  -6.318  1.00 20.30 ? 170 THR A N   1 
ATOM   1394 C  CA  . THR A 1 169 ? 19.051  -1.099  -6.178  1.00 19.75 ? 170 THR A CA  1 
ATOM   1395 C  C   . THR A 1 169 ? 18.457  -1.150  -4.780  1.00 21.67 ? 170 THR A C   1 
ATOM   1396 O  O   . THR A 1 169 ? 18.135  -0.108  -4.202  1.00 20.80 ? 170 THR A O   1 
ATOM   1397 C  CB  . THR A 1 169 ? 17.982  -1.394  -7.238  1.00 21.52 ? 170 THR A CB  1 
ATOM   1398 O  OG1 . THR A 1 169 ? 18.539  -1.173  -8.538  1.00 18.66 ? 170 THR A OG1 1 
ATOM   1399 C  CG2 . THR A 1 169 ? 16.760  -0.476  -7.060  1.00 22.82 ? 170 THR A CG2 1 
ATOM   1400 N  N   . LEU A 1 170 ? 18.333  -2.343  -4.204  1.00 19.16 ? 171 LEU A N   1 
ATOM   1401 C  CA  . LEU A 1 170 ? 17.713  -2.496  -2.899  1.00 18.83 ? 171 LEU A CA  1 
ATOM   1402 C  C   . LEU A 1 170 ? 18.694  -2.337  -1.732  1.00 23.40 ? 171 LEU A C   1 
ATOM   1403 O  O   . LEU A 1 170 ? 18.262  -2.325  -0.575  1.00 17.93 ? 171 LEU A O   1 
ATOM   1404 C  CB  . LEU A 1 170 ? 17.002  -3.857  -2.843  1.00 19.81 ? 171 LEU A CB  1 
ATOM   1405 C  CG  . LEU A 1 170 ? 15.514  -3.849  -3.232  1.00 24.48 ? 171 LEU A CG  1 
ATOM   1406 C  CD1 . LEU A 1 170 ? 15.183  -2.792  -4.252  1.00 20.89 ? 171 LEU A CD1 1 
ATOM   1407 C  CD2 . LEU A 1 170 ? 15.056  -5.211  -3.738  1.00 18.16 ? 171 LEU A CD2 1 
ATOM   1408 N  N   . GLY A 1 171 ? 19.993  -2.221  -1.981  1.00 18.79 ? 172 GLY A N   1 
ATOM   1409 C  CA  . GLY A 1 171 ? 20.856  -1.738  -0.898  1.00 30.75 ? 172 GLY A CA  1 
ATOM   1410 C  C   . GLY A 1 171 ? 21.029  -0.227  -0.966  1.00 30.57 ? 172 GLY A C   1 
ATOM   1411 O  O   . GLY A 1 171 ? 21.720  0.353   -0.131  1.00 50.38 ? 172 GLY A O   1 
HETATM 1412 FE FE  . FE  B 2 .   ? -0.988  2.914   1.618   1.00 41.37 ? 201 FE  A FE  1 
HETATM 1413 O  O   . HOH C 3 .   ? -5.461  20.135  4.054   1.00 29.57 ? 301 HOH A O   1 
HETATM 1414 O  O   . HOH C 3 .   ? -4.220  10.675  18.376  1.00 56.47 ? 302 HOH A O   1 
HETATM 1415 O  O   . HOH C 3 .   ? 18.840  -14.239 -8.283  1.00 25.75 ? 303 HOH A O   1 
HETATM 1416 O  O   . HOH C 3 .   ? -5.361  21.008  -2.413  0.33 13.24 ? 304 HOH A O   1 
HETATM 1417 O  O   . HOH C 3 .   ? 14.015  -0.621  -21.061 1.00 34.94 ? 305 HOH A O   1 
HETATM 1418 O  O   . HOH C 3 .   ? -17.173 1.311   5.545   1.00 28.38 ? 306 HOH A O   1 
HETATM 1419 O  O   . HOH C 3 .   ? 16.761  -13.345 -11.184 1.00 25.27 ? 307 HOH A O   1 
HETATM 1420 O  O   . HOH C 3 .   ? -2.375  -19.284 4.175   1.00 27.15 ? 308 HOH A O   1 
HETATM 1421 O  O   . HOH C 3 .   ? 11.140  6.160   -9.118  1.00 28.79 ? 309 HOH A O   1 
HETATM 1422 O  O   . HOH C 3 .   ? -6.606  -11.438 -0.122  1.00 21.54 ? 310 HOH A O   1 
HETATM 1423 O  O   . HOH C 3 .   ? -13.825 11.856  17.715  1.00 21.53 ? 311 HOH A O   1 
HETATM 1424 O  O   . HOH C 3 .   ? -20.808 7.953   13.388  1.00 31.95 ? 312 HOH A O   1 
HETATM 1425 O  O   . HOH C 3 .   ? 20.976  -9.042  0.409   1.00 25.59 ? 313 HOH A O   1 
HETATM 1426 O  O   . HOH C 3 .   ? 14.607  -16.116 9.371   1.00 21.86 ? 314 HOH A O   1 
HETATM 1427 O  O   . HOH C 3 .   ? -18.024 14.478  4.021   1.00 22.41 ? 315 HOH A O   1 
HETATM 1428 O  O   . HOH C 3 .   ? 0.499   -14.657 2.719   1.00 21.02 ? 316 HOH A O   1 
HETATM 1429 O  O   . HOH C 3 .   ? -14.831 20.024  5.106   1.00 20.93 ? 317 HOH A O   1 
HETATM 1430 O  O   . HOH C 3 .   ? 17.062  -0.041  -10.392 1.00 24.56 ? 318 HOH A O   1 
HETATM 1431 O  O   . HOH C 3 .   ? -23.368 15.047  18.573  1.00 43.21 ? 319 HOH A O   1 
HETATM 1432 O  O   . HOH C 3 .   ? -2.551  21.120  -0.747  0.33 31.27 ? 320 HOH A O   1 
HETATM 1433 O  O   . HOH C 3 .   ? 8.712   -17.753 -12.246 1.00 28.80 ? 321 HOH A O   1 
HETATM 1434 O  O   . HOH C 3 .   ? 9.798   -19.798 -6.919  1.00 33.33 ? 322 HOH A O   1 
HETATM 1435 O  O   . HOH C 3 .   ? 18.839  -23.651 1.542   1.00 30.89 ? 323 HOH A O   1 
HETATM 1436 O  O   . HOH C 3 .   ? 0.733   -16.967 3.957   1.00 20.91 ? 324 HOH A O   1 
HETATM 1437 O  O   . HOH C 3 .   ? -16.130 17.150  11.420  1.00 20.27 ? 325 HOH A O   1 
HETATM 1438 O  O   . HOH C 3 .   ? -12.641 18.583  14.264  1.00 17.59 ? 326 HOH A O   1 
HETATM 1439 O  O   . HOH C 3 .   ? 8.979   7.140   -7.604  1.00 22.89 ? 327 HOH A O   1 
HETATM 1440 O  O   . HOH C 3 .   ? 11.072  8.653   -11.305 1.00 30.47 ? 328 HOH A O   1 
HETATM 1441 O  O   . HOH C 3 .   ? -14.916 -8.214  9.093   1.00 27.87 ? 329 HOH A O   1 
HETATM 1442 O  O   . HOH C 3 .   ? -16.080 -0.906  8.809   1.00 25.52 ? 330 HOH A O   1 
HETATM 1443 O  O   . HOH C 3 .   ? -16.773 2.612   16.858  1.00 27.10 ? 331 HOH A O   1 
HETATM 1444 O  O   . HOH C 3 .   ? -8.023  -13.826 1.842   1.00 26.48 ? 332 HOH A O   1 
HETATM 1445 O  O   . HOH C 3 .   ? -11.901 -0.235  9.033   1.00 22.62 ? 333 HOH A O   1 
HETATM 1446 O  O   . HOH C 3 .   ? -6.922  18.832  4.969   1.00 25.16 ? 334 HOH A O   1 
HETATM 1447 O  O   . HOH C 3 .   ? 21.117  -12.394 -1.860  1.00 20.81 ? 335 HOH A O   1 
HETATM 1448 O  O   . HOH C 3 .   ? -13.750 6.022   16.510  1.00 20.59 ? 336 HOH A O   1 
HETATM 1449 O  O   . HOH C 3 .   ? 5.873   -18.802 1.776   1.00 25.70 ? 337 HOH A O   1 
HETATM 1450 O  O   . HOH C 3 .   ? -2.951  -10.528 -2.015  1.00 24.89 ? 338 HOH A O   1 
HETATM 1451 O  O   . HOH C 3 .   ? -19.373 16.688  3.722   1.00 23.37 ? 339 HOH A O   1 
HETATM 1452 O  O   . HOH C 3 .   ? -14.654 19.179  12.850  1.00 21.89 ? 340 HOH A O   1 
HETATM 1453 O  O   . HOH C 3 .   ? -1.594  -15.138 10.573  1.00 18.86 ? 341 HOH A O   1 
HETATM 1454 O  O   . HOH C 3 .   ? 3.823   -13.006 -6.924  1.00 23.08 ? 342 HOH A O   1 
HETATM 1455 O  O   . HOH C 3 .   ? 28.312  -5.736  -9.351  0.25 14.40 ? 343 HOH A O   1 
HETATM 1456 O  O   . HOH C 3 .   ? 3.418   -17.091 3.491   1.00 20.72 ? 344 HOH A O   1 
HETATM 1457 O  O   . HOH C 3 .   ? -12.179 13.499  -7.128  1.00 27.88 ? 345 HOH A O   1 
HETATM 1458 O  O   . HOH C 3 .   ? -14.335 -11.455 5.956   0.50 38.29 ? 346 HOH A O   1 
HETATM 1459 O  O   . HOH C 3 .   ? -10.834 11.151  -7.655  1.00 27.54 ? 347 HOH A O   1 
HETATM 1460 O  O   . HOH C 3 .   ? -12.520 -7.520  5.736   1.00 24.99 ? 348 HOH A O   1 
HETATM 1461 O  O   . HOH C 3 .   ? -22.470 19.985  9.521   1.00 29.95 ? 349 HOH A O   1 
HETATM 1462 O  O   . HOH C 3 .   ? -2.756  9.399   -6.613  1.00 17.91 ? 350 HOH A O   1 
HETATM 1463 O  O   . HOH C 3 .   ? -0.359  -11.313 -8.261  1.00 31.47 ? 351 HOH A O   1 
HETATM 1464 O  O   . HOH C 3 .   ? 24.672  -4.088  -1.353  1.00 32.31 ? 352 HOH A O   1 
HETATM 1465 O  O   . HOH C 3 .   ? 23.309  -5.428  0.885   1.00 29.00 ? 353 HOH A O   1 
HETATM 1466 O  O   . HOH C 3 .   ? -8.830  -7.034  4.389   1.00 24.23 ? 354 HOH A O   1 
HETATM 1467 O  O   . HOH C 3 .   ? -15.234 20.196  10.231  1.00 19.73 ? 355 HOH A O   1 
HETATM 1468 O  O   . HOH C 3 .   ? -20.471 10.143  14.666  1.00 35.54 ? 356 HOH A O   1 
HETATM 1469 O  O   . HOH C 3 .   ? 0.708   12.373  -0.959  1.00 29.08 ? 357 HOH A O   1 
HETATM 1470 O  O   . HOH C 3 .   ? 7.145   1.671   -3.957  1.00 30.38 ? 358 HOH A O   1 
HETATM 1471 O  O   . HOH C 3 .   ? 20.359  -11.797 0.452   1.00 24.03 ? 359 HOH A O   1 
HETATM 1472 O  O   . HOH C 3 .   ? 5.328   -15.188 4.449   1.00 19.03 ? 360 HOH A O   1 
HETATM 1473 O  O   . HOH C 3 .   ? 20.801  -18.371 -14.787 1.00 28.65 ? 361 HOH A O   1 
HETATM 1474 O  O   . HOH C 3 .   ? -24.504 12.521  6.787   1.00 36.07 ? 362 HOH A O   1 
HETATM 1475 O  O   . HOH C 3 .   ? 0.406   -19.412 -3.178  1.00 19.48 ? 363 HOH A O   1 
HETATM 1476 O  O   . HOH C 3 .   ? -15.094 -11.633 3.679   1.00 27.54 ? 364 HOH A O   1 
HETATM 1477 O  O   . HOH C 3 .   ? -21.809 16.561  9.950   1.00 28.84 ? 365 HOH A O   1 
HETATM 1478 O  O   . HOH C 3 .   ? -1.736  -4.764  12.095  1.00 34.22 ? 366 HOH A O   1 
HETATM 1479 O  O   . HOH C 3 .   ? -18.618 1.616   8.251   1.00 35.56 ? 367 HOH A O   1 
HETATM 1480 O  O   . HOH C 3 .   ? 7.150   -17.071 3.759   1.00 21.45 ? 368 HOH A O   1 
HETATM 1481 O  O   . HOH C 3 .   ? 22.022  -14.021 1.850   1.00 23.19 ? 369 HOH A O   1 
HETATM 1482 O  O   . HOH C 3 .   ? -15.367 -0.823  6.284   1.00 27.02 ? 370 HOH A O   1 
HETATM 1483 O  O   . HOH C 3 .   ? -13.871 20.628  7.709   1.00 23.32 ? 371 HOH A O   1 
HETATM 1484 O  O   . HOH C 3 .   ? 27.930  -6.907  -10.686 0.25 31.41 ? 372 HOH A O   1 
HETATM 1485 O  O   . HOH C 3 .   ? 15.586  1.047   -1.299  1.00 37.10 ? 373 HOH A O   1 
HETATM 1486 O  O   . HOH C 3 .   ? -9.640  -7.470  1.803   1.00 23.92 ? 374 HOH A O   1 
HETATM 1487 O  O   . HOH C 3 .   ? -21.696 5.397   14.670  1.00 34.08 ? 375 HOH A O   1 
HETATM 1488 O  O   . HOH C 3 .   ? -1.936  -11.866 -6.176  1.00 28.93 ? 376 HOH A O   1 
# 
loop_
_pdbx_poly_seq_scheme.asym_id 
_pdbx_poly_seq_scheme.entity_id 
_pdbx_poly_seq_scheme.seq_id 
_pdbx_poly_seq_scheme.mon_id 
_pdbx_poly_seq_scheme.ndb_seq_num 
_pdbx_poly_seq_scheme.pdb_seq_num 
_pdbx_poly_seq_scheme.auth_seq_num 
_pdbx_poly_seq_scheme.pdb_mon_id 
_pdbx_poly_seq_scheme.auth_mon_id 
_pdbx_poly_seq_scheme.pdb_strand_id 
_pdbx_poly_seq_scheme.pdb_ins_code 
_pdbx_poly_seq_scheme.hetero 
A 1 1   PRO 1   2   2   PRO PRO A . n 
A 1 2   SER 2   3   3   SER SER A . n 
A 1 3   VAL 3   4   4   VAL VAL A . n 
A 1 4   ARG 4   5   5   ARG ARG A . n 
A 1 5   GLN 5   6   6   GLN GLN A . n 
A 1 6   ASN 6   7   7   ASN ASN A . n 
A 1 7   PHE 7   8   8   PHE PHE A . n 
A 1 8   HIS 8   9   9   HIS HIS A . n 
A 1 9   GLN 9   10  10  GLN GLN A . n 
A 1 10  ASP 10  11  11  ASP ASP A . n 
A 1 11  SER 11  12  12  SER SER A . n 
A 1 12  GLU 12  13  13  GLU GLU A . n 
A 1 13  ALA 13  14  14  ALA ALA A . n 
A 1 14  ALA 14  15  15  ALA ALA A . n 
A 1 15  ILE 15  16  16  ILE ILE A . n 
A 1 16  ASN 16  17  17  ASN ASN A . n 
A 1 17  ARG 17  18  18  ARG ARG A . n 
A 1 18  GLN 18  19  19  GLN GLN A . n 
A 1 19  ILE 19  20  20  ILE ILE A . n 
A 1 20  ASN 20  21  21  ASN ASN A . n 
A 1 21  LEU 21  22  22  LEU LEU A . n 
A 1 22  GLU 22  23  23  GLU GLU A . n 
A 1 23  LEU 23  24  24  LEU LEU A . n 
A 1 24  TYR 24  25  25  TYR TYR A . n 
A 1 25  ALA 25  26  26  ALA ALA A . n 
A 1 26  SER 26  27  27  SER SER A . n 
A 1 27  TYR 27  28  28  TYR TYR A . n 
A 1 28  VAL 28  29  29  VAL VAL A . n 
A 1 29  TYR 29  30  30  TYR TYR A . n 
A 1 30  LEU 30  31  31  LEU LEU A . n 
A 1 31  SER 31  32  32  SER SER A . n 
A 1 32  MET 32  33  33  MET MET A . n 
A 1 33  ALA 33  34  34  ALA ALA A . n 
A 1 34  TYR 34  35  35  TYR TYR A . n 
A 1 35  TYR 35  36  36  TYR TYR A . n 
A 1 36  PHE 36  37  37  PHE PHE A . n 
A 1 37  ASP 37  38  38  ASP ASP A . n 
A 1 38  ARG 38  39  39  ARG ARG A . n 
A 1 39  ASP 39  40  40  ASP ASP A . n 
A 1 40  ASP 40  41  41  ASP ASP A . n 
A 1 41  GLN 41  42  42  GLN GLN A . n 
A 1 42  ALA 42  43  43  ALA ALA A . n 
A 1 43  LEU 43  44  44  LEU LEU A . n 
A 1 44  HIS 44  45  45  HIS HIS A . n 
A 1 45  ASN 45  46  46  ASN ASN A . n 
A 1 46  PHE 46  47  47  PHE PHE A . n 
A 1 47  ALA 47  48  48  ALA ALA A . n 
A 1 48  LYS 48  49  49  LYS LYS A . n 
A 1 49  PHE 49  50  50  PHE PHE A . n 
A 1 50  PHE 50  51  51  PHE PHE A . n 
A 1 51  LYS 51  52  52  LYS LYS A . n 
A 1 52  ASN 52  53  53  ASN ASN A . n 
A 1 53  GLN 53  54  54  GLN GLN A . n 
A 1 54  SER 54  55  55  SER SER A . n 
A 1 55  HIS 55  56  56  HIS HIS A . n 
A 1 56  GLU 56  57  57  GLU GLU A . n 
A 1 57  GLU 57  58  58  GLU GLU A . n 
A 1 58  ARG 58  59  59  ARG ARG A . n 
A 1 59  GLU 59  60  60  GLU GLU A . n 
A 1 60  HIS 60  61  61  HIS HIS A . n 
A 1 61  ALA 61  62  62  ALA ALA A . n 
A 1 62  GLU 62  63  63  GLU GLU A . n 
A 1 63  LYS 63  64  64  LYS LYS A . n 
A 1 64  LEU 64  65  65  LEU LEU A . n 
A 1 65  MET 65  66  66  MET MET A . n 
A 1 66  LYS 66  67  67  LYS LYS A . n 
A 1 67  VAL 67  68  68  VAL VAL A . n 
A 1 68  GLN 68  69  69  GLN GLN A . n 
A 1 69  ASN 69  70  70  ASN ASN A . n 
A 1 70  GLN 70  71  71  GLN GLN A . n 
A 1 71  ARG 71  72  72  ARG ARG A . n 
A 1 72  GLY 72  73  73  GLY GLY A . n 
A 1 73  GLY 73  74  74  GLY GLY A . n 
A 1 74  ARG 74  75  75  ARG ARG A . n 
A 1 75  ILE 75  76  76  ILE ILE A . n 
A 1 76  PHE 76  77  77  PHE PHE A . n 
A 1 77  LEU 77  78  78  LEU LEU A . n 
A 1 78  GLN 78  79  79  GLN GLN A . n 
A 1 79  ASP 79  80  80  ASP ASP A . n 
A 1 80  ILE 80  81  81  ILE ILE A . n 
A 1 81  LYS 81  82  82  LYS LYS A . n 
A 1 82  LYS 82  83  83  LYS LYS A . n 
A 1 83  PRO 83  84  84  PRO PRO A . n 
A 1 84  GLU 84  85  85  GLU GLU A . n 
A 1 85  LYS 85  86  86  LYS LYS A . n 
A 1 86  ASP 86  87  87  ASP ASP A . n 
A 1 87  GLU 87  88  88  GLU GLU A . n 
A 1 88  TRP 88  89  89  TRP TRP A . n 
A 1 89  VAL 89  90  90  VAL VAL A . n 
A 1 90  SER 90  91  91  SER SER A . n 
A 1 91  GLY 91  92  92  GLY GLY A . n 
A 1 92  VAL 92  93  93  VAL VAL A . n 
A 1 93  GLU 93  94  94  GLU GLU A . n 
A 1 94  ALA 94  95  95  ALA ALA A . n 
A 1 95  LEU 95  96  96  LEU LEU A . n 
A 1 96  GLU 96  97  97  GLU GLU A . n 
A 1 97  SER 97  98  98  SER SER A . n 
A 1 98  ALA 98  99  99  ALA ALA A . n 
A 1 99  LEU 99  100 100 LEU LEU A . n 
A 1 100 GLN 100 101 101 GLN GLN A . n 
A 1 101 LEU 101 102 102 LEU LEU A . n 
A 1 102 GLU 102 103 103 GLU GLU A . n 
A 1 103 LYS 103 104 104 LYS LYS A . n 
A 1 104 SER 104 105 105 SER SER A . n 
A 1 105 VAL 105 106 106 VAL VAL A . n 
A 1 106 ASN 106 107 107 ASN ASN A . n 
A 1 107 GLN 107 108 108 GLN GLN A . n 
A 1 108 SER 108 109 109 SER SER A . n 
A 1 109 LEU 109 110 110 LEU LEU A . n 
A 1 110 LEU 110 111 111 LEU LEU A . n 
A 1 111 ASP 111 112 112 ASP ASP A . n 
A 1 112 LEU 112 113 113 LEU LEU A . n 
A 1 113 HIS 113 114 114 HIS HIS A . n 
A 1 114 LYS 114 115 115 LYS LYS A . n 
A 1 115 VAL 115 116 116 VAL VAL A . n 
A 1 116 CYS 116 117 117 CYS CYS A . n 
A 1 117 SER 117 118 118 SER SER A . n 
A 1 118 GLU 118 119 119 GLU GLU A . n 
A 1 119 HIS 119 120 120 HIS HIS A . n 
A 1 120 ASN 120 121 121 ASN ASN A . n 
A 1 121 ASP 121 122 122 ASP ASP A . n 
A 1 122 PRO 122 123 123 PRO PRO A . n 
A 1 123 HIS 123 124 124 HIS HIS A . n 
A 1 124 MET 124 125 125 MET MET A . n 
A 1 125 CYS 125 126 126 CYS CYS A . n 
A 1 126 ASP 126 127 127 ASP ASP A . n 
A 1 127 PHE 127 128 128 PHE PHE A . n 
A 1 128 ILE 128 129 129 ILE ILE A . n 
A 1 129 GLU 129 130 130 GLU GLU A . n 
A 1 130 THR 130 131 131 THR THR A . n 
A 1 131 HIS 131 132 132 HIS HIS A . n 
A 1 132 TYR 132 133 133 TYR TYR A . n 
A 1 133 LEU 133 134 134 LEU LEU A . n 
A 1 134 ASP 134 135 135 ASP ASP A . n 
A 1 135 GLU 135 136 136 GLU GLU A . n 
A 1 136 GLN 136 137 137 GLN GLN A . n 
A 1 137 VAL 137 138 138 VAL VAL A . n 
A 1 138 LYS 138 139 139 LYS LYS A . n 
A 1 139 SER 139 140 140 SER SER A . n 
A 1 140 ILE 140 141 141 ILE ILE A . n 
A 1 141 LYS 141 142 142 LYS LYS A . n 
A 1 142 GLU 142 143 143 GLU GLU A . n 
A 1 143 LEU 143 144 144 LEU LEU A . n 
A 1 144 GLY 144 145 145 GLY GLY A . n 
A 1 145 ASP 145 146 146 ASP ASP A . n 
A 1 146 TRP 146 147 147 TRP TRP A . n 
A 1 147 VAL 147 148 148 VAL VAL A . n 
A 1 148 THR 148 149 149 THR THR A . n 
A 1 149 ASN 149 150 150 ASN ASN A . n 
A 1 150 LEU 150 151 151 LEU LEU A . n 
A 1 151 ARG 151 152 152 ARG ARG A . n 
A 1 152 ARG 152 153 153 ARG ARG A . n 
A 1 153 MET 153 154 154 MET MET A . n 
A 1 154 GLY 154 155 155 GLY GLY A . n 
A 1 155 ALA 155 156 156 ALA ALA A . n 
A 1 156 PRO 156 157 157 PRO PRO A . n 
A 1 157 GLN 157 158 158 GLN GLN A . n 
A 1 158 ASN 158 159 159 ASN ASN A . n 
A 1 159 GLY 159 160 160 GLY GLY A . n 
A 1 160 MET 160 161 161 MET MET A . n 
A 1 161 ALA 161 162 162 ALA ALA A . n 
A 1 162 GLU 162 163 163 GLU GLU A . n 
A 1 163 TYR 163 164 164 TYR TYR A . n 
A 1 164 LEU 164 165 165 LEU LEU A . n 
A 1 165 PHE 165 166 166 PHE PHE A . n 
A 1 166 ASP 166 167 167 ASP ASP A . n 
A 1 167 LYS 167 168 168 LYS LYS A . n 
A 1 168 HIS 168 169 169 HIS HIS A . n 
A 1 169 THR 169 170 170 THR THR A . n 
A 1 170 LEU 170 171 171 LEU LEU A . n 
A 1 171 GLY 171 172 172 GLY GLY A . n 
# 
loop_
_pdbx_nonpoly_scheme.asym_id 
_pdbx_nonpoly_scheme.entity_id 
_pdbx_nonpoly_scheme.mon_id 
_pdbx_nonpoly_scheme.ndb_seq_num 
_pdbx_nonpoly_scheme.pdb_seq_num 
_pdbx_nonpoly_scheme.auth_seq_num 
_pdbx_nonpoly_scheme.pdb_mon_id 
_pdbx_nonpoly_scheme.auth_mon_id 
_pdbx_nonpoly_scheme.pdb_strand_id 
_pdbx_nonpoly_scheme.pdb_ins_code 
B 2 FE  1  201 1  FE  FE  A . 
C 3 HOH 1  301 61 HOH HOH A . 
C 3 HOH 2  302 34 HOH HOH A . 
C 3 HOH 3  303 32 HOH HOH A . 
C 3 HOH 4  304 6  HOH HOH A . 
C 3 HOH 5  305 68 HOH HOH A . 
C 3 HOH 6  306 66 HOH HOH A . 
C 3 HOH 7  307 28 HOH HOH A . 
C 3 HOH 8  308 8  HOH HOH A . 
C 3 HOH 9  309 50 HOH HOH A . 
C 3 HOH 10 310 11 HOH HOH A . 
C 3 HOH 11 311 4  HOH HOH A . 
C 3 HOH 12 312 52 HOH HOH A . 
C 3 HOH 13 313 65 HOH HOH A . 
C 3 HOH 14 314 12 HOH HOH A . 
C 3 HOH 15 315 39 HOH HOH A . 
C 3 HOH 16 316 25 HOH HOH A . 
C 3 HOH 17 317 18 HOH HOH A . 
C 3 HOH 18 318 40 HOH HOH A . 
C 3 HOH 19 319 70 HOH HOH A . 
C 3 HOH 20 320 42 HOH HOH A . 
C 3 HOH 21 321 74 HOH HOH A . 
C 3 HOH 22 322 38 HOH HOH A . 
C 3 HOH 23 323 62 HOH HOH A . 
C 3 HOH 24 324 19 HOH HOH A . 
C 3 HOH 25 325 20 HOH HOH A . 
C 3 HOH 26 326 7  HOH HOH A . 
C 3 HOH 27 327 10 HOH HOH A . 
C 3 HOH 28 328 36 HOH HOH A . 
C 3 HOH 29 329 60 HOH HOH A . 
C 3 HOH 30 330 21 HOH HOH A . 
C 3 HOH 31 331 44 HOH HOH A . 
C 3 HOH 32 332 67 HOH HOH A . 
C 3 HOH 33 333 26 HOH HOH A . 
C 3 HOH 34 334 47 HOH HOH A . 
C 3 HOH 35 335 3  HOH HOH A . 
C 3 HOH 36 336 14 HOH HOH A . 
C 3 HOH 37 337 33 HOH HOH A . 
C 3 HOH 38 338 48 HOH HOH A . 
C 3 HOH 39 339 41 HOH HOH A . 
C 3 HOH 40 340 15 HOH HOH A . 
C 3 HOH 41 341 2  HOH HOH A . 
C 3 HOH 42 342 35 HOH HOH A . 
C 3 HOH 43 343 1  HOH HOH A . 
C 3 HOH 44 344 9  HOH HOH A . 
C 3 HOH 45 345 43 HOH HOH A . 
C 3 HOH 46 346 76 HOH HOH A . 
C 3 HOH 47 347 27 HOH HOH A . 
C 3 HOH 48 348 29 HOH HOH A . 
C 3 HOH 49 349 24 HOH HOH A . 
C 3 HOH 50 350 5  HOH HOH A . 
C 3 HOH 51 351 51 HOH HOH A . 
C 3 HOH 52 352 71 HOH HOH A . 
C 3 HOH 53 353 23 HOH HOH A . 
C 3 HOH 54 354 13 HOH HOH A . 
C 3 HOH 55 355 17 HOH HOH A . 
C 3 HOH 56 356 64 HOH HOH A . 
C 3 HOH 57 357 22 HOH HOH A . 
C 3 HOH 58 358 46 HOH HOH A . 
C 3 HOH 59 359 49 HOH HOH A . 
C 3 HOH 60 360 16 HOH HOH A . 
C 3 HOH 61 361 63 HOH HOH A . 
C 3 HOH 62 362 37 HOH HOH A . 
C 3 HOH 63 363 56 HOH HOH A . 
C 3 HOH 64 364 45 HOH HOH A . 
C 3 HOH 65 365 58 HOH HOH A . 
C 3 HOH 66 366 59 HOH HOH A . 
C 3 HOH 67 367 72 HOH HOH A . 
C 3 HOH 68 368 31 HOH HOH A . 
C 3 HOH 69 369 53 HOH HOH A . 
C 3 HOH 70 370 69 HOH HOH A . 
C 3 HOH 71 371 30 HOH HOH A . 
C 3 HOH 72 372 57 HOH HOH A . 
C 3 HOH 73 373 73 HOH HOH A . 
C 3 HOH 74 374 54 HOH HOH A . 
C 3 HOH 75 375 75 HOH HOH A . 
C 3 HOH 76 376 55 HOH HOH A . 
# 
_pdbx_struct_assembly.id                   1 
_pdbx_struct_assembly.details              author_and_software_defined_assembly 
_pdbx_struct_assembly.method_details       PISA 
_pdbx_struct_assembly.oligomeric_details   24-meric 
_pdbx_struct_assembly.oligomeric_count     24 
# 
_pdbx_struct_assembly_gen.assembly_id       1 
_pdbx_struct_assembly_gen.oper_expression   1,2,3,4,5,6,7,8,9,10,11,12,13,14,15,16,17,18,19,20,21,22,23,24 
_pdbx_struct_assembly_gen.asym_id_list      A,B,C 
# 
loop_
_pdbx_struct_assembly_prop.biol_id 
_pdbx_struct_assembly_prop.type 
_pdbx_struct_assembly_prop.value 
_pdbx_struct_assembly_prop.details 
1 'ABSA (A^2)' 97670  ? 
1 MORE         -669   ? 
1 'SSA (A^2)'  130850 ? 
# 
loop_
_pdbx_struct_oper_list.id 
_pdbx_struct_oper_list.type 
_pdbx_struct_oper_list.name 
_pdbx_struct_oper_list.symmetry_operation 
_pdbx_struct_oper_list.matrix[1][1] 
_pdbx_struct_oper_list.matrix[1][2] 
_pdbx_struct_oper_list.matrix[1][3] 
_pdbx_struct_oper_list.vector[1] 
_pdbx_struct_oper_list.matrix[2][1] 
_pdbx_struct_oper_list.matrix[2][2] 
_pdbx_struct_oper_list.matrix[2][3] 
_pdbx_struct_oper_list.vector[2] 
_pdbx_struct_oper_list.matrix[3][1] 
_pdbx_struct_oper_list.matrix[3][2] 
_pdbx_struct_oper_list.matrix[3][3] 
_pdbx_struct_oper_list.vector[3] 
1  'identity operation'         1_555  x,y,z    1.0000000000  0.0000000000  0.0000000000  0.0000000000   0.0000000000  1.0000000000  0.0000000000  0.0000000000   0.0000000000  0.0000000000  1.0000000000  0.0000000000   
2  'crystal symmetry operation' 2_555  -x,-y,z  -0.9114491623 0.2714017897  0.3091949111  58.5653109807  0.2714017897  -0.1681735216 0.9476596093  -5.5226392679  0.3091949111  0.9476596093  0.0796226839  -11.9250124511 
3  'crystal symmetry operation' 3_555  -x,y,-z  -0.7168414391 -0.5622032185 0.4123904610  67.8012709210  -0.5622032185 0.1162383996  -0.8187894574 60.0829761490  0.4123904610  -0.8187894574 -0.3993969605 35.3556486952  
4  'crystal symmetry operation' 4_555  x,-y,-z  0.6282906014  0.2908014288  -0.7215853721 24.0063133055  0.2908014288  -0.9480648780 -0.1288701519 36.2795015488  -0.7215853721 -0.1288701519 -0.6802257234 68.7921168270  
5  'crystal symmetry operation' 5_555  z,x,y    0.6085418548  0.4853420113  0.6277897284  -10.7800480848 -0.3975153738 -0.4982604359 0.7705310283  31.2041952030  0.6867738628  -0.7184564496 -0.1102814188 16.0963757072  
6  'crystal symmetry operation' 6_555  z,-x,-y  -0.2288228840 0.6784686420  0.6980833686  14.6926257060  0.4653305531  0.7061089616  -0.5337392722 1.4867042613   -0.8550482817 0.2027077605  -0.4772860775 61.6003836493  
7  'crystal symmetry operation' 7_555  -z,-x,y  -0.4501943642 -0.7997364217 -0.3971733754 81.8365686570  0.8828387593  -0.4653352557 -0.0637089069 1.5578021080   -0.1338684410 -0.3793214409 0.9155296200  15.5944436113  
8  'crystal symmetry operation' 8_555  -z,x,-y  0.0704753935  -0.3640742316 -0.9286997215 64.6237489290  -0.9506539387 0.2574867301  -0.1730828492 56.5911368576  0.3021428599  0.8950701301  -0.3279621236 -1.0684498968  
9  'crystal symmetry operation' 9_555  y,z,x    0.6085418548  -0.3975153738 0.6867738628  7.9096876535   0.4853420113  -0.4982604359 -0.7184564496 32.3443710673  0.6277897284  0.7705310283  -0.1102814188 -15.5010660075 
10 'crystal symmetry operation' 10_555 -y,z,-x  -0.4501943642 0.8828387593  -0.1338684410 37.5546777699  -0.7997364217 -0.4653352557 -0.3793214409 72.0878916482  -0.3971733754 -0.0637089069 0.9155296200  18.3253770445  
11 'crystal symmetry operation' 11_555 y,-z,-x  0.0704753935  -0.9506539387 0.3021428599  49.5670275201  -0.3640742316 0.2574867301  0.8950701301  9.9127125399   -0.9286997215 -0.1730828492 -0.3279621236 69.4606017435  
12 'crystal symmetry operation' 12_555 -y,-z,x  -0.2288228840 0.4653305531  -0.8550482817 55.3415022637  0.6784686420  0.7061089616  0.2027077605  -23.5051368256 0.6980833686  -0.5337392722 -0.4772860775 19.9378402904  
13 'crystal symmetry operation' 13_555 y,x,-z   0.6347418294  -0.7491516612 0.1894059092  26.3775525185  -0.7491516612 -0.6566869451 -0.0867988749 67.7875274679  0.1894059092  -0.0867988749 -0.9780548844 40.4562369988  
14 'crystal symmetry operation' 14_555 -y,-x,-z -0.7232926671 0.4777498715  -0.4986008203 65.4300317080  0.4777498715  -0.1751395334 -0.8608607344 28.5749502300  -0.4986008203 -0.8608607344 -0.1015677995 63.6915285234  
15 'crystal symmetry operation' 15_555 y,-x,z   0.0442754188  -0.5990176512 0.7995108134  31.0991626551  0.8704194409  0.4159132392  0.2634125553  -25.5304438606 -0.4903159024 0.6842470540  0.5398113420  13.5032987372  
16 'crystal symmetry operation' 16_555 -y,x,z   0.0442754188  0.8704194409  -0.4903159024 27.4661483256  -0.5990176512 0.4159132392  0.6842470540  20.0078045927  0.7995108134  0.2634125553  0.5398113420  -25.4283111884 
17 'crystal symmetry operation' 17_555 x,z,-y   0.8141453007  0.5452596124  -0.1996481516 -0.7929209217  -0.2544581836 0.0259675610  -0.9667350819 53.9748834767  -0.5219372205 0.8378649300  0.1598871383  19.9628042727  
18 'crystal symmetry operation' 18_555 -x,z,y   -0.6557978102 -0.0599362268 0.7525535734  46.2572863451  -0.0599362268 -0.9895632527 -0.1310428086 50.4573792389  0.7525535734  -0.1310428086 0.6453610628  -17.1384932357 
19 'crystal symmetry operation' 19_555 -x,-z,-y -0.9724927913 -0.2308652019 -0.0309682014 80.1092955567  -0.2308652019 0.9376281307  0.2599129605  4.1029576422   -0.0309682014 0.2599129605  -0.9651353394 40.5691294797  
20 'crystal symmetry operation' 20_555 x,-z,y   0.8141453007  -0.2544581836 -0.5219372205 24.7992342271  0.5452596124  0.0259675610  0.8378649300  -17.6953819279 -0.1996481516 -0.9667350819 0.1598871383  48.8293125542  
21 'crystal symmetry operation' 21_555 z,y,-x   0.1415792805  0.2668961277  0.9532689885  4.2313293125   -0.8290993462 0.5581191998  -0.0331245061 41.9673206858  -0.5408785274 -0.7856649514 0.3003015197  54.3078168844  
22 'crystal symmetry operation' 22_555 z,-y,x   0.2381396903  0.8969145256  0.3726041085  -0.3187516913  0.8969145256  -0.3502706742 0.2699162622  -9.2764212214  0.3726041085  0.2699162622  -0.8878690161 23.3889424721  
23 'crystal symmetry operation' 23_555 -z,y,x   0.1415792805  -0.8290993462 -0.5408785274 63.5699416085  0.2668961277  0.5581191998  -0.7856649514 18.1156554632  0.9532689885  -0.0331245061 0.3003015197  -18.9521681892 
24 'crystal symmetry operation' 24_555 -z,-y,-x -0.5212982512 -0.3347113071 -0.7849945695 82.8903759775  -0.3347113071 -0.7659677254 0.5488731952  40.0332835023  -0.7849945695 0.5488731952  0.2872659766  33.4781619037 
# 
loop_
_pdbx_struct_special_symmetry.id 
_pdbx_struct_special_symmetry.PDB_model_num 
_pdbx_struct_special_symmetry.auth_asym_id 
_pdbx_struct_special_symmetry.auth_comp_id 
_pdbx_struct_special_symmetry.auth_seq_id 
_pdbx_struct_special_symmetry.PDB_ins_code 
_pdbx_struct_special_symmetry.label_asym_id 
_pdbx_struct_special_symmetry.label_comp_id 
_pdbx_struct_special_symmetry.label_seq_id 
1 1 A HOH 304 ? C HOH . 
2 1 A HOH 320 ? C HOH . 
3 1 A HOH 343 ? C HOH . 
4 1 A HOH 346 ? C HOH . 
5 1 A HOH 372 ? C HOH . 
# 
loop_
_pdbx_struct_conn_angle.id 
_pdbx_struct_conn_angle.ptnr1_label_atom_id 
_pdbx_struct_conn_angle.ptnr1_label_alt_id 
_pdbx_struct_conn_angle.ptnr1_label_asym_id 
_pdbx_struct_conn_angle.ptnr1_label_comp_id 
_pdbx_struct_conn_angle.ptnr1_label_seq_id 
_pdbx_struct_conn_angle.ptnr1_auth_atom_id 
_pdbx_struct_conn_angle.ptnr1_auth_asym_id 
_pdbx_struct_conn_angle.ptnr1_auth_comp_id 
_pdbx_struct_conn_angle.ptnr1_auth_seq_id 
_pdbx_struct_conn_angle.ptnr1_PDB_ins_code 
_pdbx_struct_conn_angle.ptnr1_symmetry 
_pdbx_struct_conn_angle.ptnr2_label_atom_id 
_pdbx_struct_conn_angle.ptnr2_label_alt_id 
_pdbx_struct_conn_angle.ptnr2_label_asym_id 
_pdbx_struct_conn_angle.ptnr2_label_comp_id 
_pdbx_struct_conn_angle.ptnr2_label_seq_id 
_pdbx_struct_conn_angle.ptnr2_auth_atom_id 
_pdbx_struct_conn_angle.ptnr2_auth_asym_id 
_pdbx_struct_conn_angle.ptnr2_auth_comp_id 
_pdbx_struct_conn_angle.ptnr2_auth_seq_id 
_pdbx_struct_conn_angle.ptnr2_PDB_ins_code 
_pdbx_struct_conn_angle.ptnr2_symmetry 
_pdbx_struct_conn_angle.ptnr3_label_atom_id 
_pdbx_struct_conn_angle.ptnr3_label_alt_id 
_pdbx_struct_conn_angle.ptnr3_label_asym_id 
_pdbx_struct_conn_angle.ptnr3_label_comp_id 
_pdbx_struct_conn_angle.ptnr3_label_seq_id 
_pdbx_struct_conn_angle.ptnr3_auth_atom_id 
_pdbx_struct_conn_angle.ptnr3_auth_asym_id 
_pdbx_struct_conn_angle.ptnr3_auth_comp_id 
_pdbx_struct_conn_angle.ptnr3_auth_seq_id 
_pdbx_struct_conn_angle.ptnr3_PDB_ins_code 
_pdbx_struct_conn_angle.ptnr3_symmetry 
_pdbx_struct_conn_angle.value 
_pdbx_struct_conn_angle.value_esd 
1 OE1 ? A GLU 22 ? A GLU 23 ? 1_555 FE ? B FE . ? A FE 201 ? 1_555 OE1 ? A GLU 57 ? A GLU 58 ? 1_555 81.1  ? 
2 OE1 ? A GLU 22 ? A GLU 23 ? 1_555 FE ? B FE . ? A FE 201 ? 1_555 ND1 ? A HIS 60 ? A HIS 61 ? 1_555 111.7 ? 
3 OE1 ? A GLU 57 ? A GLU 58 ? 1_555 FE ? B FE . ? A FE 201 ? 1_555 ND1 ? A HIS 60 ? A HIS 61 ? 1_555 106.7 ? 
# 
loop_
_pdbx_audit_revision_history.ordinal 
_pdbx_audit_revision_history.data_content_type 
_pdbx_audit_revision_history.major_revision 
_pdbx_audit_revision_history.minor_revision 
_pdbx_audit_revision_history.revision_date 
1 'Structure model' 1 0 2020-12-23 
2 'Structure model' 1 1 2023-11-22 
# 
_pdbx_audit_revision_details.ordinal             1 
_pdbx_audit_revision_details.revision_ordinal    1 
_pdbx_audit_revision_details.data_content_type   'Structure model' 
_pdbx_audit_revision_details.provider            repository 
_pdbx_audit_revision_details.type                'Initial release' 
_pdbx_audit_revision_details.description         ? 
_pdbx_audit_revision_details.details             ? 
# 
loop_
_pdbx_audit_revision_group.ordinal 
_pdbx_audit_revision_group.revision_ordinal 
_pdbx_audit_revision_group.data_content_type 
_pdbx_audit_revision_group.group 
1 2 'Structure model' 'Data collection'        
2 2 'Structure model' 'Database references'    
3 2 'Structure model' 'Refinement description' 
# 
loop_
_pdbx_audit_revision_category.ordinal 
_pdbx_audit_revision_category.revision_ordinal 
_pdbx_audit_revision_category.data_content_type 
_pdbx_audit_revision_category.category 
1 2 'Structure model' chem_comp_atom                
2 2 'Structure model' chem_comp_bond                
3 2 'Structure model' database_2                    
4 2 'Structure model' pdbx_initial_refinement_model 
# 
loop_
_pdbx_audit_revision_item.ordinal 
_pdbx_audit_revision_item.revision_ordinal 
_pdbx_audit_revision_item.data_content_type 
_pdbx_audit_revision_item.item 
1 2 'Structure model' '_database_2.pdbx_DOI'                
2 2 'Structure model' '_database_2.pdbx_database_accession' 
# 
loop_
_software.citation_id 
_software.classification 
_software.compiler_name 
_software.compiler_version 
_software.contact_author 
_software.contact_author_email 
_software.date 
_software.description 
_software.dependencies 
_software.hardware 
_software.language 
_software.location 
_software.mods 
_software.name 
_software.os 
_software.os_version 
_software.type 
_software.version 
_software.pdbx_ordinal 
? refinement        ? ? ? ? ? ? ? ? ? ? ? PHENIX      ? ? ? 1.10.1_2155 1 
? 'data extraction' ? ? ? ? ? ? ? ? ? ? ? PDB_EXTRACT ? ? ? 3.25        2 
? 'data reduction'  ? ? ? ? ? ? ? ? ? ? ? HKL-3000    ? ? ? .           3 
? 'data scaling'    ? ? ? ? ? ? ? ? ? ? ? HKL-3000    ? ? ? .           4 
? phasing           ? ? ? ? ? ? ? ? ? ? ? HKL-3000    ? ? ? .           5 
# 
_pdbx_entry_details.entry_id                 6LK9 
_pdbx_entry_details.has_ligand_of_interest   Y 
_pdbx_entry_details.compound_details         ? 
_pdbx_entry_details.source_details           ? 
_pdbx_entry_details.nonpolymer_details       ? 
_pdbx_entry_details.sequence_details         ? 
# 
loop_
_pdbx_validate_close_contact.id 
_pdbx_validate_close_contact.PDB_model_num 
_pdbx_validate_close_contact.auth_atom_id_1 
_pdbx_validate_close_contact.auth_asym_id_1 
_pdbx_validate_close_contact.auth_comp_id_1 
_pdbx_validate_close_contact.auth_seq_id_1 
_pdbx_validate_close_contact.PDB_ins_code_1 
_pdbx_validate_close_contact.label_alt_id_1 
_pdbx_validate_close_contact.auth_atom_id_2 
_pdbx_validate_close_contact.auth_asym_id_2 
_pdbx_validate_close_contact.auth_comp_id_2 
_pdbx_validate_close_contact.auth_seq_id_2 
_pdbx_validate_close_contact.PDB_ins_code_2 
_pdbx_validate_close_contact.label_alt_id_2 
_pdbx_validate_close_contact.dist 
1 1 OD2 A ASP 127 ? ? O A HOH 301 ? ? 2.12 
2 1 O   A HOH 301 ? ? O A HOH 334 ? ? 2.16 
# 
_pdbx_validate_symm_contact.id                1 
_pdbx_validate_symm_contact.PDB_model_num     1 
_pdbx_validate_symm_contact.auth_atom_id_1    O 
_pdbx_validate_symm_contact.auth_asym_id_1    A 
_pdbx_validate_symm_contact.auth_comp_id_1    HOH 
_pdbx_validate_symm_contact.auth_seq_id_1     366 
_pdbx_validate_symm_contact.PDB_ins_code_1    ? 
_pdbx_validate_symm_contact.label_alt_id_1    ? 
_pdbx_validate_symm_contact.site_symmetry_1   1_555 
_pdbx_validate_symm_contact.auth_atom_id_2    O 
_pdbx_validate_symm_contact.auth_asym_id_2    A 
_pdbx_validate_symm_contact.auth_comp_id_2    HOH 
_pdbx_validate_symm_contact.auth_seq_id_2     366 
_pdbx_validate_symm_contact.PDB_ins_code_2    ? 
_pdbx_validate_symm_contact.label_alt_id_2    ? 
_pdbx_validate_symm_contact.site_symmetry_2   22_555 
_pdbx_validate_symm_contact.dist              2.17 
# 
loop_
_pdbx_validate_torsion.id 
_pdbx_validate_torsion.PDB_model_num 
_pdbx_validate_torsion.auth_comp_id 
_pdbx_validate_torsion.auth_asym_id 
_pdbx_validate_torsion.auth_seq_id 
_pdbx_validate_torsion.PDB_ins_code 
_pdbx_validate_torsion.label_alt_id 
_pdbx_validate_torsion.phi 
_pdbx_validate_torsion.psi 
1 1 GLN A 42 ? ? -122.58 -63.68 
2 1 VAL A 90 ? ? 79.17   -56.92 
# 
loop_
_chem_comp_atom.comp_id 
_chem_comp_atom.atom_id 
_chem_comp_atom.type_symbol 
_chem_comp_atom.pdbx_aromatic_flag 
_chem_comp_atom.pdbx_stereo_config 
_chem_comp_atom.pdbx_ordinal 
ALA N    N  N N 1   
ALA CA   C  N S 2   
ALA C    C  N N 3   
ALA O    O  N N 4   
ALA CB   C  N N 5   
ALA OXT  O  N N 6   
ALA H    H  N N 7   
ALA H2   H  N N 8   
ALA HA   H  N N 9   
ALA HB1  H  N N 10  
ALA HB2  H  N N 11  
ALA HB3  H  N N 12  
ALA HXT  H  N N 13  
ARG N    N  N N 14  
ARG CA   C  N S 15  
ARG C    C  N N 16  
ARG O    O  N N 17  
ARG CB   C  N N 18  
ARG CG   C  N N 19  
ARG CD   C  N N 20  
ARG NE   N  N N 21  
ARG CZ   C  N N 22  
ARG NH1  N  N N 23  
ARG NH2  N  N N 24  
ARG OXT  O  N N 25  
ARG H    H  N N 26  
ARG H2   H  N N 27  
ARG HA   H  N N 28  
ARG HB2  H  N N 29  
ARG HB3  H  N N 30  
ARG HG2  H  N N 31  
ARG HG3  H  N N 32  
ARG HD2  H  N N 33  
ARG HD3  H  N N 34  
ARG HE   H  N N 35  
ARG HH11 H  N N 36  
ARG HH12 H  N N 37  
ARG HH21 H  N N 38  
ARG HH22 H  N N 39  
ARG HXT  H  N N 40  
ASN N    N  N N 41  
ASN CA   C  N S 42  
ASN C    C  N N 43  
ASN O    O  N N 44  
ASN CB   C  N N 45  
ASN CG   C  N N 46  
ASN OD1  O  N N 47  
ASN ND2  N  N N 48  
ASN OXT  O  N N 49  
ASN H    H  N N 50  
ASN H2   H  N N 51  
ASN HA   H  N N 52  
ASN HB2  H  N N 53  
ASN HB3  H  N N 54  
ASN HD21 H  N N 55  
ASN HD22 H  N N 56  
ASN HXT  H  N N 57  
ASP N    N  N N 58  
ASP CA   C  N S 59  
ASP C    C  N N 60  
ASP O    O  N N 61  
ASP CB   C  N N 62  
ASP CG   C  N N 63  
ASP OD1  O  N N 64  
ASP OD2  O  N N 65  
ASP OXT  O  N N 66  
ASP H    H  N N 67  
ASP H2   H  N N 68  
ASP HA   H  N N 69  
ASP HB2  H  N N 70  
ASP HB3  H  N N 71  
ASP HD2  H  N N 72  
ASP HXT  H  N N 73  
CYS N    N  N N 74  
CYS CA   C  N R 75  
CYS C    C  N N 76  
CYS O    O  N N 77  
CYS CB   C  N N 78  
CYS SG   S  N N 79  
CYS OXT  O  N N 80  
CYS H    H  N N 81  
CYS H2   H  N N 82  
CYS HA   H  N N 83  
CYS HB2  H  N N 84  
CYS HB3  H  N N 85  
CYS HG   H  N N 86  
CYS HXT  H  N N 87  
FE  FE   FE N N 88  
GLN N    N  N N 89  
GLN CA   C  N S 90  
GLN C    C  N N 91  
GLN O    O  N N 92  
GLN CB   C  N N 93  
GLN CG   C  N N 94  
GLN CD   C  N N 95  
GLN OE1  O  N N 96  
GLN NE2  N  N N 97  
GLN OXT  O  N N 98  
GLN H    H  N N 99  
GLN H2   H  N N 100 
GLN HA   H  N N 101 
GLN HB2  H  N N 102 
GLN HB3  H  N N 103 
GLN HG2  H  N N 104 
GLN HG3  H  N N 105 
GLN HE21 H  N N 106 
GLN HE22 H  N N 107 
GLN HXT  H  N N 108 
GLU N    N  N N 109 
GLU CA   C  N S 110 
GLU C    C  N N 111 
GLU O    O  N N 112 
GLU CB   C  N N 113 
GLU CG   C  N N 114 
GLU CD   C  N N 115 
GLU OE1  O  N N 116 
GLU OE2  O  N N 117 
GLU OXT  O  N N 118 
GLU H    H  N N 119 
GLU H2   H  N N 120 
GLU HA   H  N N 121 
GLU HB2  H  N N 122 
GLU HB3  H  N N 123 
GLU HG2  H  N N 124 
GLU HG3  H  N N 125 
GLU HE2  H  N N 126 
GLU HXT  H  N N 127 
GLY N    N  N N 128 
GLY CA   C  N N 129 
GLY C    C  N N 130 
GLY O    O  N N 131 
GLY OXT  O  N N 132 
GLY H    H  N N 133 
GLY H2   H  N N 134 
GLY HA2  H  N N 135 
GLY HA3  H  N N 136 
GLY HXT  H  N N 137 
HIS N    N  N N 138 
HIS CA   C  N S 139 
HIS C    C  N N 140 
HIS O    O  N N 141 
HIS CB   C  N N 142 
HIS CG   C  Y N 143 
HIS ND1  N  Y N 144 
HIS CD2  C  Y N 145 
HIS CE1  C  Y N 146 
HIS NE2  N  Y N 147 
HIS OXT  O  N N 148 
HIS H    H  N N 149 
HIS H2   H  N N 150 
HIS HA   H  N N 151 
HIS HB2  H  N N 152 
HIS HB3  H  N N 153 
HIS HD1  H  N N 154 
HIS HD2  H  N N 155 
HIS HE1  H  N N 156 
HIS HE2  H  N N 157 
HIS HXT  H  N N 158 
HOH O    O  N N 159 
HOH H1   H  N N 160 
HOH H2   H  N N 161 
ILE N    N  N N 162 
ILE CA   C  N S 163 
ILE C    C  N N 164 
ILE O    O  N N 165 
ILE CB   C  N S 166 
ILE CG1  C  N N 167 
ILE CG2  C  N N 168 
ILE CD1  C  N N 169 
ILE OXT  O  N N 170 
ILE H    H  N N 171 
ILE H2   H  N N 172 
ILE HA   H  N N 173 
ILE HB   H  N N 174 
ILE HG12 H  N N 175 
ILE HG13 H  N N 176 
ILE HG21 H  N N 177 
ILE HG22 H  N N 178 
ILE HG23 H  N N 179 
ILE HD11 H  N N 180 
ILE HD12 H  N N 181 
ILE HD13 H  N N 182 
ILE HXT  H  N N 183 
LEU N    N  N N 184 
LEU CA   C  N S 185 
LEU C    C  N N 186 
LEU O    O  N N 187 
LEU CB   C  N N 188 
LEU CG   C  N N 189 
LEU CD1  C  N N 190 
LEU CD2  C  N N 191 
LEU OXT  O  N N 192 
LEU H    H  N N 193 
LEU H2   H  N N 194 
LEU HA   H  N N 195 
LEU HB2  H  N N 196 
LEU HB3  H  N N 197 
LEU HG   H  N N 198 
LEU HD11 H  N N 199 
LEU HD12 H  N N 200 
LEU HD13 H  N N 201 
LEU HD21 H  N N 202 
LEU HD22 H  N N 203 
LEU HD23 H  N N 204 
LEU HXT  H  N N 205 
LYS N    N  N N 206 
LYS CA   C  N S 207 
LYS C    C  N N 208 
LYS O    O  N N 209 
LYS CB   C  N N 210 
LYS CG   C  N N 211 
LYS CD   C  N N 212 
LYS CE   C  N N 213 
LYS NZ   N  N N 214 
LYS OXT  O  N N 215 
LYS H    H  N N 216 
LYS H2   H  N N 217 
LYS HA   H  N N 218 
LYS HB2  H  N N 219 
LYS HB3  H  N N 220 
LYS HG2  H  N N 221 
LYS HG3  H  N N 222 
LYS HD2  H  N N 223 
LYS HD3  H  N N 224 
LYS HE2  H  N N 225 
LYS HE3  H  N N 226 
LYS HZ1  H  N N 227 
LYS HZ2  H  N N 228 
LYS HZ3  H  N N 229 
LYS HXT  H  N N 230 
MET N    N  N N 231 
MET CA   C  N S 232 
MET C    C  N N 233 
MET O    O  N N 234 
MET CB   C  N N 235 
MET CG   C  N N 236 
MET SD   S  N N 237 
MET CE   C  N N 238 
MET OXT  O  N N 239 
MET H    H  N N 240 
MET H2   H  N N 241 
MET HA   H  N N 242 
MET HB2  H  N N 243 
MET HB3  H  N N 244 
MET HG2  H  N N 245 
MET HG3  H  N N 246 
MET HE1  H  N N 247 
MET HE2  H  N N 248 
MET HE3  H  N N 249 
MET HXT  H  N N 250 
PHE N    N  N N 251 
PHE CA   C  N S 252 
PHE C    C  N N 253 
PHE O    O  N N 254 
PHE CB   C  N N 255 
PHE CG   C  Y N 256 
PHE CD1  C  Y N 257 
PHE CD2  C  Y N 258 
PHE CE1  C  Y N 259 
PHE CE2  C  Y N 260 
PHE CZ   C  Y N 261 
PHE OXT  O  N N 262 
PHE H    H  N N 263 
PHE H2   H  N N 264 
PHE HA   H  N N 265 
PHE HB2  H  N N 266 
PHE HB3  H  N N 267 
PHE HD1  H  N N 268 
PHE HD2  H  N N 269 
PHE HE1  H  N N 270 
PHE HE2  H  N N 271 
PHE HZ   H  N N 272 
PHE HXT  H  N N 273 
PRO N    N  N N 274 
PRO CA   C  N S 275 
PRO C    C  N N 276 
PRO O    O  N N 277 
PRO CB   C  N N 278 
PRO CG   C  N N 279 
PRO CD   C  N N 280 
PRO OXT  O  N N 281 
PRO H    H  N N 282 
PRO HA   H  N N 283 
PRO HB2  H  N N 284 
PRO HB3  H  N N 285 
PRO HG2  H  N N 286 
PRO HG3  H  N N 287 
PRO HD2  H  N N 288 
PRO HD3  H  N N 289 
PRO HXT  H  N N 290 
SER N    N  N N 291 
SER CA   C  N S 292 
SER C    C  N N 293 
SER O    O  N N 294 
SER CB   C  N N 295 
SER OG   O  N N 296 
SER OXT  O  N N 297 
SER H    H  N N 298 
SER H2   H  N N 299 
SER HA   H  N N 300 
SER HB2  H  N N 301 
SER HB3  H  N N 302 
SER HG   H  N N 303 
SER HXT  H  N N 304 
THR N    N  N N 305 
THR CA   C  N S 306 
THR C    C  N N 307 
THR O    O  N N 308 
THR CB   C  N R 309 
THR OG1  O  N N 310 
THR CG2  C  N N 311 
THR OXT  O  N N 312 
THR H    H  N N 313 
THR H2   H  N N 314 
THR HA   H  N N 315 
THR HB   H  N N 316 
THR HG1  H  N N 317 
THR HG21 H  N N 318 
THR HG22 H  N N 319 
THR HG23 H  N N 320 
THR HXT  H  N N 321 
TRP N    N  N N 322 
TRP CA   C  N S 323 
TRP C    C  N N 324 
TRP O    O  N N 325 
TRP CB   C  N N 326 
TRP CG   C  Y N 327 
TRP CD1  C  Y N 328 
TRP CD2  C  Y N 329 
TRP NE1  N  Y N 330 
TRP CE2  C  Y N 331 
TRP CE3  C  Y N 332 
TRP CZ2  C  Y N 333 
TRP CZ3  C  Y N 334 
TRP CH2  C  Y N 335 
TRP OXT  O  N N 336 
TRP H    H  N N 337 
TRP H2   H  N N 338 
TRP HA   H  N N 339 
TRP HB2  H  N N 340 
TRP HB3  H  N N 341 
TRP HD1  H  N N 342 
TRP HE1  H  N N 343 
TRP HE3  H  N N 344 
TRP HZ2  H  N N 345 
TRP HZ3  H  N N 346 
TRP HH2  H  N N 347 
TRP HXT  H  N N 348 
TYR N    N  N N 349 
TYR CA   C  N S 350 
TYR C    C  N N 351 
TYR O    O  N N 352 
TYR CB   C  N N 353 
TYR CG   C  Y N 354 
TYR CD1  C  Y N 355 
TYR CD2  C  Y N 356 
TYR CE1  C  Y N 357 
TYR CE2  C  Y N 358 
TYR CZ   C  Y N 359 
TYR OH   O  N N 360 
TYR OXT  O  N N 361 
TYR H    H  N N 362 
TYR H2   H  N N 363 
TYR HA   H  N N 364 
TYR HB2  H  N N 365 
TYR HB3  H  N N 366 
TYR HD1  H  N N 367 
TYR HD2  H  N N 368 
TYR HE1  H  N N 369 
TYR HE2  H  N N 370 
TYR HH   H  N N 371 
TYR HXT  H  N N 372 
VAL N    N  N N 373 
VAL CA   C  N S 374 
VAL C    C  N N 375 
VAL O    O  N N 376 
VAL CB   C  N N 377 
VAL CG1  C  N N 378 
VAL CG2  C  N N 379 
VAL OXT  O  N N 380 
VAL H    H  N N 381 
VAL H2   H  N N 382 
VAL HA   H  N N 383 
VAL HB   H  N N 384 
VAL HG11 H  N N 385 
VAL HG12 H  N N 386 
VAL HG13 H  N N 387 
VAL HG21 H  N N 388 
VAL HG22 H  N N 389 
VAL HG23 H  N N 390 
VAL HXT  H  N N 391 
# 
loop_
_chem_comp_bond.comp_id 
_chem_comp_bond.atom_id_1 
_chem_comp_bond.atom_id_2 
_chem_comp_bond.value_order 
_chem_comp_bond.pdbx_aromatic_flag 
_chem_comp_bond.pdbx_stereo_config 
_chem_comp_bond.pdbx_ordinal 
ALA N   CA   sing N N 1   
ALA N   H    sing N N 2   
ALA N   H2   sing N N 3   
ALA CA  C    sing N N 4   
ALA CA  CB   sing N N 5   
ALA CA  HA   sing N N 6   
ALA C   O    doub N N 7   
ALA C   OXT  sing N N 8   
ALA CB  HB1  sing N N 9   
ALA CB  HB2  sing N N 10  
ALA CB  HB3  sing N N 11  
ALA OXT HXT  sing N N 12  
ARG N   CA   sing N N 13  
ARG N   H    sing N N 14  
ARG N   H2   sing N N 15  
ARG CA  C    sing N N 16  
ARG CA  CB   sing N N 17  
ARG CA  HA   sing N N 18  
ARG C   O    doub N N 19  
ARG C   OXT  sing N N 20  
ARG CB  CG   sing N N 21  
ARG CB  HB2  sing N N 22  
ARG CB  HB3  sing N N 23  
ARG CG  CD   sing N N 24  
ARG CG  HG2  sing N N 25  
ARG CG  HG3  sing N N 26  
ARG CD  NE   sing N N 27  
ARG CD  HD2  sing N N 28  
ARG CD  HD3  sing N N 29  
ARG NE  CZ   sing N N 30  
ARG NE  HE   sing N N 31  
ARG CZ  NH1  sing N N 32  
ARG CZ  NH2  doub N N 33  
ARG NH1 HH11 sing N N 34  
ARG NH1 HH12 sing N N 35  
ARG NH2 HH21 sing N N 36  
ARG NH2 HH22 sing N N 37  
ARG OXT HXT  sing N N 38  
ASN N   CA   sing N N 39  
ASN N   H    sing N N 40  
ASN N   H2   sing N N 41  
ASN CA  C    sing N N 42  
ASN CA  CB   sing N N 43  
ASN CA  HA   sing N N 44  
ASN C   O    doub N N 45  
ASN C   OXT  sing N N 46  
ASN CB  CG   sing N N 47  
ASN CB  HB2  sing N N 48  
ASN CB  HB3  sing N N 49  
ASN CG  OD1  doub N N 50  
ASN CG  ND2  sing N N 51  
ASN ND2 HD21 sing N N 52  
ASN ND2 HD22 sing N N 53  
ASN OXT HXT  sing N N 54  
ASP N   CA   sing N N 55  
ASP N   H    sing N N 56  
ASP N   H2   sing N N 57  
ASP CA  C    sing N N 58  
ASP CA  CB   sing N N 59  
ASP CA  HA   sing N N 60  
ASP C   O    doub N N 61  
ASP C   OXT  sing N N 62  
ASP CB  CG   sing N N 63  
ASP CB  HB2  sing N N 64  
ASP CB  HB3  sing N N 65  
ASP CG  OD1  doub N N 66  
ASP CG  OD2  sing N N 67  
ASP OD2 HD2  sing N N 68  
ASP OXT HXT  sing N N 69  
CYS N   CA   sing N N 70  
CYS N   H    sing N N 71  
CYS N   H2   sing N N 72  
CYS CA  C    sing N N 73  
CYS CA  CB   sing N N 74  
CYS CA  HA   sing N N 75  
CYS C   O    doub N N 76  
CYS C   OXT  sing N N 77  
CYS CB  SG   sing N N 78  
CYS CB  HB2  sing N N 79  
CYS CB  HB3  sing N N 80  
CYS SG  HG   sing N N 81  
CYS OXT HXT  sing N N 82  
GLN N   CA   sing N N 83  
GLN N   H    sing N N 84  
GLN N   H2   sing N N 85  
GLN CA  C    sing N N 86  
GLN CA  CB   sing N N 87  
GLN CA  HA   sing N N 88  
GLN C   O    doub N N 89  
GLN C   OXT  sing N N 90  
GLN CB  CG   sing N N 91  
GLN CB  HB2  sing N N 92  
GLN CB  HB3  sing N N 93  
GLN CG  CD   sing N N 94  
GLN CG  HG2  sing N N 95  
GLN CG  HG3  sing N N 96  
GLN CD  OE1  doub N N 97  
GLN CD  NE2  sing N N 98  
GLN NE2 HE21 sing N N 99  
GLN NE2 HE22 sing N N 100 
GLN OXT HXT  sing N N 101 
GLU N   CA   sing N N 102 
GLU N   H    sing N N 103 
GLU N   H2   sing N N 104 
GLU CA  C    sing N N 105 
GLU CA  CB   sing N N 106 
GLU CA  HA   sing N N 107 
GLU C   O    doub N N 108 
GLU C   OXT  sing N N 109 
GLU CB  CG   sing N N 110 
GLU CB  HB2  sing N N 111 
GLU CB  HB3  sing N N 112 
GLU CG  CD   sing N N 113 
GLU CG  HG2  sing N N 114 
GLU CG  HG3  sing N N 115 
GLU CD  OE1  doub N N 116 
GLU CD  OE2  sing N N 117 
GLU OE2 HE2  sing N N 118 
GLU OXT HXT  sing N N 119 
GLY N   CA   sing N N 120 
GLY N   H    sing N N 121 
GLY N   H2   sing N N 122 
GLY CA  C    sing N N 123 
GLY CA  HA2  sing N N 124 
GLY CA  HA3  sing N N 125 
GLY C   O    doub N N 126 
GLY C   OXT  sing N N 127 
GLY OXT HXT  sing N N 128 
HIS N   CA   sing N N 129 
HIS N   H    sing N N 130 
HIS N   H2   sing N N 131 
HIS CA  C    sing N N 132 
HIS CA  CB   sing N N 133 
HIS CA  HA   sing N N 134 
HIS C   O    doub N N 135 
HIS C   OXT  sing N N 136 
HIS CB  CG   sing N N 137 
HIS CB  HB2  sing N N 138 
HIS CB  HB3  sing N N 139 
HIS CG  ND1  sing Y N 140 
HIS CG  CD2  doub Y N 141 
HIS ND1 CE1  doub Y N 142 
HIS ND1 HD1  sing N N 143 
HIS CD2 NE2  sing Y N 144 
HIS CD2 HD2  sing N N 145 
HIS CE1 NE2  sing Y N 146 
HIS CE1 HE1  sing N N 147 
HIS NE2 HE2  sing N N 148 
HIS OXT HXT  sing N N 149 
HOH O   H1   sing N N 150 
HOH O   H2   sing N N 151 
ILE N   CA   sing N N 152 
ILE N   H    sing N N 153 
ILE N   H2   sing N N 154 
ILE CA  C    sing N N 155 
ILE CA  CB   sing N N 156 
ILE CA  HA   sing N N 157 
ILE C   O    doub N N 158 
ILE C   OXT  sing N N 159 
ILE CB  CG1  sing N N 160 
ILE CB  CG2  sing N N 161 
ILE CB  HB   sing N N 162 
ILE CG1 CD1  sing N N 163 
ILE CG1 HG12 sing N N 164 
ILE CG1 HG13 sing N N 165 
ILE CG2 HG21 sing N N 166 
ILE CG2 HG22 sing N N 167 
ILE CG2 HG23 sing N N 168 
ILE CD1 HD11 sing N N 169 
ILE CD1 HD12 sing N N 170 
ILE CD1 HD13 sing N N 171 
ILE OXT HXT  sing N N 172 
LEU N   CA   sing N N 173 
LEU N   H    sing N N 174 
LEU N   H2   sing N N 175 
LEU CA  C    sing N N 176 
LEU CA  CB   sing N N 177 
LEU CA  HA   sing N N 178 
LEU C   O    doub N N 179 
LEU C   OXT  sing N N 180 
LEU CB  CG   sing N N 181 
LEU CB  HB2  sing N N 182 
LEU CB  HB3  sing N N 183 
LEU CG  CD1  sing N N 184 
LEU CG  CD2  sing N N 185 
LEU CG  HG   sing N N 186 
LEU CD1 HD11 sing N N 187 
LEU CD1 HD12 sing N N 188 
LEU CD1 HD13 sing N N 189 
LEU CD2 HD21 sing N N 190 
LEU CD2 HD22 sing N N 191 
LEU CD2 HD23 sing N N 192 
LEU OXT HXT  sing N N 193 
LYS N   CA   sing N N 194 
LYS N   H    sing N N 195 
LYS N   H2   sing N N 196 
LYS CA  C    sing N N 197 
LYS CA  CB   sing N N 198 
LYS CA  HA   sing N N 199 
LYS C   O    doub N N 200 
LYS C   OXT  sing N N 201 
LYS CB  CG   sing N N 202 
LYS CB  HB2  sing N N 203 
LYS CB  HB3  sing N N 204 
LYS CG  CD   sing N N 205 
LYS CG  HG2  sing N N 206 
LYS CG  HG3  sing N N 207 
LYS CD  CE   sing N N 208 
LYS CD  HD2  sing N N 209 
LYS CD  HD3  sing N N 210 
LYS CE  NZ   sing N N 211 
LYS CE  HE2  sing N N 212 
LYS CE  HE3  sing N N 213 
LYS NZ  HZ1  sing N N 214 
LYS NZ  HZ2  sing N N 215 
LYS NZ  HZ3  sing N N 216 
LYS OXT HXT  sing N N 217 
MET N   CA   sing N N 218 
MET N   H    sing N N 219 
MET N   H2   sing N N 220 
MET CA  C    sing N N 221 
MET CA  CB   sing N N 222 
MET CA  HA   sing N N 223 
MET C   O    doub N N 224 
MET C   OXT  sing N N 225 
MET CB  CG   sing N N 226 
MET CB  HB2  sing N N 227 
MET CB  HB3  sing N N 228 
MET CG  SD   sing N N 229 
MET CG  HG2  sing N N 230 
MET CG  HG3  sing N N 231 
MET SD  CE   sing N N 232 
MET CE  HE1  sing N N 233 
MET CE  HE2  sing N N 234 
MET CE  HE3  sing N N 235 
MET OXT HXT  sing N N 236 
PHE N   CA   sing N N 237 
PHE N   H    sing N N 238 
PHE N   H2   sing N N 239 
PHE CA  C    sing N N 240 
PHE CA  CB   sing N N 241 
PHE CA  HA   sing N N 242 
PHE C   O    doub N N 243 
PHE C   OXT  sing N N 244 
PHE CB  CG   sing N N 245 
PHE CB  HB2  sing N N 246 
PHE CB  HB3  sing N N 247 
PHE CG  CD1  doub Y N 248 
PHE CG  CD2  sing Y N 249 
PHE CD1 CE1  sing Y N 250 
PHE CD1 HD1  sing N N 251 
PHE CD2 CE2  doub Y N 252 
PHE CD2 HD2  sing N N 253 
PHE CE1 CZ   doub Y N 254 
PHE CE1 HE1  sing N N 255 
PHE CE2 CZ   sing Y N 256 
PHE CE2 HE2  sing N N 257 
PHE CZ  HZ   sing N N 258 
PHE OXT HXT  sing N N 259 
PRO N   CA   sing N N 260 
PRO N   CD   sing N N 261 
PRO N   H    sing N N 262 
PRO CA  C    sing N N 263 
PRO CA  CB   sing N N 264 
PRO CA  HA   sing N N 265 
PRO C   O    doub N N 266 
PRO C   OXT  sing N N 267 
PRO CB  CG   sing N N 268 
PRO CB  HB2  sing N N 269 
PRO CB  HB3  sing N N 270 
PRO CG  CD   sing N N 271 
PRO CG  HG2  sing N N 272 
PRO CG  HG3  sing N N 273 
PRO CD  HD2  sing N N 274 
PRO CD  HD3  sing N N 275 
PRO OXT HXT  sing N N 276 
SER N   CA   sing N N 277 
SER N   H    sing N N 278 
SER N   H2   sing N N 279 
SER CA  C    sing N N 280 
SER CA  CB   sing N N 281 
SER CA  HA   sing N N 282 
SER C   O    doub N N 283 
SER C   OXT  sing N N 284 
SER CB  OG   sing N N 285 
SER CB  HB2  sing N N 286 
SER CB  HB3  sing N N 287 
SER OG  HG   sing N N 288 
SER OXT HXT  sing N N 289 
THR N   CA   sing N N 290 
THR N   H    sing N N 291 
THR N   H2   sing N N 292 
THR CA  C    sing N N 293 
THR CA  CB   sing N N 294 
THR CA  HA   sing N N 295 
THR C   O    doub N N 296 
THR C   OXT  sing N N 297 
THR CB  OG1  sing N N 298 
THR CB  CG2  sing N N 299 
THR CB  HB   sing N N 300 
THR OG1 HG1  sing N N 301 
THR CG2 HG21 sing N N 302 
THR CG2 HG22 sing N N 303 
THR CG2 HG23 sing N N 304 
THR OXT HXT  sing N N 305 
TRP N   CA   sing N N 306 
TRP N   H    sing N N 307 
TRP N   H2   sing N N 308 
TRP CA  C    sing N N 309 
TRP CA  CB   sing N N 310 
TRP CA  HA   sing N N 311 
TRP C   O    doub N N 312 
TRP C   OXT  sing N N 313 
TRP CB  CG   sing N N 314 
TRP CB  HB2  sing N N 315 
TRP CB  HB3  sing N N 316 
TRP CG  CD1  doub Y N 317 
TRP CG  CD2  sing Y N 318 
TRP CD1 NE1  sing Y N 319 
TRP CD1 HD1  sing N N 320 
TRP CD2 CE2  doub Y N 321 
TRP CD2 CE3  sing Y N 322 
TRP NE1 CE2  sing Y N 323 
TRP NE1 HE1  sing N N 324 
TRP CE2 CZ2  sing Y N 325 
TRP CE3 CZ3  doub Y N 326 
TRP CE3 HE3  sing N N 327 
TRP CZ2 CH2  doub Y N 328 
TRP CZ2 HZ2  sing N N 329 
TRP CZ3 CH2  sing Y N 330 
TRP CZ3 HZ3  sing N N 331 
TRP CH2 HH2  sing N N 332 
TRP OXT HXT  sing N N 333 
TYR N   CA   sing N N 334 
TYR N   H    sing N N 335 
TYR N   H2   sing N N 336 
TYR CA  C    sing N N 337 
TYR CA  CB   sing N N 338 
TYR CA  HA   sing N N 339 
TYR C   O    doub N N 340 
TYR C   OXT  sing N N 341 
TYR CB  CG   sing N N 342 
TYR CB  HB2  sing N N 343 
TYR CB  HB3  sing N N 344 
TYR CG  CD1  doub Y N 345 
TYR CG  CD2  sing Y N 346 
TYR CD1 CE1  sing Y N 347 
TYR CD1 HD1  sing N N 348 
TYR CD2 CE2  doub Y N 349 
TYR CD2 HD2  sing N N 350 
TYR CE1 CZ   doub Y N 351 
TYR CE1 HE1  sing N N 352 
TYR CE2 CZ   sing Y N 353 
TYR CE2 HE2  sing N N 354 
TYR CZ  OH   sing N N 355 
TYR OH  HH   sing N N 356 
TYR OXT HXT  sing N N 357 
VAL N   CA   sing N N 358 
VAL N   H    sing N N 359 
VAL N   H2   sing N N 360 
VAL CA  C    sing N N 361 
VAL CA  CB   sing N N 362 
VAL CA  HA   sing N N 363 
VAL C   O    doub N N 364 
VAL C   OXT  sing N N 365 
VAL CB  CG1  sing N N 366 
VAL CB  CG2  sing N N 367 
VAL CB  HB   sing N N 368 
VAL CG1 HG11 sing N N 369 
VAL CG1 HG12 sing N N 370 
VAL CG1 HG13 sing N N 371 
VAL CG2 HG21 sing N N 372 
VAL CG2 HG22 sing N N 373 
VAL CG2 HG23 sing N N 374 
VAL OXT HXT  sing N N 375 
# 
_pdbx_audit_support.funding_organization   'National Natural Science Foundation of China (NSFC)' 
_pdbx_audit_support.country                China 
_pdbx_audit_support.grant_number           31730069 
_pdbx_audit_support.ordinal                1 
# 
_pdbx_entity_instance_feature.ordinal        1 
_pdbx_entity_instance_feature.comp_id        FE 
_pdbx_entity_instance_feature.asym_id        ? 
_pdbx_entity_instance_feature.seq_num        ? 
_pdbx_entity_instance_feature.auth_comp_id   FE 
_pdbx_entity_instance_feature.auth_asym_id   ? 
_pdbx_entity_instance_feature.auth_seq_num   ? 
_pdbx_entity_instance_feature.feature_type   'SUBJECT OF INVESTIGATION' 
_pdbx_entity_instance_feature.details        ? 
# 
loop_
_pdbx_entity_nonpoly.entity_id 
_pdbx_entity_nonpoly.name 
_pdbx_entity_nonpoly.comp_id 
2 'FE (III) ION' FE  
3 water          HOH 
# 
_pdbx_initial_refinement_model.id               1 
_pdbx_initial_refinement_model.entity_id_list   ? 
_pdbx_initial_refinement_model.type             'experimental model' 
_pdbx_initial_refinement_model.source_name      PDB 
_pdbx_initial_refinement_model.accession_code   1FHA 
_pdbx_initial_refinement_model.details          ? 
# 
_pdbx_struct_assembly_auth_evidence.id                     1 
_pdbx_struct_assembly_auth_evidence.assembly_id            1 
_pdbx_struct_assembly_auth_evidence.experimental_support   'native gel electrophoresis' 
_pdbx_struct_assembly_auth_evidence.details                ? 
# 
